data_5IKR
#
_entry.id   5IKR
#
_cell.length_a   127.672
_cell.length_b   149.694
_cell.length_c   188.391
_cell.angle_alpha   90.00
_cell.angle_beta   90.00
_cell.angle_gamma   90.00
#
_symmetry.space_group_name_H-M   'I 2 2 2'
#
loop_
_entity.id
_entity.type
_entity.pdbx_description
1 polymer 'Prostaglandin G/H synthase 2'
2 branched alpha-D-mannopyranose-(1-4)-2-acetamido-2-deoxy-beta-D-glucopyranose-(1-4)-2-acetamido-2-deoxy-beta-D-glucopyranose
3 non-polymer '2-[(2,3-DIMETHYLPHENYL)AMINO]BENZOIC ACID'
4 non-polymer 'PROTOPORPHYRIN IX CONTAINING CO'
5 non-polymer 2-acetamido-2-deoxy-beta-D-glucopyranose
6 non-polymer 'octyl beta-D-glucopyranoside'
7 non-polymer 'AMMONIUM ION'
8 water water
#
_entity_poly.entity_id   1
_entity_poly.type   'polypeptide(L)'
_entity_poly.pdbx_seq_one_letter_code
;NPCCSHPCQNRGVCMSVGFDQYKCDCTRTGFYGENCSTPEFLTRIKLFLKPTPNTVHYILTHFKGFWNVVNNIPFLRNAI
MSYVLTSRSHLIDSPPTYNADYGYKSWEAFSNLSYYTRALPPVPDDCPTPLGVKGKKQLPDSNEIVEKLLLRRKFIPDPQ
GSNMMFAFFAQHFTHQFFKTDHKRGPAFTNGLGHGVDLNHIYGETLARQRKLRLFKDGKMKYQIIDGEMYPPTVKDTQAE
MIYPPQVPEHLRFAVGQEVFGLVPGLMMYATIWLREHNRVCDVLKQEHPEWGDEQLFQTSRLILIGETIKIVIEDYVQHL
SGYHFKLKFDPELLFNKQFQYQNRIAAEFNTLYHWHPLLPDTFQIHDQKYNYQQFIYNNSILLEHGITQFVESFTRQIAG
RVAGGRNVPPAVQKVSQASIDQSRQMKYQSFNEYRKRFMLKPYESFEELTGEKEMSAELEALYGDIDAVELYPALLVEKP
RPDAIFGETMVEVGAPFSLKGLMGNVICSPAYWKPSTFGGEVGFQIINTASIQSLICNNVKGCPFTSFSVP
;
_entity_poly.pdbx_strand_id   A,B
#
loop_
_chem_comp.id
_chem_comp.type
_chem_comp.name
_chem_comp.formula
BOG D-saccharide 'octyl beta-D-glucopyranoside' 'C14 H28 O6'
COH non-polymer 'PROTOPORPHYRIN IX CONTAINING CO' 'C34 H32 Co N4 O4'
ID8 non-polymer '2-[(2,3-DIMETHYLPHENYL)AMINO]BENZOIC ACID' 'C15 H15 N O2'
MAN D-saccharide, alpha linking alpha-D-mannopyranose 'C6 H12 O6'
NAG D-saccharide, beta linking 2-acetamido-2-deoxy-beta-D-glucopyranose 'C8 H15 N O6'
NH4 non-polymer 'AMMONIUM ION' 'H4 N 1'
#
# COMPACT_ATOMS: atom_id res chain seq x y z
N ASN A 1 -15.54 24.80 -17.86
CA ASN A 1 -15.09 24.45 -16.52
C ASN A 1 -14.25 25.58 -15.92
N PRO A 2 -14.72 26.17 -14.81
CA PRO A 2 -14.01 27.33 -14.24
C PRO A 2 -12.63 26.98 -13.67
N CYS A 3 -12.37 25.70 -13.43
CA CYS A 3 -11.10 25.27 -12.87
C CYS A 3 -10.00 25.16 -13.93
N CYS A 4 -10.34 25.46 -15.19
CA CYS A 4 -9.40 25.35 -16.29
C CYS A 4 -8.22 26.31 -16.17
N SER A 5 -8.41 27.40 -15.43
CA SER A 5 -7.34 28.39 -15.25
C SER A 5 -6.40 27.98 -14.12
N HIS A 6 -6.72 26.89 -13.43
CA HIS A 6 -5.97 26.44 -12.27
C HIS A 6 -5.87 27.57 -11.26
N PRO A 7 -7.02 28.06 -10.78
CA PRO A 7 -7.11 29.25 -9.91
C PRO A 7 -6.51 29.05 -8.52
N CYS A 8 -6.62 27.85 -7.97
CA CYS A 8 -6.18 27.61 -6.60
C CYS A 8 -4.66 27.52 -6.50
N GLN A 9 -4.09 28.29 -5.59
CA GLN A 9 -2.64 28.33 -5.40
C GLN A 9 -2.24 27.48 -4.20
N ASN A 10 -0.96 27.15 -4.12
CA ASN A 10 -0.38 26.54 -2.94
C ASN A 10 -1.08 25.25 -2.52
N ARG A 11 -1.28 24.36 -3.48
CA ARG A 11 -1.87 23.04 -3.24
C ARG A 11 -3.34 23.09 -2.82
N GLY A 12 -4.00 24.22 -3.04
CA GLY A 12 -5.42 24.31 -2.82
C GLY A 12 -6.16 23.47 -3.85
N VAL A 13 -7.27 22.86 -3.44
CA VAL A 13 -8.03 21.97 -4.32
C VAL A 13 -9.19 22.71 -4.97
N CYS A 14 -9.15 22.82 -6.30
CA CYS A 14 -10.22 23.48 -7.05
C CYS A 14 -11.39 22.53 -7.28
N MET A 15 -12.59 23.04 -7.07
CA MET A 15 -13.82 22.29 -7.27
C MET A 15 -14.84 23.18 -7.95
N SER A 16 -15.48 22.69 -8.99
CA SER A 16 -16.53 23.44 -9.65
C SER A 16 -17.74 23.55 -8.74
N VAL A 17 -18.41 24.70 -8.77
CA VAL A 17 -19.68 24.87 -8.07
C VAL A 17 -20.67 25.50 -9.03
N GLY A 18 -21.64 24.71 -9.47
CA GLY A 18 -22.51 25.12 -10.55
C GLY A 18 -21.72 25.15 -11.84
N PHE A 19 -22.28 25.78 -12.87
CA PHE A 19 -21.63 25.80 -14.18
C PHE A 19 -20.62 26.94 -14.34
N ASP A 20 -20.72 27.95 -13.48
CA ASP A 20 -19.98 29.20 -13.69
C ASP A 20 -19.02 29.59 -12.56
N GLN A 21 -19.03 28.87 -11.45
CA GLN A 21 -18.22 29.23 -10.29
C GLN A 21 -17.34 28.09 -9.80
N TYR A 22 -16.26 28.44 -9.08
CA TYR A 22 -15.36 27.46 -8.49
C TYR A 22 -15.15 27.73 -7.01
N LYS A 23 -14.73 26.70 -6.29
CA LYS A 23 -14.40 26.81 -4.87
C LYS A 23 -13.03 26.20 -4.61
N CYS A 24 -12.15 26.96 -3.98
CA CYS A 24 -10.84 26.47 -3.58
C CYS A 24 -10.87 25.98 -2.15
N ASP A 25 -10.45 24.73 -1.95
CA ASP A 25 -10.31 24.16 -0.62
C ASP A 25 -8.89 24.40 -0.12
N CYS A 26 -8.75 25.21 0.93
CA CYS A 26 -7.44 25.65 1.42
C CYS A 26 -7.00 24.87 2.66
N THR A 27 -7.73 23.82 3.01
CA THR A 27 -7.42 22.99 4.17
C THR A 27 -5.95 22.60 4.27
N ARG A 28 -5.30 23.04 5.34
CA ARG A 28 -3.93 22.65 5.66
C ARG A 28 -2.92 23.00 4.56
N THR A 29 -3.20 24.06 3.79
CA THR A 29 -2.23 24.55 2.81
C THR A 29 -1.30 25.56 3.46
N GLY A 30 -1.73 26.15 4.56
CA GLY A 30 -0.99 27.23 5.21
C GLY A 30 -1.37 28.57 4.62
N PHE A 31 -2.42 28.57 3.81
CA PHE A 31 -2.90 29.79 3.15
C PHE A 31 -4.42 29.88 3.28
N TYR A 32 -4.97 31.00 2.82
CA TYR A 32 -6.42 31.18 2.79
C TYR A 32 -6.77 32.23 1.75
N GLY A 33 -8.07 32.49 1.60
CA GLY A 33 -8.55 33.40 0.57
C GLY A 33 -9.19 32.62 -0.56
N GLU A 34 -9.84 33.34 -1.47
CA GLU A 34 -10.57 32.73 -2.58
C GLU A 34 -9.71 31.75 -3.37
N ASN A 35 -8.44 32.12 -3.56
CA ASN A 35 -7.51 31.34 -4.36
C ASN A 35 -6.37 30.75 -3.54
N CYS A 36 -6.54 30.71 -2.21
CA CYS A 36 -5.52 30.20 -1.31
C CYS A 36 -4.20 30.94 -1.50
N SER A 37 -4.28 32.24 -1.80
CA SER A 37 -3.10 33.03 -2.13
C SER A 37 -2.54 33.79 -0.92
N THR A 38 -3.35 33.94 0.12
CA THR A 38 -2.96 34.74 1.28
C THR A 38 -2.28 33.89 2.35
N PRO A 39 -0.98 34.13 2.61
CA PRO A 39 -0.23 33.31 3.58
C PRO A 39 -0.69 33.52 5.01
N GLU A 40 -0.62 32.44 5.81
CA GLU A 40 -0.94 32.52 7.23
C GLU A 40 0.25 33.00 8.03
N PHE A 41 -0.07 33.54 9.21
CA PHE A 41 0.85 33.76 10.32
C PHE A 41 2.15 32.96 10.23
N LEU A 42 2.09 31.67 10.54
CA LEU A 42 3.29 30.83 10.57
C LEU A 42 3.91 30.65 9.18
N THR A 43 3.13 30.89 8.14
CA THR A 43 3.59 30.68 6.77
C THR A 43 4.53 31.80 6.33
N ARG A 44 4.28 33.01 6.79
CA ARG A 44 5.14 34.14 6.47
C ARG A 44 6.54 33.95 7.08
N ILE A 45 6.59 33.29 8.20
CA ILE A 45 7.84 33.15 8.87
C ILE A 45 8.77 32.15 8.21
N LYS A 46 8.26 30.98 7.92
CA LYS A 46 9.05 29.93 7.30
C LYS A 46 9.48 30.35 5.89
N LEU A 47 8.61 31.07 5.21
CA LEU A 47 8.92 31.58 3.87
C LEU A 47 10.05 32.59 3.92
N PHE A 48 10.04 33.44 4.93
CA PHE A 48 11.10 34.41 5.12
C PHE A 48 12.42 33.73 5.46
N LEU A 49 12.33 32.66 6.25
CA LEU A 49 13.51 31.97 6.74
C LEU A 49 14.02 30.90 5.77
N LYS A 50 13.33 30.74 4.65
CA LYS A 50 13.68 29.72 3.67
C LYS A 50 14.49 30.31 2.51
N PRO A 51 15.78 29.94 2.40
CA PRO A 51 16.56 30.40 1.24
C PRO A 51 16.06 29.75 -0.05
N THR A 52 16.36 30.35 -1.19
CA THR A 52 15.97 29.77 -2.46
C THR A 52 16.73 28.46 -2.68
N PRO A 53 16.14 27.52 -3.44
CA PRO A 53 16.84 26.27 -3.78
C PRO A 53 18.23 26.50 -4.34
N ASN A 54 18.37 27.50 -5.20
CA ASN A 54 19.66 27.83 -5.79
C ASN A 54 20.67 28.24 -4.72
N THR A 55 20.20 28.91 -3.68
CA THR A 55 21.07 29.30 -2.57
C THR A 55 21.49 28.07 -1.78
N VAL A 56 20.51 27.24 -1.41
CA VAL A 56 20.79 26.00 -0.70
C VAL A 56 21.75 25.14 -1.52
N HIS A 57 21.51 25.09 -2.82
CA HIS A 57 22.36 24.29 -3.71
C HIS A 57 23.79 24.81 -3.73
N TYR A 58 23.96 26.13 -3.74
CA TYR A 58 25.30 26.70 -3.71
C TYR A 58 26.02 26.29 -2.43
N ILE A 59 25.28 26.32 -1.32
CA ILE A 59 25.87 26.03 -0.02
C ILE A 59 26.33 24.58 0.05
N LEU A 60 25.47 23.68 -0.41
CA LEU A 60 25.77 22.25 -0.35
C LEU A 60 26.90 21.85 -1.30
N THR A 61 27.15 22.69 -2.31
CA THR A 61 28.15 22.39 -3.33
C THR A 61 29.42 23.21 -3.16
N HIS A 62 29.52 23.90 -2.03
CA HIS A 62 30.71 24.68 -1.69
C HIS A 62 31.05 24.47 -0.23
N PHE A 63 32.06 25.18 0.26
CA PHE A 63 32.48 25.05 1.65
C PHE A 63 32.88 23.62 1.98
N LYS A 64 33.68 23.03 1.09
CA LYS A 64 34.13 21.65 1.24
C LYS A 64 34.72 21.40 2.62
N GLY A 65 35.50 22.36 3.12
CA GLY A 65 36.11 22.25 4.44
C GLY A 65 35.09 22.19 5.55
N PHE A 66 34.04 23.01 5.42
CA PHE A 66 32.95 23.01 6.40
C PHE A 66 32.23 21.67 6.45
N TRP A 67 31.90 21.12 5.27
CA TRP A 67 31.13 19.89 5.21
C TRP A 67 31.96 18.69 5.66
N ASN A 68 33.28 18.76 5.48
CA ASN A 68 34.17 17.72 5.98
C ASN A 68 34.05 17.57 7.49
N VAL A 69 33.78 18.69 8.16
CA VAL A 69 33.57 18.68 9.61
C VAL A 69 32.20 18.11 9.95
N VAL A 70 31.18 18.67 9.31
CA VAL A 70 29.80 18.21 9.51
C VAL A 70 29.66 16.72 9.23
N ASN A 71 30.29 16.27 8.15
CA ASN A 71 30.18 14.88 7.74
C ASN A 71 30.75 13.90 8.76
N ASN A 72 31.53 14.42 9.72
CA ASN A 72 32.16 13.61 10.74
C ASN A 72 31.62 13.86 12.15
N ILE A 73 30.52 14.61 12.23
CA ILE A 73 29.78 14.80 13.47
C ILE A 73 28.43 14.07 13.32
N PRO A 74 28.38 12.78 13.71
CA PRO A 74 27.21 11.90 13.48
C PRO A 74 25.88 12.51 13.87
N PHE A 75 25.80 13.17 15.02
CA PHE A 75 24.56 13.79 15.45
C PHE A 75 24.09 14.83 14.44
N LEU A 76 25.05 15.54 13.85
CA LEU A 76 24.73 16.59 12.89
C LEU A 76 24.37 16.01 11.53
N ARG A 77 25.19 15.09 11.05
CA ARG A 77 24.97 14.48 9.75
C ARG A 77 23.62 13.79 9.70
N ASN A 78 23.25 13.12 10.78
CA ASN A 78 21.98 12.42 10.85
C ASN A 78 20.81 13.39 10.84
N ALA A 79 20.92 14.47 11.60
CA ALA A 79 19.86 15.47 11.68
C ALA A 79 19.63 16.11 10.31
N ILE A 80 20.71 16.41 9.62
CA ILE A 80 20.63 16.98 8.27
C ILE A 80 19.98 15.98 7.32
N MET A 81 20.50 14.76 7.29
CA MET A 81 19.98 13.74 6.38
C MET A 81 18.51 13.48 6.68
N SER A 82 18.17 13.43 7.96
CA SER A 82 16.79 13.23 8.38
C SER A 82 15.90 14.34 7.83
N TYR A 83 16.39 15.58 7.90
CA TYR A 83 15.64 16.72 7.41
C TYR A 83 15.43 16.66 5.89
N VAL A 84 16.47 16.24 5.18
CA VAL A 84 16.37 16.09 3.73
C VAL A 84 15.26 15.11 3.38
N LEU A 85 15.20 14.00 4.10
CA LEU A 85 14.20 12.97 3.83
C LEU A 85 12.78 13.47 4.10
N THR A 86 12.57 14.03 5.28
CA THR A 86 11.22 14.47 5.67
C THR A 86 10.73 15.67 4.86
N SER A 87 11.59 16.66 4.67
CA SER A 87 11.18 17.88 3.98
C SER A 87 10.82 17.59 2.52
N ARG A 88 11.63 16.80 1.84
CA ARG A 88 11.37 16.46 0.44
C ARG A 88 10.13 15.57 0.30
N SER A 89 9.93 14.67 1.25
CA SER A 89 8.83 13.71 1.16
C SER A 89 7.46 14.34 1.45
N HIS A 90 7.46 15.50 2.09
CA HIS A 90 6.22 16.22 2.34
C HIS A 90 5.60 16.71 1.04
N LEU A 91 6.40 16.79 -0.02
CA LEU A 91 5.94 17.29 -1.31
C LEU A 91 5.16 16.24 -2.10
N ILE A 92 5.16 15.01 -1.62
CA ILE A 92 4.45 13.91 -2.28
C ILE A 92 3.27 13.44 -1.44
N ASP A 93 2.10 13.36 -2.08
CA ASP A 93 0.92 12.79 -1.43
C ASP A 93 1.05 11.27 -1.37
N SER A 94 0.86 10.74 -0.18
CA SER A 94 1.02 9.31 0.08
C SER A 94 0.15 8.92 1.26
N PRO A 95 -0.90 8.12 1.03
CA PRO A 95 -1.34 7.45 -0.20
C PRO A 95 -1.61 8.40 -1.38
N PRO A 96 -1.49 7.88 -2.61
CA PRO A 96 -1.57 8.72 -3.81
C PRO A 96 -2.97 9.23 -4.12
N THR A 97 -3.07 10.18 -5.03
CA THR A 97 -4.34 10.82 -5.35
C THR A 97 -4.75 10.62 -6.81
N TYR A 98 -4.32 11.53 -7.68
CA TYR A 98 -4.81 11.56 -9.06
C TYR A 98 -4.12 10.59 -10.00
N ASN A 99 -4.72 10.40 -11.18
CA ASN A 99 -4.06 9.77 -12.31
C ASN A 99 -4.55 10.42 -13.60
N ALA A 100 -4.20 9.85 -14.74
CA ALA A 100 -4.52 10.46 -16.03
C ALA A 100 -6.02 10.65 -16.24
N ASP A 101 -6.83 9.76 -15.65
CA ASP A 101 -8.28 9.77 -15.87
C ASP A 101 -9.07 10.50 -14.79
N TYR A 102 -8.40 10.97 -13.73
CA TYR A 102 -9.09 11.57 -12.61
C TYR A 102 -8.41 12.81 -12.07
N GLY A 103 -9.02 13.97 -12.33
CA GLY A 103 -8.55 15.23 -11.77
C GLY A 103 -9.26 15.58 -10.47
N TYR A 104 -9.98 14.59 -9.93
CA TYR A 104 -10.57 14.69 -8.60
C TYR A 104 -10.28 13.37 -7.88
N LYS A 105 -10.25 13.40 -6.56
CA LYS A 105 -10.01 12.18 -5.79
C LYS A 105 -11.12 11.18 -6.04
N SER A 106 -10.75 9.91 -6.14
CA SER A 106 -11.72 8.85 -6.36
C SER A 106 -11.12 7.52 -5.95
N TRP A 107 -11.97 6.57 -5.60
CA TRP A 107 -11.48 5.27 -5.19
C TRP A 107 -10.81 4.54 -6.35
N GLU A 108 -11.26 4.81 -7.57
CA GLU A 108 -10.69 4.18 -8.75
C GLU A 108 -9.24 4.64 -8.92
N ALA A 109 -9.03 5.95 -8.79
CA ALA A 109 -7.70 6.53 -8.92
C ALA A 109 -6.76 6.03 -7.82
N PHE A 110 -7.28 5.83 -6.61
CA PHE A 110 -6.45 5.33 -5.52
C PHE A 110 -6.12 3.84 -5.65
N SER A 111 -7.13 3.04 -5.95
CA SER A 111 -7.01 1.58 -5.81
C SER A 111 -6.41 0.87 -7.01
N ASN A 112 -6.52 1.47 -8.19
CA ASN A 112 -6.10 0.80 -9.42
C ASN A 112 -4.60 0.99 -9.68
N LEU A 113 -3.84 -0.06 -9.41
CA LEU A 113 -2.38 0.00 -9.45
C LEU A 113 -1.81 0.03 -10.87
N SER A 114 -2.66 -0.14 -11.88
CA SER A 114 -2.19 -0.19 -13.25
C SER A 114 -1.89 1.19 -13.80
N TYR A 115 -2.38 2.23 -13.14
CA TYR A 115 -2.07 3.61 -13.51
C TYR A 115 -0.77 4.08 -12.87
N TYR A 116 -0.02 4.91 -13.58
CA TYR A 116 0.91 5.82 -12.94
C TYR A 116 0.06 6.81 -12.17
N THR A 117 0.48 7.21 -10.97
CA THR A 117 -0.23 8.27 -10.26
C THR A 117 0.22 9.62 -10.81
N ARG A 118 -0.39 10.70 -10.32
CA ARG A 118 -0.11 12.03 -10.84
C ARG A 118 0.10 13.05 -9.71
N ALA A 119 1.19 13.80 -9.81
CA ALA A 119 1.51 14.85 -8.85
C ALA A 119 0.58 16.05 -9.04
N LEU A 120 0.28 16.37 -10.31
CA LEU A 120 -0.75 17.35 -10.63
C LEU A 120 -1.87 16.68 -11.43
N PRO A 121 -3.13 17.08 -11.16
CA PRO A 121 -4.23 16.50 -11.91
C PRO A 121 -4.18 16.85 -13.39
N PRO A 122 -4.80 16.03 -14.25
CA PRO A 122 -4.83 16.33 -15.68
C PRO A 122 -5.63 17.59 -15.98
N VAL A 123 -5.29 18.27 -17.06
CA VAL A 123 -6.08 19.41 -17.50
C VAL A 123 -7.48 18.88 -17.87
N PRO A 124 -8.53 19.47 -17.28
CA PRO A 124 -9.90 18.95 -17.54
C PRO A 124 -10.24 18.89 -19.03
N ASP A 125 -11.20 18.01 -19.35
CA ASP A 125 -11.49 17.64 -20.74
C ASP A 125 -11.80 18.82 -21.66
N ASP A 126 -12.72 19.68 -21.22
CA ASP A 126 -13.21 20.76 -22.08
C ASP A 126 -12.70 22.12 -21.58
N CYS A 127 -11.50 22.49 -22.03
CA CYS A 127 -10.92 23.78 -21.70
C CYS A 127 -10.63 24.58 -22.97
N PRO A 128 -10.52 25.91 -22.84
CA PRO A 128 -10.17 26.75 -23.99
C PRO A 128 -8.91 26.29 -24.69
N THR A 129 -7.81 26.15 -23.93
CA THR A 129 -6.55 25.68 -24.48
C THR A 129 -6.18 24.31 -23.89
N PRO A 130 -5.22 23.61 -24.51
CA PRO A 130 -4.81 22.28 -24.05
C PRO A 130 -4.26 22.27 -22.62
N LEU A 131 -3.64 23.38 -22.20
CA LEU A 131 -3.03 23.47 -20.88
C LEU A 131 -3.94 24.15 -19.87
N GLY A 132 -5.09 24.62 -20.35
CA GLY A 132 -6.04 25.31 -19.50
C GLY A 132 -6.62 26.51 -20.22
N VAL A 133 -5.97 27.67 -20.08
CA VAL A 133 -6.42 28.89 -20.73
C VAL A 133 -5.27 29.63 -21.39
N LYS A 134 -4.05 29.35 -20.95
CA LYS A 134 -2.85 29.98 -21.49
C LYS A 134 -2.44 29.37 -22.83
N GLY A 135 -1.70 30.13 -23.62
CA GLY A 135 -1.19 29.65 -24.88
C GLY A 135 -2.23 29.61 -25.98
N LYS A 136 -1.86 29.07 -27.14
CA LYS A 136 -2.74 29.01 -28.29
C LYS A 136 -3.67 27.79 -28.21
N LYS A 137 -4.65 27.76 -29.10
CA LYS A 137 -5.67 26.71 -29.10
C LYS A 137 -5.08 25.33 -29.38
N GLN A 138 -4.02 25.31 -30.20
CA GLN A 138 -3.29 24.07 -30.47
C GLN A 138 -1.86 24.21 -29.97
N LEU A 139 -1.28 23.10 -29.51
CA LEU A 139 0.11 23.09 -29.12
C LEU A 139 1.01 23.01 -30.35
N PRO A 140 2.23 23.55 -30.27
CA PRO A 140 3.16 23.52 -31.40
C PRO A 140 3.48 22.09 -31.84
N ASP A 141 3.91 21.95 -33.09
CA ASP A 141 4.27 20.66 -33.65
C ASP A 141 5.43 20.06 -32.84
N SER A 142 5.23 18.85 -32.33
CA SER A 142 6.22 18.23 -31.46
C SER A 142 7.53 17.98 -32.22
N ASN A 143 7.43 17.55 -33.48
CA ASN A 143 8.62 17.32 -34.29
C ASN A 143 9.45 18.59 -34.43
N GLU A 144 8.78 19.74 -34.49
CA GLU A 144 9.46 21.02 -34.62
C GLU A 144 10.20 21.36 -33.32
N ILE A 145 9.55 21.13 -32.18
CA ILE A 145 10.16 21.39 -30.89
C ILE A 145 11.47 20.60 -30.72
N VAL A 146 11.45 19.33 -31.11
CA VAL A 146 12.64 18.49 -30.95
C VAL A 146 13.80 19.02 -31.79
N GLU A 147 13.54 19.26 -33.08
CA GLU A 147 14.57 19.73 -33.99
C GLU A 147 15.11 21.09 -33.57
N LYS A 148 14.20 22.01 -33.23
CA LYS A 148 14.58 23.38 -32.91
C LYS A 148 15.28 23.53 -31.56
N LEU A 149 14.90 22.70 -30.58
CA LEU A 149 15.32 22.91 -29.20
C LEU A 149 16.04 21.72 -28.53
N LEU A 150 15.75 20.51 -28.98
CA LEU A 150 16.26 19.32 -28.29
C LEU A 150 17.26 18.51 -29.10
N LEU A 151 17.19 18.61 -30.42
CA LEU A 151 18.09 17.83 -31.28
C LEU A 151 19.53 18.27 -31.13
N ARG A 152 20.42 17.30 -30.94
CA ARG A 152 21.84 17.57 -30.78
C ARG A 152 22.51 17.92 -32.10
N ARG A 153 23.26 19.02 -32.08
CA ARG A 153 24.09 19.41 -33.21
C ARG A 153 25.54 19.09 -32.84
N LYS A 154 25.96 19.64 -31.69
CA LYS A 154 27.28 19.40 -31.12
C LYS A 154 27.12 18.74 -29.76
N PHE A 155 27.85 17.66 -29.53
CA PHE A 155 27.80 16.96 -28.26
C PHE A 155 28.30 17.84 -27.12
N ILE A 156 27.44 18.09 -26.13
CA ILE A 156 27.82 18.83 -24.94
C ILE A 156 28.08 17.86 -23.78
N PRO A 157 29.33 17.80 -23.29
CA PRO A 157 29.64 16.85 -22.22
C PRO A 157 29.17 17.33 -20.85
N ASP A 158 28.91 16.39 -19.95
CA ASP A 158 28.45 16.75 -18.61
C ASP A 158 29.59 17.35 -17.78
N PRO A 159 29.44 18.61 -17.34
CA PRO A 159 30.50 19.23 -16.53
C PRO A 159 30.72 18.57 -15.18
N GLN A 160 29.74 17.80 -14.70
CA GLN A 160 29.90 17.08 -13.43
C GLN A 160 30.71 15.80 -13.63
N GLY A 161 30.98 15.48 -14.90
CA GLY A 161 31.85 14.37 -15.21
C GLY A 161 31.17 13.01 -15.23
N SER A 162 29.84 13.01 -15.28
CA SER A 162 29.08 11.75 -15.31
C SER A 162 29.56 10.88 -16.47
N ASN A 163 29.73 9.59 -16.20
CA ASN A 163 30.23 8.66 -17.21
C ASN A 163 29.13 7.72 -17.68
N MET A 164 29.50 6.68 -18.41
CA MET A 164 28.52 5.76 -18.96
C MET A 164 28.10 4.72 -17.93
N MET A 165 28.93 4.52 -16.89
CA MET A 165 28.53 3.70 -15.77
C MET A 165 27.33 4.34 -15.09
N PHE A 166 27.35 5.67 -15.00
CA PHE A 166 26.26 6.42 -14.39
C PHE A 166 25.03 6.38 -15.27
N ALA A 167 25.20 6.67 -16.56
CA ALA A 167 24.08 6.73 -17.48
C ALA A 167 23.33 5.40 -17.57
N PHE A 168 24.08 4.30 -17.64
CA PHE A 168 23.48 2.98 -17.77
C PHE A 168 22.94 2.46 -16.44
N PHE A 169 23.54 2.89 -15.33
CA PHE A 169 22.97 2.57 -14.03
C PHE A 169 21.61 3.25 -13.90
N ALA A 170 21.54 4.50 -14.34
CA ALA A 170 20.30 5.26 -14.28
C ALA A 170 19.19 4.55 -15.06
N GLN A 171 19.51 4.14 -16.28
CA GLN A 171 18.52 3.47 -17.12
C GLN A 171 18.14 2.11 -16.53
N HIS A 172 19.12 1.35 -16.07
CA HIS A 172 18.87 0.03 -15.50
C HIS A 172 18.01 0.12 -14.24
N PHE A 173 18.40 1.01 -13.34
CA PHE A 173 17.72 1.14 -12.06
C PHE A 173 16.27 1.63 -12.21
N THR A 174 16.07 2.69 -12.98
CA THR A 174 14.75 3.31 -13.06
C THR A 174 13.77 2.50 -13.89
N HIS A 175 14.29 1.60 -14.73
CA HIS A 175 13.42 0.82 -15.62
C HIS A 175 12.78 -0.37 -14.90
N GLN A 176 12.98 -0.44 -13.59
CA GLN A 176 12.26 -1.43 -12.79
C GLN A 176 10.90 -0.88 -12.35
N PHE A 177 10.75 0.45 -12.35
CA PHE A 177 9.47 1.06 -12.01
C PHE A 177 8.94 2.03 -13.07
N PHE A 178 9.75 2.33 -14.08
CA PHE A 178 9.23 2.95 -15.30
C PHE A 178 9.02 1.85 -16.34
N LYS A 179 7.82 1.29 -16.37
CA LYS A 179 7.50 0.16 -17.25
C LYS A 179 6.19 0.45 -17.96
N THR A 180 6.23 1.45 -18.83
CA THR A 180 5.04 1.95 -19.51
C THR A 180 4.34 0.86 -20.32
N ASP A 181 3.06 0.64 -20.03
CA ASP A 181 2.28 -0.40 -20.71
C ASP A 181 1.62 0.19 -21.95
N HIS A 182 2.32 0.15 -23.07
CA HIS A 182 1.89 0.85 -24.28
C HIS A 182 0.72 0.18 -25.00
N LYS A 183 0.41 -1.07 -24.65
CA LYS A 183 -0.76 -1.73 -25.23
C LYS A 183 -2.02 -1.19 -24.56
N ARG A 184 -1.86 -0.44 -23.48
CA ARG A 184 -2.96 0.20 -22.80
C ARG A 184 -2.90 1.70 -22.95
N GLY A 185 -1.71 2.26 -22.88
CA GLY A 185 -1.50 3.69 -23.03
C GLY A 185 -0.43 4.21 -22.08
N PRO A 186 0.06 5.43 -22.33
CA PRO A 186 1.14 5.97 -21.50
C PRO A 186 0.74 6.20 -20.04
N ALA A 187 -0.56 6.21 -19.76
CA ALA A 187 -1.03 6.44 -18.40
C ALA A 187 -0.85 5.20 -17.53
N PHE A 188 -0.44 4.09 -18.14
CA PHE A 188 -0.43 2.80 -17.46
C PHE A 188 0.96 2.17 -17.35
N THR A 189 1.14 1.37 -16.30
CA THR A 189 2.43 0.75 -16.01
C THR A 189 2.29 -0.75 -15.76
N ASN A 190 3.36 -1.48 -16.05
CA ASN A 190 3.47 -2.90 -15.71
C ASN A 190 4.18 -3.11 -14.38
N GLY A 191 4.63 -2.00 -13.78
CA GLY A 191 5.37 -2.06 -12.53
C GLY A 191 4.45 -1.92 -11.34
N LEU A 192 3.73 -2.99 -11.02
CA LEU A 192 2.70 -2.95 -10.00
C LEU A 192 3.28 -2.91 -8.58
N GLY A 193 4.58 -3.17 -8.46
CA GLY A 193 5.27 -3.01 -7.20
C GLY A 193 5.50 -1.54 -6.89
N HIS A 194 5.46 -0.72 -7.94
CA HIS A 194 5.59 0.73 -7.82
C HIS A 194 6.79 1.18 -6.98
N GLY A 195 7.95 0.62 -7.29
CA GLY A 195 9.16 1.01 -6.58
C GLY A 195 10.32 0.06 -6.78
N VAL A 196 11.15 -0.03 -5.76
CA VAL A 196 12.39 -0.80 -5.82
C VAL A 196 12.17 -2.22 -5.31
N ASP A 197 11.59 -3.06 -6.16
CA ASP A 197 11.33 -4.45 -5.82
C ASP A 197 12.27 -5.40 -6.58
N LEU A 198 13.17 -4.81 -7.36
CA LEU A 198 14.09 -5.54 -8.22
C LEU A 198 13.39 -6.53 -9.15
N ASN A 199 12.20 -6.18 -9.61
CA ASN A 199 11.50 -7.00 -10.59
C ASN A 199 12.29 -7.08 -11.90
N HIS A 200 13.13 -6.08 -12.16
CA HIS A 200 13.93 -6.07 -13.39
C HIS A 200 15.05 -7.10 -13.32
N ILE A 201 15.17 -7.79 -12.18
CA ILE A 201 16.11 -8.89 -12.01
C ILE A 201 15.37 -10.22 -11.85
N TYR A 202 14.31 -10.21 -11.03
CA TYR A 202 13.60 -11.44 -10.67
C TYR A 202 12.30 -11.65 -11.43
N GLY A 203 11.88 -10.65 -12.21
CA GLY A 203 10.64 -10.73 -12.94
C GLY A 203 9.48 -10.15 -12.15
N GLU A 204 8.48 -9.66 -12.87
CA GLU A 204 7.33 -9.00 -12.27
C GLU A 204 6.38 -9.99 -11.60
N THR A 205 6.32 -11.21 -12.10
CA THR A 205 5.38 -12.22 -11.60
C THR A 205 6.08 -13.48 -11.10
N LEU A 206 5.36 -14.26 -10.32
CA LEU A 206 5.89 -15.52 -9.80
C LEU A 206 6.19 -16.49 -10.93
N ALA A 207 5.34 -16.50 -11.96
CA ALA A 207 5.54 -17.38 -13.10
C ALA A 207 6.85 -17.08 -13.82
N ARG A 208 7.15 -15.80 -13.99
CA ARG A 208 8.39 -15.40 -14.65
C ARG A 208 9.59 -15.68 -13.75
N GLN A 209 9.42 -15.41 -12.45
CA GLN A 209 10.47 -15.67 -11.48
C GLN A 209 10.87 -17.13 -11.51
N ARG A 210 9.88 -18.01 -11.55
CA ARG A 210 10.13 -19.45 -11.53
C ARG A 210 10.93 -19.88 -12.74
N LYS A 211 10.70 -19.21 -13.88
CA LYS A 211 11.43 -19.54 -15.10
C LYS A 211 12.89 -19.15 -15.00
N LEU A 212 13.21 -18.19 -14.14
CA LEU A 212 14.56 -17.64 -14.05
C LEU A 212 15.37 -18.26 -12.93
N ARG A 213 14.69 -18.75 -11.90
CA ARG A 213 15.37 -19.35 -10.76
C ARG A 213 15.95 -20.72 -11.09
N LEU A 214 17.02 -21.08 -10.40
CA LEU A 214 17.63 -22.40 -10.54
C LEU A 214 16.94 -23.41 -9.64
N PHE A 215 16.34 -22.91 -8.57
CA PHE A 215 15.73 -23.74 -7.53
C PHE A 215 16.75 -24.67 -6.88
N LYS A 216 18.02 -24.24 -6.91
CA LYS A 216 19.08 -24.87 -6.14
C LYS A 216 19.88 -23.79 -5.42
N ASP A 217 20.03 -23.94 -4.11
CA ASP A 217 20.83 -23.03 -3.30
C ASP A 217 20.32 -21.58 -3.38
N GLY A 218 19.06 -21.42 -3.74
CA GLY A 218 18.44 -20.10 -3.79
C GLY A 218 18.86 -19.28 -4.99
N LYS A 219 19.61 -19.91 -5.90
CA LYS A 219 20.27 -19.18 -6.98
C LYS A 219 19.40 -18.98 -8.21
N MET A 220 19.87 -18.10 -9.10
CA MET A 220 19.24 -17.85 -10.38
C MET A 220 19.99 -18.60 -11.47
N LYS A 221 19.28 -19.00 -12.52
CA LYS A 221 19.91 -19.69 -13.65
C LYS A 221 20.99 -18.81 -14.27
N TYR A 222 21.97 -19.45 -14.91
CA TYR A 222 23.05 -18.71 -15.56
C TYR A 222 23.81 -19.59 -16.54
N GLN A 223 24.67 -18.94 -17.33
CA GLN A 223 25.59 -19.62 -18.23
C GLN A 223 27.02 -19.28 -17.87
N ILE A 224 27.95 -20.15 -18.23
CA ILE A 224 29.38 -19.87 -18.11
C ILE A 224 29.97 -19.66 -19.49
N ILE A 225 30.19 -18.40 -19.85
CA ILE A 225 30.81 -18.04 -21.13
C ILE A 225 32.19 -17.46 -20.91
N ASP A 226 33.19 -18.06 -21.56
CA ASP A 226 34.57 -17.62 -21.42
C ASP A 226 34.96 -17.52 -19.95
N GLY A 227 34.59 -18.54 -19.19
CA GLY A 227 34.98 -18.65 -17.78
C GLY A 227 34.19 -17.78 -16.83
N GLU A 228 33.23 -17.00 -17.32
CA GLU A 228 32.50 -16.06 -16.48
C GLU A 228 30.98 -16.26 -16.52
N MET A 229 30.33 -15.89 -15.43
CA MET A 229 28.89 -16.08 -15.26
C MET A 229 28.09 -15.05 -16.05
N TYR A 230 27.10 -15.54 -16.80
CA TYR A 230 26.22 -14.70 -17.59
C TYR A 230 24.77 -15.15 -17.45
N PRO A 231 23.82 -14.29 -17.83
CA PRO A 231 22.41 -14.70 -17.74
C PRO A 231 22.07 -15.87 -18.65
N PRO A 232 20.98 -16.58 -18.34
CA PRO A 232 20.49 -17.66 -19.21
C PRO A 232 19.85 -17.07 -20.46
N THR A 233 19.33 -17.93 -21.34
CA THR A 233 18.71 -17.49 -22.58
C THR A 233 17.20 -17.70 -22.53
N VAL A 234 16.50 -17.13 -23.51
CA VAL A 234 15.05 -17.32 -23.62
C VAL A 234 14.71 -18.81 -23.74
N LYS A 235 15.50 -19.53 -24.54
CA LYS A 235 15.25 -20.93 -24.79
C LYS A 235 15.30 -21.76 -23.52
N ASP A 236 16.33 -21.52 -22.70
CA ASP A 236 16.54 -22.32 -21.51
C ASP A 236 15.51 -22.01 -20.42
N THR A 237 15.03 -20.78 -20.39
CA THR A 237 14.09 -20.34 -19.34
C THR A 237 12.65 -20.30 -19.83
N GLN A 238 12.47 -20.17 -21.14
CA GLN A 238 11.16 -19.91 -21.74
C GLN A 238 10.59 -18.58 -21.23
N ALA A 239 11.45 -17.73 -20.69
CA ALA A 239 11.05 -16.40 -20.23
C ALA A 239 11.16 -15.42 -21.39
N GLU A 240 10.02 -14.86 -21.80
CA GLU A 240 9.97 -14.00 -22.98
C GLU A 240 10.84 -12.76 -22.84
N MET A 241 11.39 -12.32 -23.97
CA MET A 241 12.18 -11.11 -24.05
C MET A 241 11.83 -10.39 -25.35
N ILE A 242 12.05 -9.08 -25.38
CA ILE A 242 11.90 -8.32 -26.62
C ILE A 242 13.20 -8.32 -27.39
N TYR A 243 13.25 -9.07 -28.47
CA TYR A 243 14.38 -9.04 -29.39
C TYR A 243 13.90 -8.88 -30.82
N PRO A 244 14.61 -8.09 -31.63
CA PRO A 244 14.28 -8.03 -33.05
C PRO A 244 14.70 -9.31 -33.75
N PRO A 245 14.16 -9.59 -34.96
CA PRO A 245 14.47 -10.82 -35.68
C PRO A 245 15.97 -11.04 -35.92
N GLN A 246 16.71 -9.96 -36.12
CA GLN A 246 18.14 -10.04 -36.42
C GLN A 246 18.90 -10.88 -35.41
N VAL A 247 18.65 -10.62 -34.13
CA VAL A 247 19.41 -11.24 -33.05
C VAL A 247 19.24 -12.76 -33.05
N PRO A 248 20.35 -13.50 -33.20
CA PRO A 248 20.25 -14.97 -33.18
C PRO A 248 19.84 -15.49 -31.81
N GLU A 249 19.21 -16.67 -31.79
CA GLU A 249 18.59 -17.20 -30.58
C GLU A 249 19.56 -17.38 -29.41
N HIS A 250 20.80 -17.75 -29.70
CA HIS A 250 21.76 -18.05 -28.65
C HIS A 250 22.24 -16.79 -27.93
N LEU A 251 22.00 -15.63 -28.52
CA LEU A 251 22.35 -14.35 -27.90
C LEU A 251 21.16 -13.68 -27.24
N ARG A 252 20.02 -14.37 -27.20
CA ARG A 252 18.81 -13.82 -26.60
C ARG A 252 18.77 -14.12 -25.10
N PHE A 253 19.55 -13.35 -24.34
CA PHE A 253 19.61 -13.51 -22.89
C PHE A 253 18.28 -13.16 -22.24
N ALA A 254 17.94 -13.89 -21.19
CA ALA A 254 16.70 -13.69 -20.46
C ALA A 254 16.98 -13.15 -19.06
N VAL A 255 16.47 -11.95 -18.78
CA VAL A 255 16.58 -11.36 -17.45
C VAL A 255 15.20 -10.87 -17.01
N GLY A 256 15.11 -10.41 -15.76
CA GLY A 256 13.86 -9.99 -15.18
C GLY A 256 13.07 -9.01 -16.04
N GLN A 257 13.75 -8.00 -16.54
CA GLN A 257 13.12 -6.96 -17.36
C GLN A 257 13.17 -7.35 -18.84
N GLU A 258 12.01 -7.36 -19.48
CA GLU A 258 11.85 -7.89 -20.83
C GLU A 258 12.59 -7.10 -21.92
N VAL A 259 12.93 -5.85 -21.62
CA VAL A 259 13.50 -4.96 -22.64
C VAL A 259 15.00 -4.75 -22.49
N PHE A 260 15.62 -5.47 -21.55
CA PHE A 260 17.03 -5.21 -21.22
C PHE A 260 18.01 -5.78 -22.24
N GLY A 261 17.50 -6.54 -23.20
CA GLY A 261 18.33 -6.96 -24.33
C GLY A 261 18.54 -5.83 -25.31
N LEU A 262 17.78 -4.74 -25.12
CA LEU A 262 17.85 -3.56 -25.98
C LEU A 262 19.27 -3.04 -26.15
N VAL A 263 20.00 -2.95 -25.06
CA VAL A 263 21.33 -2.34 -25.08
C VAL A 263 22.30 -3.09 -24.16
N PRO A 264 23.55 -3.31 -24.62
CA PRO A 264 24.52 -4.06 -23.81
C PRO A 264 24.86 -3.40 -22.48
N GLY A 265 24.63 -2.10 -22.38
CA GLY A 265 24.86 -1.39 -21.13
C GLY A 265 23.92 -1.90 -20.06
N LEU A 266 22.69 -2.21 -20.46
CA LEU A 266 21.70 -2.75 -19.54
C LEU A 266 22.04 -4.19 -19.21
N MET A 267 22.46 -4.95 -20.21
CA MET A 267 22.80 -6.35 -20.01
C MET A 267 24.03 -6.47 -19.14
N MET A 268 24.90 -5.45 -19.19
CA MET A 268 26.06 -5.42 -18.32
C MET A 268 25.63 -5.42 -16.86
N TYR A 269 24.74 -4.49 -16.51
CA TYR A 269 24.27 -4.39 -15.13
C TYR A 269 23.39 -5.57 -14.76
N ALA A 270 22.60 -6.04 -15.72
CA ALA A 270 21.80 -7.25 -15.52
C ALA A 270 22.70 -8.41 -15.12
N THR A 271 23.82 -8.54 -15.82
CA THR A 271 24.79 -9.58 -15.53
C THR A 271 25.40 -9.39 -14.15
N ILE A 272 25.79 -8.16 -13.84
CA ILE A 272 26.46 -7.87 -12.56
C ILE A 272 25.57 -8.18 -11.36
N TRP A 273 24.30 -7.80 -11.44
CA TRP A 273 23.38 -8.03 -10.33
C TRP A 273 23.02 -9.51 -10.21
N LEU A 274 22.96 -10.20 -11.34
CA LEU A 274 22.75 -11.64 -11.35
C LEU A 274 23.87 -12.33 -10.59
N ARG A 275 25.11 -11.96 -10.91
CA ARG A 275 26.27 -12.47 -10.21
C ARG A 275 26.17 -12.15 -8.73
N GLU A 276 25.76 -10.92 -8.42
CA GLU A 276 25.63 -10.49 -7.04
C GLU A 276 24.62 -11.37 -6.30
N HIS A 277 23.48 -11.65 -6.92
CA HIS A 277 22.48 -12.48 -6.27
C HIS A 277 23.05 -13.85 -5.91
N ASN A 278 23.69 -14.50 -6.88
CA ASN A 278 24.24 -15.84 -6.67
C ASN A 278 25.41 -15.81 -5.70
N ARG A 279 26.15 -14.71 -5.69
CA ARG A 279 27.23 -14.54 -4.73
C ARG A 279 26.67 -14.50 -3.32
N VAL A 280 25.56 -13.79 -3.15
CA VAL A 280 24.96 -13.63 -1.82
C VAL A 280 24.34 -14.95 -1.36
N CYS A 281 23.87 -15.77 -2.29
CA CYS A 281 23.37 -17.09 -1.96
C CYS A 281 24.46 -17.92 -1.30
N ASP A 282 25.67 -17.86 -1.86
CA ASP A 282 26.81 -18.58 -1.31
C ASP A 282 27.13 -18.13 0.11
N VAL A 283 27.11 -16.81 0.33
CA VAL A 283 27.36 -16.26 1.66
C VAL A 283 26.33 -16.77 2.64
N LEU A 284 25.05 -16.69 2.26
CA LEU A 284 23.97 -17.10 3.15
C LEU A 284 24.02 -18.59 3.43
N LYS A 285 24.44 -19.38 2.43
CA LYS A 285 24.57 -20.82 2.62
C LYS A 285 25.61 -21.13 3.70
N GLN A 286 26.76 -20.45 3.61
CA GLN A 286 27.79 -20.60 4.62
C GLN A 286 27.26 -20.19 6.00
N GLU A 287 26.37 -19.21 6.01
CA GLU A 287 25.78 -18.73 7.25
C GLU A 287 24.65 -19.65 7.73
N HIS A 288 23.97 -20.28 6.78
CA HIS A 288 22.82 -21.12 7.11
C HIS A 288 22.82 -22.40 6.27
N PRO A 289 23.68 -23.37 6.64
CA PRO A 289 23.70 -24.65 5.92
C PRO A 289 22.39 -25.41 6.05
N GLU A 290 21.57 -25.01 7.02
CA GLU A 290 20.30 -25.67 7.28
C GLU A 290 19.16 -25.13 6.41
N TRP A 291 19.41 -24.03 5.71
CA TRP A 291 18.37 -23.38 4.91
C TRP A 291 18.14 -24.09 3.57
N GLY A 292 16.90 -24.00 3.09
CA GLY A 292 16.53 -24.54 1.79
C GLY A 292 16.64 -23.49 0.69
N ASP A 293 16.39 -23.92 -0.53
CA ASP A 293 16.49 -23.05 -1.70
C ASP A 293 15.59 -21.81 -1.60
N GLU A 294 14.35 -21.99 -1.14
CA GLU A 294 13.39 -20.91 -1.12
C GLU A 294 13.82 -19.76 -0.21
N GLN A 295 14.23 -20.09 1.02
CA GLN A 295 14.62 -19.05 1.97
C GLN A 295 15.94 -18.41 1.58
N LEU A 296 16.78 -19.16 0.88
CA LEU A 296 18.04 -18.62 0.36
C LEU A 296 17.75 -17.58 -0.71
N PHE A 297 16.81 -17.89 -1.61
CA PHE A 297 16.45 -16.98 -2.69
C PHE A 297 15.80 -15.72 -2.13
N GLN A 298 14.77 -15.91 -1.32
CA GLN A 298 14.01 -14.79 -0.77
C GLN A 298 14.89 -13.87 0.06
N THR A 299 15.75 -14.46 0.89
CA THR A 299 16.61 -13.67 1.75
C THR A 299 17.61 -12.88 0.91
N SER A 300 18.18 -13.53 -0.11
CA SER A 300 19.12 -12.84 -1.00
C SER A 300 18.47 -11.66 -1.68
N ARG A 301 17.21 -11.81 -2.08
CA ARG A 301 16.49 -10.75 -2.77
C ARG A 301 16.35 -9.53 -1.87
N LEU A 302 16.05 -9.76 -0.60
CA LEU A 302 15.92 -8.67 0.34
C LEU A 302 17.27 -7.97 0.53
N ILE A 303 18.35 -8.74 0.52
CA ILE A 303 19.69 -8.17 0.63
C ILE A 303 19.94 -7.22 -0.54
N LEU A 304 19.69 -7.69 -1.75
CA LEU A 304 20.00 -6.91 -2.95
C LEU A 304 19.12 -5.67 -3.06
N ILE A 305 17.90 -5.74 -2.55
CA ILE A 305 17.04 -4.56 -2.49
C ILE A 305 17.72 -3.53 -1.58
N GLY A 306 18.22 -3.99 -0.44
CA GLY A 306 18.95 -3.14 0.48
C GLY A 306 20.19 -2.54 -0.16
N GLU A 307 20.95 -3.38 -0.86
CA GLU A 307 22.16 -2.93 -1.55
C GLU A 307 21.82 -1.84 -2.55
N THR A 308 20.70 -2.02 -3.25
CA THR A 308 20.31 -1.11 -4.31
C THR A 308 20.01 0.26 -3.74
N ILE A 309 19.18 0.30 -2.71
CA ILE A 309 18.81 1.56 -2.07
C ILE A 309 20.05 2.22 -1.46
N LYS A 310 20.93 1.41 -0.86
CA LYS A 310 22.18 1.90 -0.30
C LYS A 310 23.02 2.59 -1.38
N ILE A 311 23.25 1.88 -2.47
CA ILE A 311 24.08 2.40 -3.56
C ILE A 311 23.45 3.62 -4.21
N VAL A 312 22.13 3.57 -4.43
CA VAL A 312 21.45 4.66 -5.11
C VAL A 312 21.63 5.97 -4.32
N ILE A 313 21.47 5.90 -3.01
CA ILE A 313 21.57 7.11 -2.19
C ILE A 313 23.02 7.59 -2.02
N GLU A 314 23.90 6.68 -1.62
CA GLU A 314 25.24 7.08 -1.19
C GLU A 314 26.30 7.15 -2.30
N ASP A 315 25.96 6.68 -3.50
CA ASP A 315 26.85 6.81 -4.65
C ASP A 315 26.18 7.54 -5.82
N TYR A 316 25.03 7.03 -6.22
CA TYR A 316 24.33 7.54 -7.40
C TYR A 316 23.79 8.95 -7.18
N VAL A 317 22.94 9.13 -6.18
CA VAL A 317 22.40 10.45 -5.88
C VAL A 317 23.50 11.38 -5.38
N GLN A 318 24.46 10.81 -4.65
CA GLN A 318 25.59 11.59 -4.15
C GLN A 318 26.34 12.27 -5.28
N HIS A 319 26.66 11.51 -6.33
CA HIS A 319 27.33 12.08 -7.50
C HIS A 319 26.44 13.07 -8.22
N LEU A 320 25.19 12.65 -8.40
CA LEU A 320 24.21 13.43 -9.12
C LEU A 320 24.01 14.80 -8.48
N SER A 321 23.88 14.81 -7.16
CA SER A 321 23.62 16.04 -6.42
C SER A 321 24.81 16.98 -6.44
N GLY A 322 26.01 16.41 -6.52
CA GLY A 322 27.24 17.19 -6.46
C GLY A 322 27.51 17.73 -5.06
N TYR A 323 26.74 17.27 -4.08
CA TYR A 323 26.87 17.75 -2.71
C TYR A 323 28.21 17.39 -2.09
N HIS A 324 28.70 18.25 -1.20
CA HIS A 324 29.85 17.93 -0.38
C HIS A 324 29.39 17.26 0.90
N PHE A 325 28.15 17.54 1.29
CA PHE A 325 27.50 16.82 2.38
C PHE A 325 27.34 15.36 1.98
N LYS A 326 27.66 14.46 2.91
CA LYS A 326 27.66 13.03 2.64
C LYS A 326 26.30 12.42 2.97
N LEU A 327 25.53 12.10 1.95
CA LEU A 327 24.21 11.49 2.13
C LEU A 327 24.35 10.15 2.83
N LYS A 328 23.29 9.72 3.50
CA LYS A 328 23.30 8.50 4.29
C LYS A 328 22.05 7.68 4.05
N PHE A 329 22.23 6.39 3.77
CA PHE A 329 21.11 5.45 3.80
C PHE A 329 21.02 4.86 5.20
N ASP A 330 19.99 5.27 5.93
CA ASP A 330 19.81 4.83 7.30
C ASP A 330 18.34 4.96 7.71
N PRO A 331 17.55 3.88 7.56
CA PRO A 331 16.12 3.89 7.88
C PRO A 331 15.80 4.38 9.29
N GLU A 332 16.74 4.25 10.22
CA GLU A 332 16.50 4.64 11.60
C GLU A 332 16.29 6.14 11.75
N LEU A 333 16.75 6.92 10.77
CA LEU A 333 16.57 8.37 10.80
C LEU A 333 15.10 8.76 10.83
N LEU A 334 14.22 7.84 10.41
CA LEU A 334 12.79 8.15 10.26
C LEU A 334 11.89 7.50 11.31
N PHE A 335 12.46 6.67 12.19
CA PHE A 335 11.65 5.92 13.13
C PHE A 335 10.94 6.78 14.17
N ASN A 336 11.43 8.00 14.37
CA ASN A 336 10.74 8.96 15.24
C ASN A 336 10.03 10.06 14.44
N LYS A 337 9.99 9.90 13.12
CA LYS A 337 9.35 10.87 12.24
C LYS A 337 8.04 10.33 11.67
N GLN A 338 7.17 11.24 11.22
CA GLN A 338 5.99 10.86 10.47
C GLN A 338 6.41 10.55 9.03
N PHE A 339 6.08 9.36 8.57
CA PHE A 339 6.49 8.90 7.25
C PHE A 339 5.67 7.69 6.83
N GLN A 340 5.27 7.65 5.56
CA GLN A 340 4.48 6.56 5.04
C GLN A 340 5.34 5.59 4.26
N TYR A 341 5.37 4.33 4.70
CA TYR A 341 6.17 3.31 4.03
C TYR A 341 5.35 2.68 2.91
N GLN A 342 5.13 3.47 1.88
CA GLN A 342 4.44 3.04 0.67
C GLN A 342 4.77 4.02 -0.43
N ASN A 343 4.61 3.59 -1.68
CA ASN A 343 4.92 4.44 -2.80
C ASN A 343 4.07 4.11 -4.02
N ARG A 344 3.83 5.13 -4.83
CA ARG A 344 3.12 4.98 -6.10
C ARG A 344 3.87 5.81 -7.13
N ILE A 345 4.27 5.19 -8.22
CA ILE A 345 5.11 5.86 -9.22
C ILE A 345 4.31 6.90 -9.98
N ALA A 346 4.82 8.14 -9.99
CA ALA A 346 4.16 9.24 -10.67
C ALA A 346 4.57 9.30 -12.14
N ALA A 347 3.60 9.63 -13.00
CA ALA A 347 3.84 9.76 -14.42
C ALA A 347 4.88 10.85 -14.71
N GLU A 348 4.80 11.96 -13.96
CA GLU A 348 5.74 13.06 -14.15
C GLU A 348 7.17 12.68 -13.77
N PHE A 349 7.31 11.70 -12.87
CA PHE A 349 8.62 11.19 -12.50
C PHE A 349 9.22 10.49 -13.72
N ASN A 350 8.38 9.69 -14.38
CA ASN A 350 8.74 9.01 -15.62
C ASN A 350 9.21 9.99 -16.70
N THR A 351 8.41 11.04 -16.91
CA THR A 351 8.68 12.02 -17.94
C THR A 351 10.02 12.73 -17.74
N LEU A 352 10.26 13.22 -16.53
CA LEU A 352 11.47 14.00 -16.27
C LEU A 352 12.72 13.13 -16.30
N TYR A 353 12.55 11.82 -16.21
CA TYR A 353 13.70 10.91 -16.19
C TYR A 353 14.09 10.43 -17.58
N HIS A 354 13.54 11.08 -18.61
CA HIS A 354 13.98 10.83 -19.98
C HIS A 354 15.30 11.56 -20.21
N TRP A 355 16.38 11.01 -19.67
CA TRP A 355 17.70 11.66 -19.71
C TRP A 355 18.51 11.18 -20.91
N HIS A 356 17.91 11.19 -22.09
CA HIS A 356 18.58 10.70 -23.29
C HIS A 356 19.74 11.58 -23.76
N PRO A 357 19.73 12.87 -23.39
CA PRO A 357 20.95 13.65 -23.65
C PRO A 357 22.22 13.06 -23.02
N LEU A 358 22.08 12.20 -22.02
CA LEU A 358 23.23 11.50 -21.43
C LEU A 358 24.01 10.73 -22.48
N LEU A 359 23.28 10.23 -23.49
CA LEU A 359 23.85 9.26 -24.42
C LEU A 359 24.90 9.89 -25.34
N PRO A 360 26.03 9.19 -25.54
CA PRO A 360 27.11 9.69 -26.41
C PRO A 360 26.75 9.53 -27.88
N ASP A 361 27.59 10.06 -28.77
CA ASP A 361 27.36 9.91 -30.21
C ASP A 361 27.83 8.53 -30.66
N THR A 362 28.83 8.00 -29.98
CA THR A 362 29.28 6.63 -30.20
C THR A 362 29.68 6.00 -28.87
N PHE A 363 29.61 4.68 -28.79
CA PHE A 363 30.00 3.95 -27.59
C PHE A 363 31.38 3.35 -27.76
N GLN A 364 32.27 3.68 -26.85
CA GLN A 364 33.67 3.29 -26.94
C GLN A 364 34.00 2.20 -25.94
N ILE A 365 34.21 0.98 -26.45
CA ILE A 365 34.66 -0.14 -25.63
C ILE A 365 36.08 -0.53 -26.03
N HIS A 366 36.99 -0.50 -25.06
CA HIS A 366 38.40 -0.73 -25.31
C HIS A 366 38.89 0.25 -26.38
N ASP A 367 39.41 -0.26 -27.50
CA ASP A 367 39.93 0.59 -28.56
C ASP A 367 38.96 0.75 -29.73
N GLN A 368 37.77 0.19 -29.59
CA GLN A 368 36.78 0.20 -30.68
C GLN A 368 35.66 1.22 -30.43
N LYS A 369 35.06 1.69 -31.52
CA LYS A 369 33.94 2.62 -31.47
C LYS A 369 32.70 1.98 -32.09
N TYR A 370 31.55 2.22 -31.48
CA TYR A 370 30.27 1.71 -31.99
C TYR A 370 29.24 2.81 -32.11
N ASN A 371 28.59 2.89 -33.27
CA ASN A 371 27.42 3.76 -33.43
C ASN A 371 26.20 3.02 -32.92
N TYR A 372 25.03 3.65 -33.03
CA TYR A 372 23.81 3.08 -32.48
C TYR A 372 23.33 1.87 -33.26
N GLN A 373 23.60 1.85 -34.57
CA GLN A 373 23.19 0.74 -35.41
C GLN A 373 23.93 -0.53 -35.01
N GLN A 374 25.20 -0.38 -34.68
CA GLN A 374 26.05 -1.51 -34.30
C GLN A 374 25.86 -1.89 -32.84
N PHE A 375 25.59 -0.90 -32.00
CA PHE A 375 25.58 -1.09 -30.55
C PHE A 375 24.26 -1.65 -30.03
N ILE A 376 23.15 -1.16 -30.55
CA ILE A 376 21.84 -1.54 -30.04
C ILE A 376 21.52 -3.00 -30.37
N TYR A 377 21.00 -3.71 -29.38
CA TYR A 377 20.59 -5.11 -29.51
C TYR A 377 21.75 -6.04 -29.86
N ASN A 378 22.98 -5.61 -29.58
CA ASN A 378 24.16 -6.40 -29.93
C ASN A 378 24.90 -6.95 -28.71
N ASN A 379 24.46 -8.12 -28.24
CA ASN A 379 25.11 -8.77 -27.11
C ASN A 379 26.45 -9.40 -27.50
N SER A 380 26.75 -9.47 -28.80
CA SER A 380 28.05 -9.98 -29.25
C SER A 380 29.16 -9.11 -28.69
N ILE A 381 28.89 -7.81 -28.62
CA ILE A 381 29.85 -6.86 -28.08
C ILE A 381 30.17 -7.19 -26.64
N LEU A 382 29.12 -7.48 -25.86
CA LEU A 382 29.29 -7.80 -24.45
C LEU A 382 30.19 -9.02 -24.27
N LEU A 383 29.95 -10.05 -25.07
CA LEU A 383 30.73 -11.27 -25.00
C LEU A 383 32.14 -11.06 -25.52
N GLU A 384 32.29 -10.21 -26.53
CA GLU A 384 33.59 -9.92 -27.12
C GLU A 384 34.56 -9.33 -26.09
N HIS A 385 34.12 -8.30 -25.36
CA HIS A 385 34.99 -7.57 -24.46
C HIS A 385 34.94 -8.07 -23.03
N GLY A 386 33.79 -8.61 -22.63
CA GLY A 386 33.59 -9.05 -21.26
C GLY A 386 33.20 -7.89 -20.37
N ILE A 387 32.77 -8.20 -19.15
CA ILE A 387 32.27 -7.18 -18.23
C ILE A 387 33.39 -6.25 -17.76
N THR A 388 34.56 -6.81 -17.47
CA THR A 388 35.68 -6.02 -16.95
C THR A 388 36.03 -4.89 -17.90
N GLN A 389 36.16 -5.21 -19.19
CA GLN A 389 36.46 -4.20 -20.21
C GLN A 389 35.34 -3.18 -20.32
N PHE A 390 34.09 -3.65 -20.22
CA PHE A 390 32.94 -2.76 -20.27
C PHE A 390 32.99 -1.72 -19.14
N VAL A 391 33.24 -2.19 -17.93
CA VAL A 391 33.30 -1.32 -16.76
C VAL A 391 34.44 -0.31 -16.90
N GLU A 392 35.60 -0.77 -17.34
CA GLU A 392 36.76 0.10 -17.50
C GLU A 392 36.51 1.16 -18.57
N SER A 393 35.88 0.74 -19.67
CA SER A 393 35.58 1.66 -20.76
C SER A 393 34.50 2.66 -20.37
N PHE A 394 33.41 2.17 -19.79
CA PHE A 394 32.29 3.03 -19.42
C PHE A 394 32.65 4.00 -18.32
N THR A 395 33.56 3.59 -17.45
CA THR A 395 34.02 4.46 -16.37
C THR A 395 34.75 5.67 -16.95
N ARG A 396 35.41 5.46 -18.08
CA ARG A 396 36.20 6.48 -18.71
C ARG A 396 35.45 7.37 -19.68
N GLN A 397 34.38 6.89 -20.25
CA GLN A 397 33.64 7.67 -21.25
C GLN A 397 32.65 8.63 -20.60
N ILE A 398 32.78 9.91 -20.95
CA ILE A 398 31.95 10.97 -20.40
C ILE A 398 30.53 10.91 -20.97
N ALA A 399 29.55 11.26 -20.14
CA ALA A 399 28.15 11.34 -20.56
C ALA A 399 27.81 12.75 -21.00
N GLY A 400 26.67 12.90 -21.67
CA GLY A 400 26.23 14.20 -22.14
C GLY A 400 25.46 14.97 -21.08
N ARG A 401 25.47 16.30 -21.20
CA ARG A 401 24.74 17.17 -20.30
C ARG A 401 23.24 17.09 -20.58
N VAL A 402 22.42 17.08 -19.54
CA VAL A 402 20.98 16.88 -19.70
C VAL A 402 20.23 18.19 -19.93
N ALA A 403 20.47 19.18 -19.07
CA ALA A 403 19.88 20.50 -19.25
C ALA A 403 20.75 21.32 -20.20
N GLY A 404 20.24 22.48 -20.62
CA GLY A 404 20.99 23.37 -21.48
C GLY A 404 20.55 23.32 -22.93
N GLY A 405 19.70 22.36 -23.26
CA GLY A 405 19.09 22.29 -24.58
C GLY A 405 19.97 21.68 -25.66
N ARG A 406 19.34 21.26 -26.75
CA ARG A 406 20.03 20.81 -27.96
C ARG A 406 21.12 19.78 -27.71
N ASN A 407 20.79 18.70 -27.01
CA ASN A 407 21.77 17.66 -26.74
C ASN A 407 21.19 16.25 -26.78
N VAL A 408 20.02 16.08 -27.41
CA VAL A 408 19.47 14.75 -27.64
C VAL A 408 20.07 14.14 -28.90
N PRO A 409 20.69 12.95 -28.79
CA PRO A 409 21.25 12.31 -29.99
C PRO A 409 20.18 12.05 -31.05
N PRO A 410 20.48 12.30 -32.33
CA PRO A 410 19.48 12.07 -33.39
C PRO A 410 18.94 10.64 -33.41
N ALA A 411 19.75 9.69 -32.94
CA ALA A 411 19.36 8.28 -32.93
C ALA A 411 18.10 8.03 -32.08
N VAL A 412 17.90 8.85 -31.06
CA VAL A 412 16.74 8.72 -30.17
C VAL A 412 15.85 9.95 -30.24
N GLN A 413 15.88 10.62 -31.39
CA GLN A 413 15.08 11.83 -31.59
C GLN A 413 13.58 11.55 -31.43
N LYS A 414 13.13 10.43 -31.98
CA LYS A 414 11.70 10.09 -31.97
C LYS A 414 11.21 9.76 -30.56
N VAL A 415 12.13 9.38 -29.68
CA VAL A 415 11.77 9.13 -28.28
C VAL A 415 11.37 10.43 -27.60
N SER A 416 12.10 11.49 -27.90
CA SER A 416 11.80 12.81 -27.33
C SER A 416 10.44 13.30 -27.81
N GLN A 417 10.17 13.07 -29.09
CA GLN A 417 8.90 13.47 -29.67
C GLN A 417 7.74 12.73 -29.02
N ALA A 418 7.92 11.43 -28.83
CA ALA A 418 6.90 10.59 -28.21
C ALA A 418 6.66 11.01 -26.76
N SER A 419 7.74 11.39 -26.08
CA SER A 419 7.64 11.84 -24.69
C SER A 419 6.75 13.07 -24.60
N ILE A 420 6.85 13.95 -25.59
CA ILE A 420 6.01 15.14 -25.64
C ILE A 420 4.58 14.76 -25.98
N ASP A 421 4.40 13.96 -27.02
CA ASP A 421 3.08 13.55 -27.46
C ASP A 421 2.32 12.86 -26.34
N GLN A 422 2.99 11.94 -25.67
CA GLN A 422 2.37 11.14 -24.63
C GLN A 422 1.97 12.00 -23.43
N SER A 423 2.77 13.02 -23.12
CA SER A 423 2.44 13.93 -22.04
C SER A 423 1.21 14.75 -22.42
N ARG A 424 1.04 15.01 -23.72
CA ARG A 424 -0.16 15.68 -24.21
C ARG A 424 -1.37 14.77 -24.15
N GLN A 425 -1.17 13.48 -24.43
CA GLN A 425 -2.24 12.51 -24.30
C GLN A 425 -2.73 12.43 -22.85
N MET A 426 -1.80 12.53 -21.92
CA MET A 426 -2.13 12.44 -20.50
C MET A 426 -2.51 13.81 -19.91
N LYS A 427 -2.59 14.82 -20.77
CA LYS A 427 -3.05 16.15 -20.38
C LYS A 427 -2.26 16.76 -19.22
N TYR A 428 -0.93 16.77 -19.36
CA TYR A 428 -0.08 17.44 -18.38
C TYR A 428 -0.36 18.93 -18.33
N GLN A 429 -0.29 19.50 -17.13
CA GLN A 429 -0.33 20.95 -17.00
C GLN A 429 1.01 21.53 -17.44
N SER A 430 1.12 22.85 -17.46
CA SER A 430 2.32 23.52 -17.96
C SER A 430 3.52 23.35 -17.03
N PHE A 431 4.68 23.67 -17.59
CA PHE A 431 5.94 23.65 -16.84
C PHE A 431 5.90 24.57 -15.62
N ASN A 432 5.36 25.77 -15.78
CA ASN A 432 5.27 26.71 -14.66
C ASN A 432 4.31 26.21 -13.58
N GLU A 433 3.29 25.47 -13.98
CA GLU A 433 2.37 24.88 -13.00
C GLU A 433 3.11 23.86 -12.15
N TYR A 434 4.02 23.11 -12.77
CA TYR A 434 4.80 22.12 -12.05
C TYR A 434 5.90 22.77 -11.21
N ARG A 435 6.38 23.93 -11.65
CA ARG A 435 7.30 24.73 -10.83
C ARG A 435 6.62 25.06 -9.51
N LYS A 436 5.42 25.63 -9.59
CA LYS A 436 4.68 26.07 -8.42
C LYS A 436 4.31 24.88 -7.52
N ARG A 437 3.94 23.76 -8.14
CA ARG A 437 3.58 22.55 -7.40
C ARG A 437 4.70 22.11 -6.45
N PHE A 438 5.94 22.38 -6.83
CA PHE A 438 7.09 22.01 -5.99
C PHE A 438 7.78 23.25 -5.43
N MET A 439 6.96 24.26 -5.11
CA MET A 439 7.40 25.43 -4.37
C MET A 439 8.53 26.19 -5.05
N LEU A 440 8.50 26.22 -6.38
CA LEU A 440 9.43 27.04 -7.16
C LEU A 440 8.70 28.25 -7.72
N LYS A 441 9.42 29.37 -7.82
CA LYS A 441 8.85 30.57 -8.40
C LYS A 441 8.69 30.36 -9.91
N PRO A 442 7.49 30.60 -10.45
CA PRO A 442 7.31 30.43 -11.90
C PRO A 442 8.16 31.37 -12.72
N TYR A 443 8.65 30.90 -13.87
CA TYR A 443 9.45 31.74 -14.75
C TYR A 443 8.58 32.80 -15.41
N GLU A 444 9.15 33.98 -15.58
CA GLU A 444 8.42 35.15 -16.07
C GLU A 444 8.75 35.46 -17.53
N SER A 445 9.78 34.82 -18.06
CA SER A 445 10.14 35.01 -19.46
C SER A 445 10.94 33.81 -19.97
N PHE A 446 10.94 33.64 -21.29
CA PHE A 446 11.68 32.54 -21.92
C PHE A 446 13.18 32.73 -21.70
N GLU A 447 13.61 33.98 -21.65
CA GLU A 447 15.01 34.30 -21.41
C GLU A 447 15.43 33.93 -20.00
N GLU A 448 14.50 34.07 -19.05
CA GLU A 448 14.75 33.68 -17.68
C GLU A 448 14.90 32.17 -17.58
N LEU A 449 14.08 31.44 -18.32
CA LEU A 449 14.12 29.98 -18.32
C LEU A 449 15.46 29.46 -18.84
N THR A 450 15.83 29.87 -20.05
CA THR A 450 17.03 29.36 -20.71
C THR A 450 18.28 30.13 -20.30
N GLY A 451 18.11 31.38 -19.87
CA GLY A 451 19.24 32.22 -19.52
C GLY A 451 20.08 32.51 -20.76
N GLU A 452 19.40 32.74 -21.87
CA GLU A 452 20.04 32.75 -23.17
C GLU A 452 19.07 33.35 -24.21
N LYS A 453 19.56 33.64 -25.42
CA LYS A 453 18.78 34.34 -26.43
C LYS A 453 18.26 33.47 -27.59
N GLU A 454 19.03 32.46 -27.98
CA GLU A 454 18.72 31.69 -29.18
C GLU A 454 17.48 30.81 -29.02
N MET A 455 17.53 29.90 -28.04
CA MET A 455 16.43 28.98 -27.77
C MET A 455 15.21 29.67 -27.18
N SER A 456 15.45 30.63 -26.29
CA SER A 456 14.35 31.40 -25.71
C SER A 456 13.57 32.12 -26.81
N ALA A 457 14.27 32.52 -27.86
CA ALA A 457 13.64 33.15 -29.01
C ALA A 457 12.80 32.13 -29.78
N GLU A 458 13.38 30.96 -30.01
CA GLU A 458 12.67 29.87 -30.66
C GLU A 458 11.44 29.48 -29.87
N LEU A 459 11.59 29.39 -28.56
CA LEU A 459 10.50 29.03 -27.66
C LEU A 459 9.35 30.02 -27.74
N GLU A 460 9.68 31.31 -27.79
CA GLU A 460 8.66 32.35 -27.84
C GLU A 460 7.86 32.27 -29.13
N ALA A 461 8.52 31.85 -30.21
CA ALA A 461 7.85 31.72 -31.50
C ALA A 461 6.93 30.50 -31.54
N LEU A 462 7.28 29.48 -30.76
CA LEU A 462 6.53 28.23 -30.76
C LEU A 462 5.34 28.25 -29.80
N TYR A 463 5.55 28.79 -28.59
CA TYR A 463 4.52 28.77 -27.55
C TYR A 463 3.81 30.11 -27.40
N GLY A 464 4.54 31.21 -27.58
CA GLY A 464 3.98 32.53 -27.42
C GLY A 464 4.07 33.02 -25.98
N ASP A 465 3.47 32.28 -25.07
CA ASP A 465 3.44 32.63 -23.65
C ASP A 465 4.31 31.70 -22.83
N ILE A 466 5.03 32.26 -21.85
CA ILE A 466 5.90 31.46 -20.99
C ILE A 466 5.10 30.44 -20.20
N ASP A 467 3.84 30.77 -19.90
CA ASP A 467 2.97 29.88 -19.13
C ASP A 467 2.39 28.77 -20.00
N ALA A 468 2.82 28.70 -21.26
CA ALA A 468 2.34 27.69 -22.20
C ALA A 468 3.41 26.65 -22.49
N VAL A 469 4.64 26.89 -22.05
CA VAL A 469 5.72 25.93 -22.24
C VAL A 469 5.39 24.64 -21.48
N GLU A 470 5.62 23.51 -22.14
CA GLU A 470 5.32 22.21 -21.55
C GLU A 470 6.44 21.71 -20.66
N LEU A 471 6.11 20.72 -19.83
CA LEU A 471 7.04 20.20 -18.82
C LEU A 471 8.33 19.66 -19.42
N TYR A 472 8.21 18.70 -20.33
CA TYR A 472 9.39 17.97 -20.80
C TYR A 472 10.36 18.84 -21.60
N PRO A 473 9.85 19.63 -22.56
CA PRO A 473 10.77 20.48 -23.31
C PRO A 473 11.52 21.46 -22.42
N ALA A 474 10.78 22.10 -21.50
CA ALA A 474 11.36 23.10 -20.61
C ALA A 474 12.46 22.51 -19.73
N LEU A 475 12.29 21.26 -19.31
CA LEU A 475 13.27 20.62 -18.45
C LEU A 475 14.62 20.47 -19.14
N LEU A 476 14.60 20.25 -20.45
CA LEU A 476 15.83 20.00 -21.20
C LEU A 476 16.48 21.27 -21.76
N VAL A 477 15.71 22.35 -21.87
CA VAL A 477 16.25 23.63 -22.33
C VAL A 477 16.52 24.59 -21.17
N GLU A 478 16.15 24.19 -19.96
CA GLU A 478 16.32 25.07 -18.80
C GLU A 478 17.79 25.37 -18.55
N LYS A 479 18.07 26.56 -18.02
CA LYS A 479 19.42 26.96 -17.69
C LYS A 479 20.04 25.99 -16.67
N PRO A 480 21.14 25.33 -17.05
CA PRO A 480 21.82 24.47 -16.08
C PRO A 480 22.37 25.26 -14.90
N ARG A 481 22.42 24.63 -13.72
CA ARG A 481 23.10 25.25 -12.60
C ARG A 481 24.59 25.24 -12.88
N PRO A 482 25.36 26.10 -12.19
CA PRO A 482 26.78 26.28 -12.50
C PRO A 482 27.55 24.96 -12.56
N ASP A 483 28.00 24.61 -13.76
CA ASP A 483 28.75 23.38 -13.99
C ASP A 483 27.99 22.14 -13.50
N ALA A 484 26.66 22.23 -13.59
CA ALA A 484 25.80 21.12 -13.17
C ALA A 484 25.22 20.41 -14.40
N ILE A 485 24.76 19.19 -14.20
CA ILE A 485 24.14 18.42 -15.26
C ILE A 485 22.69 18.88 -15.49
N PHE A 486 22.03 19.31 -14.42
CA PHE A 486 20.62 19.69 -14.47
C PHE A 486 20.36 21.14 -14.10
N GLY A 487 19.19 21.63 -14.48
CA GLY A 487 18.69 22.90 -14.00
C GLY A 487 17.92 22.72 -12.70
N GLU A 488 17.42 23.82 -12.15
CA GLU A 488 16.73 23.83 -10.87
C GLU A 488 15.52 22.92 -10.82
N THR A 489 14.68 22.98 -11.84
CA THR A 489 13.39 22.29 -11.80
C THR A 489 13.55 20.77 -11.81
N MET A 490 14.50 20.26 -12.58
CA MET A 490 14.76 18.83 -12.62
C MET A 490 15.05 18.30 -11.22
N VAL A 491 15.95 18.97 -10.51
CA VAL A 491 16.35 18.56 -9.17
C VAL A 491 15.20 18.66 -8.18
N GLU A 492 14.52 19.80 -8.17
CA GLU A 492 13.52 20.08 -7.15
C GLU A 492 12.24 19.27 -7.33
N VAL A 493 11.96 18.84 -8.55
CA VAL A 493 10.79 18.01 -8.81
C VAL A 493 11.15 16.53 -8.67
N GLY A 494 12.34 16.16 -9.10
CA GLY A 494 12.76 14.77 -9.09
C GLY A 494 13.12 14.23 -7.72
N ALA A 495 13.77 15.05 -6.89
CA ALA A 495 14.28 14.59 -5.60
C ALA A 495 13.17 14.02 -4.70
N PRO A 496 12.02 14.73 -4.59
CA PRO A 496 10.95 14.17 -3.77
C PRO A 496 10.46 12.80 -4.25
N PHE A 497 10.24 12.65 -5.56
CA PHE A 497 9.79 11.36 -6.09
C PHE A 497 10.79 10.26 -5.76
N SER A 498 12.07 10.57 -5.95
CA SER A 498 13.14 9.60 -5.75
C SER A 498 13.23 9.10 -4.31
N LEU A 499 13.36 10.02 -3.37
CA LEU A 499 13.56 9.66 -1.97
C LEU A 499 12.35 8.95 -1.41
N LYS A 500 11.17 9.29 -1.91
CA LYS A 500 9.94 8.64 -1.50
C LYS A 500 9.94 7.19 -1.96
N GLY A 501 10.44 6.95 -3.16
CA GLY A 501 10.52 5.60 -3.70
C GLY A 501 11.58 4.76 -3.00
N LEU A 502 12.58 5.43 -2.43
CA LEU A 502 13.69 4.75 -1.77
C LEU A 502 13.38 4.42 -0.31
N MET A 503 13.02 5.44 0.48
CA MET A 503 12.75 5.25 1.89
C MET A 503 11.35 4.69 2.13
N GLY A 504 10.50 4.80 1.12
CA GLY A 504 9.14 4.29 1.21
C GLY A 504 9.09 2.77 1.13
N ASN A 505 10.21 2.17 0.70
CA ASN A 505 10.30 0.71 0.58
C ASN A 505 10.07 0.02 1.92
N VAL A 506 9.43 -1.15 1.87
CA VAL A 506 9.06 -1.89 3.09
C VAL A 506 10.26 -2.28 3.96
N ILE A 507 11.43 -2.54 3.37
CA ILE A 507 12.57 -2.96 4.17
C ILE A 507 13.05 -1.84 5.07
N CYS A 508 12.63 -0.61 4.78
CA CYS A 508 13.02 0.55 5.57
C CYS A 508 12.11 0.74 6.78
N SER A 509 11.00 0.00 6.82
CA SER A 509 10.07 0.11 7.94
C SER A 509 10.68 -0.56 9.16
N PRO A 510 10.35 -0.07 10.36
CA PRO A 510 10.98 -0.59 11.58
C PRO A 510 10.79 -2.09 11.79
N ALA A 511 9.71 -2.65 11.26
CA ALA A 511 9.43 -4.07 11.44
C ALA A 511 10.39 -4.93 10.61
N TYR A 512 10.86 -4.37 9.49
CA TYR A 512 11.75 -5.10 8.59
C TYR A 512 13.24 -4.81 8.81
N TRP A 513 13.57 -3.58 9.20
CA TRP A 513 14.97 -3.17 9.31
C TRP A 513 15.63 -3.81 10.54
N LYS A 514 15.82 -5.12 10.45
CA LYS A 514 16.46 -5.91 11.50
C LYS A 514 17.43 -6.88 10.85
N PRO A 515 18.49 -7.29 11.57
CA PRO A 515 19.41 -8.26 10.96
C PRO A 515 18.73 -9.59 10.62
N SER A 516 17.73 -9.98 11.41
CA SER A 516 17.03 -11.25 11.19
C SER A 516 16.32 -11.29 9.84
N THR A 517 15.89 -10.13 9.38
CA THR A 517 15.22 -10.01 8.08
C THR A 517 16.15 -10.45 6.95
N PHE A 518 17.46 -10.31 7.19
CA PHE A 518 18.47 -10.53 6.16
C PHE A 518 19.37 -11.71 6.48
N GLY A 519 18.91 -12.59 7.38
CA GLY A 519 19.63 -13.80 7.69
C GLY A 519 20.74 -13.61 8.72
N GLY A 520 20.68 -12.50 9.45
CA GLY A 520 21.64 -12.23 10.51
C GLY A 520 22.54 -11.04 10.22
N GLU A 521 23.56 -10.87 11.04
CA GLU A 521 24.43 -9.70 10.96
C GLU A 521 25.26 -9.68 9.68
N VAL A 522 25.69 -10.85 9.22
CA VAL A 522 26.48 -10.95 7.99
C VAL A 522 25.65 -10.40 6.83
N GLY A 523 24.42 -10.88 6.71
CA GLY A 523 23.51 -10.40 5.67
C GLY A 523 23.25 -8.92 5.79
N PHE A 524 22.96 -8.47 7.01
CA PHE A 524 22.68 -7.06 7.26
C PHE A 524 23.88 -6.19 6.88
N GLN A 525 25.09 -6.72 7.11
CA GLN A 525 26.32 -5.97 6.84
C GLN A 525 26.53 -5.76 5.35
N ILE A 526 26.14 -6.74 4.54
CA ILE A 526 26.29 -6.62 3.08
C ILE A 526 25.58 -5.37 2.59
N ILE A 527 24.39 -5.13 3.12
CA ILE A 527 23.61 -3.95 2.77
C ILE A 527 24.35 -2.68 3.19
N ASN A 528 24.72 -2.63 4.47
CA ASN A 528 25.22 -1.40 5.06
C ASN A 528 26.66 -1.07 4.67
N THR A 529 27.30 -1.94 3.90
CA THR A 529 28.65 -1.67 3.40
C THR A 529 28.69 -1.72 1.87
N ALA A 530 27.51 -1.74 1.25
CA ALA A 530 27.44 -1.79 -0.19
C ALA A 530 27.81 -0.45 -0.82
N SER A 531 28.48 -0.52 -1.96
CA SER A 531 28.83 0.65 -2.75
C SER A 531 28.90 0.21 -4.20
N ILE A 532 28.92 1.17 -5.12
CA ILE A 532 29.02 0.82 -6.53
C ILE A 532 30.38 0.18 -6.81
N GLN A 533 31.40 0.59 -6.05
CA GLN A 533 32.74 0.05 -6.23
C GLN A 533 32.79 -1.39 -5.75
N SER A 534 32.20 -1.66 -4.59
CA SER A 534 32.22 -3.02 -4.03
C SER A 534 31.35 -3.96 -4.86
N LEU A 535 30.30 -3.42 -5.48
CA LEU A 535 29.45 -4.22 -6.37
C LEU A 535 30.27 -4.74 -7.55
N ILE A 536 31.02 -3.85 -8.16
CA ILE A 536 31.88 -4.22 -9.27
C ILE A 536 33.01 -5.13 -8.79
N CYS A 537 33.60 -4.78 -7.65
CA CYS A 537 34.75 -5.51 -7.12
C CYS A 537 34.44 -6.98 -6.83
N ASN A 538 33.26 -7.24 -6.25
CA ASN A 538 32.91 -8.61 -5.87
C ASN A 538 32.45 -9.49 -7.02
N ASN A 539 32.06 -8.89 -8.15
CA ASN A 539 31.44 -9.63 -9.23
C ASN A 539 32.09 -9.44 -10.60
N VAL A 540 33.03 -8.52 -10.71
CA VAL A 540 33.74 -8.31 -11.98
C VAL A 540 35.20 -8.75 -11.84
N LYS A 541 35.65 -9.51 -12.82
CA LYS A 541 36.99 -10.07 -12.82
C LYS A 541 38.05 -8.98 -12.83
N GLY A 542 39.00 -9.08 -11.91
CA GLY A 542 40.09 -8.12 -11.83
C GLY A 542 39.83 -7.00 -10.84
N CYS A 543 38.57 -6.89 -10.41
CA CYS A 543 38.16 -5.82 -9.49
C CYS A 543 38.64 -4.47 -9.98
N PRO A 544 38.23 -4.08 -11.20
CA PRO A 544 38.63 -2.79 -11.76
C PRO A 544 38.07 -1.64 -10.94
N PHE A 545 38.76 -0.51 -10.94
CA PHE A 545 38.24 0.70 -10.32
C PHE A 545 37.02 1.17 -11.10
N THR A 546 36.00 1.63 -10.39
CA THR A 546 34.86 2.27 -11.04
C THR A 546 34.31 3.40 -10.19
N SER A 547 33.43 4.17 -10.81
CA SER A 547 32.87 5.37 -10.22
C SER A 547 31.80 5.87 -11.16
N PHE A 548 30.98 6.82 -10.70
CA PHE A 548 29.94 7.38 -11.56
C PHE A 548 30.44 8.62 -12.29
N SER A 549 31.67 9.04 -12.00
CA SER A 549 32.31 10.13 -12.75
C SER A 549 33.65 9.70 -13.33
N VAL A 550 34.07 10.39 -14.38
CA VAL A 550 35.32 10.07 -15.05
C VAL A 550 36.52 10.37 -14.15
N PRO A 551 37.56 9.51 -14.17
CA PRO A 551 38.75 9.74 -13.34
C PRO A 551 39.46 11.05 -13.69
N ASN B 1 14.14 -28.33 13.96
CA ASN B 1 14.10 -26.87 13.86
C ASN B 1 13.98 -26.24 15.25
N PRO B 2 15.06 -25.60 15.74
CA PRO B 2 15.06 -25.08 17.12
C PRO B 2 13.97 -24.04 17.39
N CYS B 3 13.47 -23.39 16.34
CA CYS B 3 12.45 -22.36 16.50
C CYS B 3 11.06 -22.95 16.72
N CYS B 4 10.93 -24.26 16.60
CA CYS B 4 9.64 -24.94 16.80
C CYS B 4 9.04 -24.68 18.18
N SER B 5 9.90 -24.43 19.16
CA SER B 5 9.45 -24.21 20.54
C SER B 5 9.00 -22.77 20.76
N HIS B 6 9.17 -21.94 19.73
CA HIS B 6 8.87 -20.51 19.83
C HIS B 6 9.64 -19.86 21.00
N PRO B 7 10.98 -19.99 20.99
CA PRO B 7 11.81 -19.51 22.10
C PRO B 7 11.69 -18.01 22.36
N CYS B 8 11.71 -17.23 21.29
CA CYS B 8 11.80 -15.77 21.40
C CYS B 8 10.51 -15.16 21.94
N GLN B 9 10.67 -14.27 22.91
CA GLN B 9 9.54 -13.61 23.56
C GLN B 9 9.44 -12.14 23.16
N ASN B 10 8.30 -11.54 23.48
CA ASN B 10 8.10 -10.10 23.31
C ASN B 10 8.42 -9.61 21.90
N ARG B 11 7.89 -10.32 20.90
CA ARG B 11 7.98 -9.94 19.50
C ARG B 11 9.36 -10.16 18.89
N GLY B 12 10.28 -10.71 19.67
CA GLY B 12 11.60 -11.05 19.15
C GLY B 12 11.50 -12.05 18.01
N VAL B 13 12.42 -11.96 17.05
CA VAL B 13 12.37 -12.80 15.86
C VAL B 13 13.35 -13.96 15.96
N CYS B 14 12.82 -15.18 15.84
CA CYS B 14 13.63 -16.39 15.91
C CYS B 14 14.22 -16.72 14.55
N MET B 15 15.49 -17.09 14.54
CA MET B 15 16.18 -17.48 13.32
C MET B 15 17.05 -18.70 13.62
N SER B 16 17.06 -19.65 12.69
CA SER B 16 17.88 -20.84 12.85
C SER B 16 19.34 -20.52 12.53
N VAL B 17 20.24 -21.02 13.35
CA VAL B 17 21.68 -20.91 13.10
C VAL B 17 22.27 -22.30 13.13
N GLY B 18 22.73 -22.78 11.98
CA GLY B 18 23.17 -24.16 11.88
C GLY B 18 21.99 -25.08 12.04
N PHE B 19 22.25 -26.35 12.32
CA PHE B 19 21.18 -27.35 12.40
C PHE B 19 20.60 -27.52 13.80
N ASP B 20 21.22 -26.89 14.80
CA ASP B 20 20.81 -27.13 16.19
C ASP B 20 20.88 -25.91 17.11
N GLN B 21 21.10 -24.72 16.55
CA GLN B 21 21.08 -23.49 17.34
C GLN B 21 20.10 -22.47 16.78
N TYR B 22 19.68 -21.54 17.63
CA TYR B 22 18.81 -20.45 17.23
C TYR B 22 19.28 -19.12 17.80
N LYS B 23 18.98 -18.05 17.08
CA LYS B 23 19.28 -16.70 17.51
C LYS B 23 18.00 -15.91 17.61
N CYS B 24 17.88 -15.09 18.65
CA CYS B 24 16.72 -14.21 18.82
C CYS B 24 17.09 -12.77 18.54
N ASP B 25 16.47 -12.20 17.52
CA ASP B 25 16.65 -10.79 17.19
C ASP B 25 15.73 -9.96 18.09
N CYS B 26 16.34 -9.24 19.03
CA CYS B 26 15.60 -8.49 20.03
C CYS B 26 15.48 -7.00 19.68
N THR B 27 15.86 -6.66 18.46
CA THR B 27 15.85 -5.27 18.00
C THR B 27 14.52 -4.57 18.29
N ARG B 28 14.59 -3.47 19.04
CA ARG B 28 13.44 -2.59 19.25
C ARG B 28 12.30 -3.25 20.04
N THR B 29 12.55 -4.43 20.60
CA THR B 29 11.53 -5.12 21.39
C THR B 29 11.37 -4.49 22.78
N GLY B 30 12.41 -3.80 23.23
CA GLY B 30 12.43 -3.27 24.58
C GLY B 30 12.94 -4.32 25.54
N PHE B 31 13.45 -5.42 24.99
CA PHE B 31 13.98 -6.52 25.77
C PHE B 31 15.31 -6.98 25.21
N TYR B 32 16.03 -7.79 25.98
CA TYR B 32 17.26 -8.41 25.52
C TYR B 32 17.43 -9.74 26.21
N GLY B 33 18.53 -10.44 25.91
CA GLY B 33 18.77 -11.77 26.42
C GLY B 33 18.63 -12.81 25.33
N GLU B 34 18.98 -14.05 25.65
CA GLU B 34 18.93 -15.13 24.67
C GLU B 34 17.56 -15.26 24.03
N ASN B 35 16.52 -14.96 24.80
CA ASN B 35 15.14 -15.13 24.34
C ASN B 35 14.33 -13.84 24.44
N CYS B 36 15.03 -12.72 24.58
CA CYS B 36 14.38 -11.42 24.70
C CYS B 36 13.41 -11.40 25.89
N SER B 37 13.81 -12.04 26.98
CA SER B 37 12.97 -12.16 28.15
C SER B 37 13.34 -11.15 29.23
N THR B 38 14.52 -10.52 29.08
CA THR B 38 14.99 -9.55 30.07
C THR B 38 14.58 -8.13 29.67
N PRO B 39 13.67 -7.50 30.43
CA PRO B 39 13.22 -6.14 30.11
C PRO B 39 14.29 -5.08 30.36
N GLU B 40 14.33 -4.07 29.49
CA GLU B 40 15.20 -2.92 29.70
C GLU B 40 14.65 -2.09 30.87
N PHE B 41 15.41 -1.09 31.29
CA PHE B 41 15.01 -0.28 32.44
C PHE B 41 13.70 0.45 32.17
N LEU B 42 13.64 1.17 31.06
CA LEU B 42 12.44 1.89 30.67
C LEU B 42 11.27 0.96 30.44
N THR B 43 11.56 -0.17 29.86
CA THR B 43 10.55 -1.19 29.63
C THR B 43 9.89 -1.56 30.94
N ARG B 44 10.71 -1.76 31.97
CA ARG B 44 10.24 -2.16 33.28
C ARG B 44 9.30 -1.13 33.89
N ILE B 45 9.66 0.14 33.76
CA ILE B 45 8.81 1.23 34.24
C ILE B 45 7.47 1.18 33.52
N LYS B 46 7.51 1.18 32.19
CA LYS B 46 6.30 1.09 31.39
C LYS B 46 5.46 -0.11 31.79
N LEU B 47 6.15 -1.21 31.99
CA LEU B 47 5.50 -2.44 32.36
C LEU B 47 4.82 -2.35 33.69
N PHE B 48 5.38 -1.56 34.58
CA PHE B 48 4.86 -1.34 35.92
C PHE B 48 3.71 -0.36 35.91
N LEU B 49 3.76 0.63 35.03
CA LEU B 49 2.77 1.70 34.99
C LEU B 49 1.55 1.38 34.13
N LYS B 50 1.61 0.29 33.37
CA LYS B 50 0.51 -0.07 32.48
C LYS B 50 -0.57 -0.89 33.20
N PRO B 51 -1.82 -0.40 33.21
CA PRO B 51 -2.93 -1.16 33.80
C PRO B 51 -3.38 -2.31 32.90
N THR B 52 -3.79 -3.42 33.51
CA THR B 52 -4.20 -4.60 32.77
C THR B 52 -5.45 -4.31 31.93
N PRO B 53 -5.62 -5.02 30.80
CA PRO B 53 -6.83 -4.83 29.97
C PRO B 53 -8.14 -4.96 30.75
N ASN B 54 -8.19 -5.87 31.72
CA ASN B 54 -9.39 -6.04 32.52
C ASN B 54 -9.67 -4.83 33.41
N THR B 55 -8.63 -4.03 33.66
CA THR B 55 -8.78 -2.81 34.46
C THR B 55 -9.35 -1.69 33.61
N VAL B 56 -8.69 -1.43 32.47
CA VAL B 56 -9.15 -0.39 31.55
C VAL B 56 -10.54 -0.70 31.01
N HIS B 57 -10.89 -1.99 30.98
CA HIS B 57 -12.23 -2.39 30.58
C HIS B 57 -13.25 -1.96 31.63
N TYR B 58 -12.97 -2.32 32.89
CA TYR B 58 -13.87 -2.01 33.99
C TYR B 58 -14.13 -0.51 34.09
N ILE B 59 -13.08 0.29 33.92
CA ILE B 59 -13.20 1.74 34.01
C ILE B 59 -14.07 2.28 32.89
N LEU B 60 -13.85 1.79 31.68
CA LEU B 60 -14.59 2.27 30.52
C LEU B 60 -16.04 1.79 30.52
N THR B 61 -16.31 0.69 31.23
CA THR B 61 -17.66 0.12 31.28
C THR B 61 -18.42 0.57 32.53
N HIS B 62 -17.80 1.42 33.35
CA HIS B 62 -18.44 1.95 34.55
C HIS B 62 -18.24 3.46 34.65
N PHE B 63 -18.66 4.04 35.77
CA PHE B 63 -18.51 5.47 36.03
C PHE B 63 -19.26 6.25 34.95
N LYS B 64 -20.53 5.92 34.79
CA LYS B 64 -21.34 6.41 33.67
C LYS B 64 -21.47 7.92 33.72
N GLY B 65 -21.76 8.45 34.91
CA GLY B 65 -21.93 9.88 35.10
C GLY B 65 -20.66 10.65 34.83
N PHE B 66 -19.52 10.01 35.06
CA PHE B 66 -18.22 10.62 34.81
C PHE B 66 -17.96 10.79 33.31
N TRP B 67 -18.27 9.75 32.55
CA TRP B 67 -17.98 9.76 31.12
C TRP B 67 -18.82 10.79 30.37
N ASN B 68 -20.02 11.05 30.85
CA ASN B 68 -20.90 12.04 30.22
C ASN B 68 -20.26 13.42 30.17
N VAL B 69 -19.53 13.77 31.22
CA VAL B 69 -18.87 15.08 31.30
C VAL B 69 -17.61 15.07 30.45
N VAL B 70 -16.93 13.92 30.41
CA VAL B 70 -15.78 13.75 29.52
C VAL B 70 -16.23 13.85 28.08
N ASN B 71 -17.29 13.12 27.75
CA ASN B 71 -17.80 13.04 26.39
C ASN B 71 -18.20 14.41 25.85
N ASN B 72 -18.50 15.34 26.74
CA ASN B 72 -18.90 16.69 26.37
C ASN B 72 -17.75 17.70 26.48
N ILE B 73 -16.54 17.20 26.71
CA ILE B 73 -15.34 18.03 26.68
C ILE B 73 -14.44 17.55 25.52
N PRO B 74 -14.40 18.32 24.42
CA PRO B 74 -13.64 17.96 23.21
C PRO B 74 -12.19 17.61 23.47
N PHE B 75 -11.45 18.52 24.09
CA PHE B 75 -10.04 18.33 24.38
C PHE B 75 -9.79 16.99 25.06
N LEU B 76 -10.67 16.65 26.01
CA LEU B 76 -10.51 15.43 26.77
C LEU B 76 -10.93 14.24 25.92
N ARG B 77 -12.07 14.35 25.24
CA ARG B 77 -12.56 13.26 24.41
C ARG B 77 -11.57 12.94 23.29
N ASN B 78 -11.09 13.99 22.62
CA ASN B 78 -10.12 13.84 21.55
C ASN B 78 -8.82 13.16 22.03
N ALA B 79 -8.35 13.56 23.20
CA ALA B 79 -7.12 13.00 23.75
C ALA B 79 -7.29 11.52 24.08
N ILE B 80 -8.41 11.17 24.70
CA ILE B 80 -8.70 9.78 25.03
C ILE B 80 -8.76 8.95 23.75
N MET B 81 -9.64 9.34 22.83
CA MET B 81 -9.85 8.60 21.59
C MET B 81 -8.55 8.45 20.80
N SER B 82 -7.77 9.52 20.76
CA SER B 82 -6.48 9.50 20.07
C SER B 82 -5.60 8.39 20.64
N TYR B 83 -5.60 8.24 21.96
CA TYR B 83 -4.83 7.19 22.61
C TYR B 83 -5.39 5.81 22.29
N VAL B 84 -6.71 5.70 22.26
CA VAL B 84 -7.36 4.44 21.90
C VAL B 84 -6.84 3.91 20.57
N LEU B 85 -6.69 4.82 19.60
CA LEU B 85 -6.26 4.44 18.27
C LEU B 85 -4.79 4.02 18.23
N THR B 86 -3.92 4.87 18.76
CA THR B 86 -2.48 4.64 18.70
C THR B 86 -2.05 3.41 19.50
N SER B 87 -2.61 3.24 20.69
CA SER B 87 -2.24 2.12 21.55
C SER B 87 -2.51 0.78 20.87
N ARG B 88 -3.73 0.60 20.36
CA ARG B 88 -4.11 -0.65 19.71
C ARG B 88 -3.32 -0.87 18.42
N SER B 89 -3.12 0.21 17.66
CA SER B 89 -2.51 0.11 16.33
C SER B 89 -1.04 -0.32 16.38
N HIS B 90 -0.36 -0.03 17.47
CA HIS B 90 1.04 -0.40 17.61
C HIS B 90 1.22 -1.92 17.64
N LEU B 91 0.13 -2.65 17.87
CA LEU B 91 0.18 -4.11 17.96
C LEU B 91 0.16 -4.78 16.59
N ILE B 92 -0.10 -4.00 15.55
CA ILE B 92 -0.15 -4.52 14.18
C ILE B 92 1.07 -4.09 13.39
N ASP B 93 1.69 -5.06 12.71
CA ASP B 93 2.78 -4.75 11.79
C ASP B 93 2.21 -4.19 10.49
N SER B 94 2.69 -3.01 10.12
CA SER B 94 2.19 -2.30 8.95
C SER B 94 3.31 -1.47 8.33
N PRO B 95 3.74 -1.78 7.09
CA PRO B 95 3.27 -2.84 6.18
C PRO B 95 3.43 -4.25 6.77
N PRO B 96 2.66 -5.22 6.23
CA PRO B 96 2.55 -6.57 6.78
C PRO B 96 3.81 -7.39 6.58
N THR B 97 3.87 -8.53 7.26
CA THR B 97 5.05 -9.39 7.24
C THR B 97 4.72 -10.80 6.75
N TYR B 98 4.33 -11.68 7.66
CA TYR B 98 4.20 -13.10 7.37
C TYR B 98 2.88 -13.45 6.69
N ASN B 99 2.85 -14.62 6.04
CA ASN B 99 1.60 -15.26 5.64
C ASN B 99 1.70 -16.76 5.87
N ALA B 100 0.71 -17.52 5.38
CA ALA B 100 0.65 -18.96 5.64
C ALA B 100 1.88 -19.70 5.09
N ASP B 101 2.46 -19.18 4.02
CA ASP B 101 3.58 -19.85 3.36
C ASP B 101 4.96 -19.35 3.80
N TYR B 102 4.99 -18.32 4.64
CA TYR B 102 6.26 -17.71 5.02
C TYR B 102 6.35 -17.32 6.49
N GLY B 103 7.20 -18.05 7.22
CA GLY B 103 7.44 -17.80 8.63
C GLY B 103 8.64 -16.89 8.85
N TYR B 104 9.26 -16.48 7.73
CA TYR B 104 10.31 -15.48 7.75
C TYR B 104 9.90 -14.35 6.81
N LYS B 105 10.46 -13.16 7.01
CA LYS B 105 10.16 -12.04 6.13
C LYS B 105 10.65 -12.34 4.72
N SER B 106 9.82 -12.03 3.73
CA SER B 106 10.20 -12.22 2.33
C SER B 106 9.41 -11.29 1.44
N TRP B 107 9.93 -11.05 0.23
CA TRP B 107 9.25 -10.15 -0.69
C TRP B 107 7.98 -10.78 -1.24
N GLU B 108 7.95 -12.10 -1.35
CA GLU B 108 6.75 -12.80 -1.80
C GLU B 108 5.61 -12.55 -0.82
N ALA B 109 5.91 -12.66 0.47
CA ALA B 109 4.91 -12.50 1.51
C ALA B 109 4.43 -11.05 1.63
N PHE B 110 5.34 -10.10 1.48
CA PHE B 110 4.95 -8.70 1.51
C PHE B 110 4.09 -8.31 0.30
N SER B 111 4.56 -8.69 -0.88
CA SER B 111 4.04 -8.12 -2.13
C SER B 111 2.80 -8.81 -2.67
N ASN B 112 2.64 -10.10 -2.36
CA ASN B 112 1.56 -10.87 -2.94
C ASN B 112 0.24 -10.64 -2.19
N LEU B 113 -0.63 -9.84 -2.81
CA LEU B 113 -1.86 -9.39 -2.17
C LEU B 113 -2.93 -10.48 -2.08
N SER B 114 -2.69 -11.63 -2.70
CA SER B 114 -3.68 -12.70 -2.70
C SER B 114 -3.72 -13.45 -1.36
N TYR B 115 -2.68 -13.31 -0.55
CA TYR B 115 -2.63 -13.92 0.77
C TYR B 115 -3.29 -13.04 1.83
N TYR B 116 -4.02 -13.67 2.75
CA TYR B 116 -4.24 -13.05 4.05
C TYR B 116 -2.86 -12.93 4.69
N THR B 117 -2.63 -11.88 5.46
CA THR B 117 -1.37 -11.77 6.19
C THR B 117 -1.53 -12.47 7.54
N ARG B 118 -0.45 -12.51 8.31
CA ARG B 118 -0.42 -13.26 9.55
C ARG B 118 0.23 -12.49 10.70
N ALA B 119 -0.51 -12.33 11.78
CA ALA B 119 -0.01 -11.62 12.96
C ALA B 119 1.07 -12.45 13.64
N LEU B 120 0.93 -13.77 13.58
CA LEU B 120 1.99 -14.68 14.03
C LEU B 120 2.37 -15.61 12.89
N PRO B 121 3.69 -15.85 12.73
CA PRO B 121 4.14 -16.74 11.65
C PRO B 121 3.60 -18.14 11.82
N PRO B 122 3.47 -18.90 10.72
CA PRO B 122 3.00 -20.27 10.83
C PRO B 122 4.02 -21.16 11.54
N VAL B 123 3.55 -22.22 12.18
CA VAL B 123 4.46 -23.21 12.74
C VAL B 123 5.28 -23.82 11.61
N PRO B 124 6.59 -24.00 11.81
CA PRO B 124 7.43 -24.64 10.78
C PRO B 124 6.87 -25.99 10.34
N ASP B 125 7.28 -26.42 9.15
CA ASP B 125 6.64 -27.57 8.48
C ASP B 125 6.83 -28.88 9.23
N ASP B 126 7.97 -29.04 9.90
CA ASP B 126 8.29 -30.29 10.57
C ASP B 126 8.71 -30.08 12.02
N CYS B 127 7.72 -29.79 12.86
CA CYS B 127 7.94 -29.71 14.31
C CYS B 127 7.46 -30.98 14.96
N PRO B 128 7.91 -31.26 16.20
CA PRO B 128 7.40 -32.42 16.94
C PRO B 128 5.88 -32.43 17.04
N THR B 129 5.30 -31.28 17.38
CA THR B 129 3.85 -31.11 17.42
C THR B 129 3.40 -30.20 16.27
N PRO B 130 2.16 -30.38 15.78
CA PRO B 130 1.63 -29.41 14.81
C PRO B 130 1.59 -27.97 15.35
N LEU B 131 1.58 -27.81 16.67
CA LEU B 131 1.62 -26.48 17.28
C LEU B 131 3.04 -26.08 17.64
N GLY B 132 4.00 -26.93 17.32
CA GLY B 132 5.37 -26.73 17.72
C GLY B 132 6.07 -27.89 18.42
N VAL B 133 6.09 -27.79 19.73
CA VAL B 133 6.57 -28.89 20.54
C VAL B 133 5.51 -29.25 21.55
N LYS B 134 4.71 -28.30 21.91
CA LYS B 134 3.70 -28.53 22.95
C LYS B 134 2.45 -29.24 22.44
N GLY B 135 2.11 -30.35 23.08
CA GLY B 135 0.91 -31.09 22.77
C GLY B 135 1.17 -32.49 22.23
N LYS B 136 0.10 -33.21 21.94
CA LYS B 136 0.17 -34.55 21.36
C LYS B 136 0.50 -34.47 19.88
N LYS B 137 1.13 -35.53 19.35
CA LYS B 137 1.49 -35.59 17.94
C LYS B 137 0.31 -35.30 17.00
N GLN B 138 -0.87 -35.77 17.40
CA GLN B 138 -2.09 -35.52 16.63
C GLN B 138 -3.00 -34.56 17.38
N LEU B 139 -3.63 -33.66 16.63
CA LEU B 139 -4.59 -32.72 17.22
C LEU B 139 -5.90 -33.44 17.50
N PRO B 140 -6.65 -32.99 18.52
CA PRO B 140 -7.94 -33.62 18.85
C PRO B 140 -8.89 -33.57 17.66
N ASP B 141 -9.78 -34.55 17.57
CA ASP B 141 -10.73 -34.65 16.46
C ASP B 141 -11.59 -33.39 16.38
N SER B 142 -11.68 -32.83 15.16
CA SER B 142 -12.41 -31.60 14.94
C SER B 142 -13.88 -31.71 15.34
N ASN B 143 -14.51 -32.83 15.00
CA ASN B 143 -15.92 -33.04 15.29
C ASN B 143 -16.20 -33.04 16.78
N GLU B 144 -15.36 -33.74 17.55
CA GLU B 144 -15.55 -33.85 18.99
C GLU B 144 -15.47 -32.49 19.68
N ILE B 145 -14.51 -31.67 19.29
CA ILE B 145 -14.34 -30.34 19.88
C ILE B 145 -15.61 -29.52 19.67
N VAL B 146 -16.19 -29.61 18.48
CA VAL B 146 -17.42 -28.90 18.18
C VAL B 146 -18.56 -29.40 19.06
N GLU B 147 -18.69 -30.73 19.15
CA GLU B 147 -19.78 -31.34 19.90
C GLU B 147 -19.61 -31.13 21.40
N LYS B 148 -18.39 -31.31 21.90
CA LYS B 148 -18.14 -31.29 23.33
C LYS B 148 -18.08 -29.88 23.91
N LEU B 149 -17.70 -28.89 23.11
CA LEU B 149 -17.43 -27.54 23.62
C LEU B 149 -18.19 -26.41 22.95
N LEU B 150 -18.51 -26.55 21.67
CA LEU B 150 -19.05 -25.43 20.89
C LEU B 150 -20.52 -25.59 20.52
N LEU B 151 -20.97 -26.83 20.35
CA LEU B 151 -22.33 -27.08 19.88
C LEU B 151 -23.35 -26.63 20.91
N ARG B 152 -24.43 -26.01 20.42
CA ARG B 152 -25.44 -25.40 21.26
C ARG B 152 -26.34 -26.44 21.93
N ARG B 153 -26.70 -26.17 23.19
CA ARG B 153 -27.68 -26.98 23.91
C ARG B 153 -29.01 -26.23 23.97
N LYS B 154 -29.03 -25.16 24.77
CA LYS B 154 -30.13 -24.21 24.76
C LYS B 154 -29.58 -22.85 24.39
N PHE B 155 -30.38 -22.06 23.68
CA PHE B 155 -29.95 -20.74 23.23
C PHE B 155 -29.56 -19.86 24.40
N ILE B 156 -28.33 -19.34 24.37
CA ILE B 156 -27.85 -18.42 25.38
C ILE B 156 -27.91 -16.99 24.86
N PRO B 157 -28.83 -16.17 25.41
CA PRO B 157 -28.94 -14.76 24.98
C PRO B 157 -27.66 -13.95 25.24
N ASP B 158 -27.55 -12.80 24.61
CA ASP B 158 -26.42 -11.90 24.83
C ASP B 158 -26.75 -10.86 25.92
N PRO B 159 -26.00 -10.89 27.03
CA PRO B 159 -26.22 -9.93 28.13
C PRO B 159 -26.15 -8.47 27.68
N GLN B 160 -25.35 -8.17 26.67
CA GLN B 160 -25.20 -6.80 26.19
C GLN B 160 -26.38 -6.39 25.34
N GLY B 161 -27.22 -7.36 24.98
CA GLY B 161 -28.49 -7.09 24.31
C GLY B 161 -28.40 -7.00 22.79
N SER B 162 -27.31 -7.51 22.22
CA SER B 162 -27.10 -7.44 20.77
C SER B 162 -28.25 -8.10 20.00
N ASN B 163 -28.82 -7.36 19.05
CA ASN B 163 -29.93 -7.86 18.24
C ASN B 163 -29.48 -8.35 16.87
N MET B 164 -30.43 -8.69 16.01
CA MET B 164 -30.11 -9.24 14.69
C MET B 164 -29.67 -8.15 13.72
N MET B 165 -30.09 -6.91 13.99
CA MET B 165 -29.60 -5.78 13.22
C MET B 165 -28.09 -5.67 13.39
N PHE B 166 -27.61 -6.11 14.55
CA PHE B 166 -26.19 -6.10 14.84
C PHE B 166 -25.49 -7.33 14.24
N ALA B 167 -26.13 -8.48 14.36
CA ALA B 167 -25.56 -9.73 13.87
C ALA B 167 -25.36 -9.70 12.35
N PHE B 168 -26.34 -9.18 11.64
CA PHE B 168 -26.28 -9.14 10.18
C PHE B 168 -25.43 -7.96 9.67
N PHE B 169 -25.34 -6.90 10.46
CA PHE B 169 -24.45 -5.80 10.11
C PHE B 169 -23.01 -6.30 10.16
N ALA B 170 -22.71 -7.12 11.15
CA ALA B 170 -21.38 -7.68 11.32
C ALA B 170 -21.03 -8.58 10.14
N GLN B 171 -21.97 -9.39 9.70
CA GLN B 171 -21.74 -10.29 8.58
C GLN B 171 -21.55 -9.51 7.29
N HIS B 172 -22.44 -8.54 7.07
CA HIS B 172 -22.40 -7.72 5.86
C HIS B 172 -21.10 -6.91 5.78
N PHE B 173 -20.83 -6.14 6.84
CA PHE B 173 -19.67 -5.26 6.85
C PHE B 173 -18.37 -6.02 6.68
N THR B 174 -18.17 -7.09 7.45
CA THR B 174 -16.89 -7.79 7.46
C THR B 174 -16.67 -8.61 6.20
N HIS B 175 -17.74 -8.97 5.50
CA HIS B 175 -17.61 -9.83 4.33
C HIS B 175 -17.14 -9.08 3.09
N GLN B 176 -16.79 -7.81 3.26
CA GLN B 176 -16.15 -7.07 2.17
C GLN B 176 -14.64 -7.27 2.20
N PHE B 177 -14.10 -7.63 3.36
CA PHE B 177 -12.67 -7.93 3.47
C PHE B 177 -12.39 -9.37 3.93
N PHE B 178 -13.42 -10.09 4.34
CA PHE B 178 -13.32 -11.54 4.53
C PHE B 178 -13.93 -12.24 3.33
N LYS B 179 -13.11 -12.46 2.31
CA LYS B 179 -13.56 -13.07 1.06
C LYS B 179 -12.62 -14.21 0.70
N THR B 180 -12.68 -15.25 1.52
CA THR B 180 -11.77 -16.38 1.42
C THR B 180 -11.89 -17.07 0.06
N ASP B 181 -10.75 -17.30 -0.58
CA ASP B 181 -10.72 -17.89 -1.92
C ASP B 181 -10.50 -19.40 -1.82
N HIS B 182 -11.58 -20.14 -1.62
CA HIS B 182 -11.49 -21.58 -1.37
C HIS B 182 -11.07 -22.35 -2.62
N LYS B 183 -11.00 -21.66 -3.75
CA LYS B 183 -10.40 -22.22 -4.96
C LYS B 183 -8.92 -22.49 -4.72
N ARG B 184 -8.27 -21.57 -4.01
CA ARG B 184 -6.85 -21.65 -3.77
C ARG B 184 -6.57 -22.26 -2.44
N GLY B 185 -7.42 -21.97 -1.49
CA GLY B 185 -7.25 -22.44 -0.13
C GLY B 185 -7.58 -21.36 0.88
N PRO B 186 -7.64 -21.72 2.17
CA PRO B 186 -8.03 -20.77 3.22
C PRO B 186 -7.00 -19.66 3.45
N ALA B 187 -5.80 -19.81 2.89
CA ALA B 187 -4.74 -18.82 3.07
C ALA B 187 -4.91 -17.63 2.12
N PHE B 188 -5.83 -17.76 1.17
CA PHE B 188 -5.97 -16.76 0.11
C PHE B 188 -7.30 -16.01 0.18
N THR B 189 -7.28 -14.76 -0.30
CA THR B 189 -8.45 -13.90 -0.28
C THR B 189 -8.73 -13.32 -1.66
N ASN B 190 -10.00 -13.03 -1.92
CA ASN B 190 -10.41 -12.33 -3.13
C ASN B 190 -10.53 -10.82 -2.91
N GLY B 191 -10.37 -10.39 -1.67
CA GLY B 191 -10.50 -8.98 -1.32
C GLY B 191 -9.18 -8.25 -1.40
N LEU B 192 -8.73 -7.97 -2.62
CA LEU B 192 -7.41 -7.38 -2.84
C LEU B 192 -7.32 -5.94 -2.33
N GLY B 193 -8.46 -5.35 -1.99
CA GLY B 193 -8.48 -4.04 -1.38
C GLY B 193 -8.04 -4.10 0.08
N HIS B 194 -8.16 -5.29 0.66
CA HIS B 194 -7.72 -5.55 2.04
C HIS B 194 -8.24 -4.51 3.04
N GLY B 195 -9.53 -4.21 2.97
CA GLY B 195 -10.12 -3.30 3.92
C GLY B 195 -11.51 -2.82 3.54
N VAL B 196 -11.84 -1.61 3.99
CA VAL B 196 -13.17 -1.05 3.79
C VAL B 196 -13.25 -0.25 2.49
N ASP B 197 -13.37 -0.97 1.37
CA ASP B 197 -13.51 -0.33 0.06
C ASP B 197 -14.94 -0.43 -0.46
N LEU B 198 -15.80 -1.09 0.32
CA LEU B 198 -17.20 -1.34 -0.05
C LEU B 198 -17.32 -2.09 -1.36
N ASN B 199 -16.41 -3.01 -1.62
CA ASN B 199 -16.50 -3.86 -2.81
C ASN B 199 -17.73 -4.77 -2.75
N HIS B 200 -18.24 -4.99 -1.53
CA HIS B 200 -19.43 -5.82 -1.36
C HIS B 200 -20.68 -5.09 -1.84
N ILE B 201 -20.55 -3.80 -2.12
CA ILE B 201 -21.62 -3.02 -2.73
C ILE B 201 -21.36 -2.82 -4.22
N TYR B 202 -20.14 -2.40 -4.56
CA TYR B 202 -19.82 -1.95 -5.91
C TYR B 202 -19.12 -3.00 -6.78
N GLY B 203 -18.70 -4.11 -6.17
CA GLY B 203 -17.99 -5.15 -6.88
C GLY B 203 -16.49 -5.01 -6.73
N GLU B 204 -15.80 -6.14 -6.79
CA GLU B 204 -14.35 -6.18 -6.60
C GLU B 204 -13.61 -5.62 -7.82
N THR B 205 -14.10 -5.95 -9.02
CA THR B 205 -13.45 -5.55 -10.26
C THR B 205 -14.23 -4.45 -10.98
N LEU B 206 -13.55 -3.73 -11.85
CA LEU B 206 -14.18 -2.67 -12.64
C LEU B 206 -15.24 -3.25 -13.56
N ALA B 207 -15.03 -4.49 -13.99
CA ALA B 207 -15.96 -5.15 -14.91
C ALA B 207 -17.30 -5.41 -14.23
N ARG B 208 -17.25 -5.85 -12.97
CA ARG B 208 -18.47 -6.11 -12.22
C ARG B 208 -19.16 -4.81 -11.82
N GLN B 209 -18.37 -3.78 -11.53
CA GLN B 209 -18.92 -2.47 -11.21
C GLN B 209 -19.73 -1.92 -12.37
N ARG B 210 -19.21 -2.05 -13.58
CA ARG B 210 -19.88 -1.55 -14.77
C ARG B 210 -21.23 -2.26 -14.99
N LYS B 211 -21.30 -3.53 -14.58
CA LYS B 211 -22.54 -4.29 -14.71
C LYS B 211 -23.60 -3.83 -13.71
N LEU B 212 -23.16 -3.25 -12.59
CA LEU B 212 -24.08 -2.85 -11.53
C LEU B 212 -24.46 -1.37 -11.61
N ARG B 213 -23.65 -0.57 -12.30
CA ARG B 213 -23.90 0.87 -12.39
C ARG B 213 -24.97 1.19 -13.43
N LEU B 214 -25.67 2.31 -13.23
CA LEU B 214 -26.69 2.77 -14.15
C LEU B 214 -26.08 3.67 -15.22
N PHE B 215 -24.97 4.32 -14.88
CA PHE B 215 -24.28 5.27 -15.76
C PHE B 215 -25.16 6.47 -16.09
N LYS B 216 -26.14 6.73 -15.24
CA LYS B 216 -26.88 7.97 -15.25
C LYS B 216 -26.88 8.53 -13.83
N ASP B 217 -26.47 9.78 -13.68
CA ASP B 217 -26.53 10.48 -12.40
C ASP B 217 -25.69 9.80 -11.30
N GLY B 218 -24.70 9.01 -11.70
CA GLY B 218 -23.79 8.39 -10.75
C GLY B 218 -24.38 7.20 -10.02
N LYS B 219 -25.62 6.85 -10.37
CA LYS B 219 -26.37 5.87 -9.59
C LYS B 219 -26.04 4.42 -9.93
N MET B 220 -26.48 3.53 -9.05
CA MET B 220 -26.40 2.09 -9.26
C MET B 220 -27.75 1.56 -9.74
N LYS B 221 -27.72 0.49 -10.53
CA LYS B 221 -28.96 -0.12 -11.04
C LYS B 221 -29.82 -0.61 -9.87
N TYR B 222 -31.14 -0.68 -10.11
CA TYR B 222 -32.08 -1.11 -9.09
C TYR B 222 -33.42 -1.51 -9.70
N GLN B 223 -34.25 -2.17 -8.90
CA GLN B 223 -35.65 -2.43 -9.27
C GLN B 223 -36.57 -1.66 -8.33
N ILE B 224 -37.73 -1.27 -8.84
CA ILE B 224 -38.80 -0.77 -7.98
C ILE B 224 -39.86 -1.86 -7.86
N ILE B 225 -39.95 -2.46 -6.67
CA ILE B 225 -40.92 -3.51 -6.41
C ILE B 225 -41.78 -3.10 -5.22
N ASP B 226 -43.09 -3.11 -5.41
CA ASP B 226 -44.04 -2.68 -4.39
C ASP B 226 -43.76 -1.24 -3.96
N GLY B 227 -43.29 -0.43 -4.91
CA GLY B 227 -43.05 0.98 -4.66
C GLY B 227 -41.77 1.27 -3.91
N GLU B 228 -40.91 0.26 -3.75
CA GLU B 228 -39.64 0.43 -3.03
C GLU B 228 -38.45 -0.07 -3.84
N MET B 229 -37.30 0.54 -3.59
CA MET B 229 -36.08 0.24 -4.31
C MET B 229 -35.40 -1.02 -3.80
N TYR B 230 -35.04 -1.90 -4.73
CA TYR B 230 -34.31 -3.13 -4.42
C TYR B 230 -33.17 -3.29 -5.41
N PRO B 231 -32.21 -4.18 -5.10
CA PRO B 231 -31.13 -4.39 -6.07
C PRO B 231 -31.64 -5.02 -7.37
N PRO B 232 -30.86 -4.89 -8.45
CA PRO B 232 -31.25 -5.43 -9.76
C PRO B 232 -31.06 -6.94 -9.82
N THR B 233 -31.50 -7.55 -10.92
CA THR B 233 -31.38 -9.00 -11.09
C THR B 233 -30.09 -9.38 -11.79
N VAL B 234 -29.72 -10.64 -11.68
CA VAL B 234 -28.59 -11.18 -12.43
C VAL B 234 -28.83 -11.03 -13.92
N LYS B 235 -30.09 -11.17 -14.33
CA LYS B 235 -30.45 -11.19 -15.75
C LYS B 235 -30.32 -9.80 -16.38
N ASP B 236 -30.62 -8.77 -15.61
CA ASP B 236 -30.53 -7.39 -16.11
C ASP B 236 -29.10 -6.85 -16.06
N THR B 237 -28.26 -7.45 -15.21
CA THR B 237 -26.90 -6.97 -15.01
C THR B 237 -25.86 -7.89 -15.63
N GLN B 238 -26.18 -9.18 -15.70
CA GLN B 238 -25.22 -10.22 -16.08
C GLN B 238 -24.12 -10.35 -15.02
N ALA B 239 -24.35 -9.74 -13.85
CA ALA B 239 -23.43 -9.87 -12.74
C ALA B 239 -23.73 -11.18 -12.01
N GLU B 240 -22.84 -12.15 -12.17
CA GLU B 240 -23.07 -13.48 -11.62
C GLU B 240 -23.21 -13.45 -10.11
N MET B 241 -24.05 -14.34 -9.59
CA MET B 241 -24.27 -14.49 -8.17
C MET B 241 -24.28 -15.97 -7.82
N ILE B 242 -24.11 -16.28 -6.54
CA ILE B 242 -24.22 -17.65 -6.06
C ILE B 242 -25.66 -17.92 -5.65
N TYR B 243 -26.36 -18.70 -6.47
CA TYR B 243 -27.72 -19.11 -6.17
C TYR B 243 -27.91 -20.59 -6.51
N PRO B 244 -28.67 -21.30 -5.67
CA PRO B 244 -29.02 -22.68 -6.05
C PRO B 244 -30.04 -22.70 -7.19
N PRO B 245 -30.09 -23.78 -7.97
CA PRO B 245 -30.99 -23.89 -9.13
C PRO B 245 -32.45 -23.57 -8.82
N GLN B 246 -32.87 -23.85 -7.58
CA GLN B 246 -34.25 -23.65 -7.16
C GLN B 246 -34.70 -22.21 -7.33
N VAL B 247 -33.84 -21.28 -6.91
CA VAL B 247 -34.19 -19.87 -6.90
C VAL B 247 -34.64 -19.39 -8.27
N PRO B 248 -35.81 -18.74 -8.35
CA PRO B 248 -36.30 -18.23 -9.63
C PRO B 248 -35.53 -17.01 -10.11
N GLU B 249 -35.43 -16.84 -11.42
CA GLU B 249 -34.64 -15.77 -12.04
C GLU B 249 -35.00 -14.38 -11.49
N HIS B 250 -36.28 -14.17 -11.20
CA HIS B 250 -36.75 -12.84 -10.80
C HIS B 250 -36.39 -12.50 -9.37
N LEU B 251 -35.94 -13.50 -8.61
CA LEU B 251 -35.51 -13.28 -7.22
C LEU B 251 -34.00 -13.39 -7.07
N ARG B 252 -33.29 -13.50 -8.20
CA ARG B 252 -31.84 -13.58 -8.18
C ARG B 252 -31.24 -12.18 -8.17
N PHE B 253 -31.18 -11.58 -6.99
CA PHE B 253 -30.66 -10.23 -6.84
C PHE B 253 -29.16 -10.18 -7.05
N ALA B 254 -28.70 -9.16 -7.76
CA ALA B 254 -27.28 -8.94 -8.01
C ALA B 254 -26.77 -7.75 -7.20
N VAL B 255 -25.79 -8.02 -6.34
CA VAL B 255 -25.11 -6.98 -5.58
C VAL B 255 -23.60 -7.22 -5.65
N GLY B 256 -22.84 -6.29 -5.08
CA GLY B 256 -21.38 -6.33 -5.15
C GLY B 256 -20.79 -7.68 -4.79
N GLN B 257 -21.22 -8.22 -3.65
CA GLN B 257 -20.70 -9.49 -3.15
C GLN B 257 -21.50 -10.68 -3.66
N GLU B 258 -20.79 -11.62 -4.30
CA GLU B 258 -21.40 -12.76 -4.97
C GLU B 258 -22.23 -13.64 -4.02
N VAL B 259 -21.93 -13.59 -2.74
CA VAL B 259 -22.50 -14.55 -1.79
C VAL B 259 -23.66 -13.99 -0.98
N PHE B 260 -24.00 -12.72 -1.18
CA PHE B 260 -24.98 -12.06 -0.31
C PHE B 260 -26.42 -12.50 -0.59
N GLY B 261 -26.61 -13.39 -1.56
CA GLY B 261 -27.92 -13.97 -1.79
C GLY B 261 -28.17 -15.15 -0.87
N LEU B 262 -27.19 -15.44 -0.01
CA LEU B 262 -27.20 -16.61 0.86
C LEU B 262 -28.18 -16.45 2.01
N VAL B 263 -28.33 -15.22 2.53
CA VAL B 263 -29.34 -14.95 3.55
C VAL B 263 -30.01 -13.58 3.37
N PRO B 264 -31.34 -13.52 3.61
CA PRO B 264 -32.08 -12.26 3.51
C PRO B 264 -31.54 -11.15 4.40
N GLY B 265 -30.91 -11.52 5.51
CA GLY B 265 -30.30 -10.55 6.41
C GLY B 265 -29.24 -9.76 5.69
N LEU B 266 -28.45 -10.44 4.86
CA LEU B 266 -27.42 -9.79 4.07
C LEU B 266 -28.05 -8.93 2.99
N MET B 267 -29.06 -9.47 2.33
CA MET B 267 -29.70 -8.78 1.23
C MET B 267 -30.42 -7.52 1.72
N MET B 268 -30.87 -7.54 2.97
CA MET B 268 -31.49 -6.37 3.56
C MET B 268 -30.51 -5.21 3.59
N TYR B 269 -29.36 -5.44 4.22
CA TYR B 269 -28.35 -4.39 4.32
C TYR B 269 -27.82 -4.00 2.94
N ALA B 270 -27.71 -4.98 2.05
CA ALA B 270 -27.29 -4.70 0.67
C ALA B 270 -28.27 -3.74 0.02
N THR B 271 -29.55 -3.95 0.28
CA THR B 271 -30.60 -3.08 -0.22
C THR B 271 -30.47 -1.69 0.38
N ILE B 272 -30.32 -1.61 1.68
CA ILE B 272 -30.25 -0.33 2.39
C ILE B 272 -29.07 0.52 1.89
N TRP B 273 -27.90 -0.08 1.75
CA TRP B 273 -26.73 0.65 1.29
C TRP B 273 -26.87 1.07 -0.18
N LEU B 274 -27.55 0.23 -0.96
CA LEU B 274 -27.84 0.57 -2.35
C LEU B 274 -28.69 1.84 -2.42
N ARG B 275 -29.70 1.90 -1.57
CA ARG B 275 -30.56 3.08 -1.49
C ARG B 275 -29.74 4.29 -1.07
N GLU B 276 -28.81 4.07 -0.13
CA GLU B 276 -27.99 5.16 0.38
C GLU B 276 -27.12 5.75 -0.71
N HIS B 277 -26.51 4.91 -1.54
CA HIS B 277 -25.68 5.39 -2.63
C HIS B 277 -26.48 6.28 -3.58
N ASN B 278 -27.65 5.81 -3.98
CA ASN B 278 -28.49 6.55 -4.90
C ASN B 278 -29.07 7.81 -4.25
N ARG B 279 -29.29 7.76 -2.93
CA ARG B 279 -29.73 8.95 -2.20
C ARG B 279 -28.64 10.02 -2.24
N VAL B 280 -27.39 9.59 -2.04
CA VAL B 280 -26.27 10.53 -2.01
C VAL B 280 -26.04 11.14 -3.39
N CYS B 281 -26.31 10.36 -4.44
CA CYS B 281 -26.22 10.87 -5.80
C CYS B 281 -27.17 12.04 -6.02
N ASP B 282 -28.39 11.92 -5.52
CA ASP B 282 -29.37 13.00 -5.63
C ASP B 282 -28.87 14.26 -4.93
N VAL B 283 -28.34 14.09 -3.72
CA VAL B 283 -27.78 15.20 -2.96
C VAL B 283 -26.66 15.90 -3.73
N LEU B 284 -25.71 15.11 -4.23
CA LEU B 284 -24.56 15.67 -4.94
C LEU B 284 -24.98 16.34 -6.24
N LYS B 285 -26.01 15.79 -6.88
CA LYS B 285 -26.53 16.37 -8.12
C LYS B 285 -27.07 17.77 -7.87
N GLN B 286 -27.82 17.92 -6.79
CA GLN B 286 -28.33 19.22 -6.37
C GLN B 286 -27.16 20.16 -6.08
N GLU B 287 -26.12 19.64 -5.44
CA GLU B 287 -24.94 20.42 -5.12
C GLU B 287 -24.09 20.70 -6.36
N HIS B 288 -24.13 19.78 -7.32
CA HIS B 288 -23.28 19.88 -8.51
C HIS B 288 -24.04 19.52 -9.78
N PRO B 289 -24.88 20.43 -10.28
CA PRO B 289 -25.62 20.17 -11.52
C PRO B 289 -24.69 20.03 -12.72
N GLU B 290 -23.47 20.52 -12.59
CA GLU B 290 -22.49 20.49 -13.68
C GLU B 290 -21.74 19.17 -13.74
N TRP B 291 -21.82 18.37 -12.67
CA TRP B 291 -21.11 17.10 -12.61
C TRP B 291 -21.70 16.06 -13.54
N GLY B 292 -20.84 15.19 -14.06
CA GLY B 292 -21.26 14.07 -14.88
C GLY B 292 -21.49 12.84 -14.03
N ASP B 293 -21.96 11.77 -14.67
CA ASP B 293 -22.27 10.53 -13.98
C ASP B 293 -21.04 9.93 -13.28
N GLU B 294 -19.88 9.98 -13.94
CA GLU B 294 -18.67 9.38 -13.39
C GLU B 294 -18.28 10.03 -12.07
N GLN B 295 -18.16 11.36 -12.06
CA GLN B 295 -17.76 12.06 -10.83
C GLN B 295 -18.82 11.92 -9.75
N LEU B 296 -20.09 11.82 -10.17
CA LEU B 296 -21.18 11.62 -9.22
C LEU B 296 -21.05 10.27 -8.54
N PHE B 297 -20.75 9.24 -9.33
CA PHE B 297 -20.61 7.89 -8.79
C PHE B 297 -19.42 7.80 -7.84
N GLN B 298 -18.26 8.30 -8.28
CA GLN B 298 -17.04 8.14 -7.50
C GLN B 298 -17.11 8.93 -6.19
N THR B 299 -17.69 10.12 -6.23
CA THR B 299 -17.79 10.93 -5.01
C THR B 299 -18.76 10.28 -4.02
N SER B 300 -19.85 9.72 -4.53
CA SER B 300 -20.82 9.04 -3.67
C SER B 300 -20.18 7.85 -2.96
N ARG B 301 -19.32 7.13 -3.67
CA ARG B 301 -18.62 5.99 -3.10
C ARG B 301 -17.72 6.40 -1.94
N LEU B 302 -16.97 7.48 -2.13
CA LEU B 302 -16.11 7.99 -1.07
C LEU B 302 -16.93 8.41 0.15
N ILE B 303 -18.09 9.02 -0.09
CA ILE B 303 -18.98 9.42 0.99
C ILE B 303 -19.48 8.19 1.74
N LEU B 304 -19.89 7.16 1.01
CA LEU B 304 -20.41 5.94 1.63
C LEU B 304 -19.33 5.17 2.37
N ILE B 305 -18.09 5.26 1.92
CA ILE B 305 -16.97 4.65 2.64
C ILE B 305 -16.82 5.34 3.99
N GLY B 306 -16.80 6.67 3.99
CA GLY B 306 -16.73 7.44 5.21
C GLY B 306 -17.92 7.17 6.12
N GLU B 307 -19.11 7.08 5.53
CA GLU B 307 -20.32 6.76 6.29
C GLU B 307 -20.14 5.44 7.03
N THR B 308 -19.64 4.44 6.31
CA THR B 308 -19.43 3.12 6.86
C THR B 308 -18.46 3.19 8.05
N ILE B 309 -17.36 3.91 7.89
CA ILE B 309 -16.37 4.00 8.97
C ILE B 309 -16.93 4.75 10.17
N LYS B 310 -17.64 5.86 9.90
CA LYS B 310 -18.34 6.61 10.95
C LYS B 310 -19.25 5.69 11.76
N ILE B 311 -20.13 4.98 11.08
CA ILE B 311 -21.11 4.11 11.74
C ILE B 311 -20.43 2.99 12.52
N VAL B 312 -19.45 2.34 11.91
CA VAL B 312 -18.81 1.18 12.53
C VAL B 312 -18.17 1.58 13.86
N ILE B 313 -17.52 2.74 13.89
CA ILE B 313 -16.87 3.20 15.11
C ILE B 313 -17.89 3.67 16.14
N GLU B 314 -18.68 4.67 15.78
CA GLU B 314 -19.53 5.37 16.74
C GLU B 314 -20.86 4.68 17.06
N ASP B 315 -21.17 3.58 16.36
CA ASP B 315 -22.39 2.82 16.63
C ASP B 315 -22.10 1.33 16.87
N TYR B 316 -21.44 0.70 15.91
CA TYR B 316 -21.22 -0.75 15.94
C TYR B 316 -20.20 -1.13 17.03
N VAL B 317 -19.01 -0.54 16.96
CA VAL B 317 -17.99 -0.78 17.98
C VAL B 317 -18.42 -0.16 19.30
N GLN B 318 -19.05 1.00 19.22
CA GLN B 318 -19.54 1.71 20.39
C GLN B 318 -20.43 0.81 21.24
N HIS B 319 -21.25 0.00 20.58
CA HIS B 319 -22.11 -0.96 21.26
C HIS B 319 -21.33 -2.18 21.73
N LEU B 320 -20.50 -2.72 20.85
CA LEU B 320 -19.75 -3.93 21.13
C LEU B 320 -18.80 -3.75 22.30
N SER B 321 -18.22 -2.57 22.41
CA SER B 321 -17.25 -2.28 23.47
C SER B 321 -17.95 -2.22 24.83
N GLY B 322 -19.17 -1.70 24.85
CA GLY B 322 -19.89 -1.50 26.08
C GLY B 322 -19.36 -0.28 26.83
N TYR B 323 -18.54 0.51 26.14
CA TYR B 323 -17.94 1.68 26.75
C TYR B 323 -18.97 2.79 26.93
N HIS B 324 -18.80 3.56 28.00
CA HIS B 324 -19.61 4.76 28.21
C HIS B 324 -18.86 5.96 27.64
N PHE B 325 -17.57 5.78 27.39
CA PHE B 325 -16.81 6.77 26.64
C PHE B 325 -17.35 6.80 25.22
N LYS B 326 -17.68 8.00 24.74
CA LYS B 326 -18.21 8.17 23.40
C LYS B 326 -17.09 8.09 22.38
N LEU B 327 -16.99 6.96 21.68
CA LEU B 327 -15.99 6.79 20.64
C LEU B 327 -16.23 7.82 19.55
N LYS B 328 -15.15 8.23 18.88
CA LYS B 328 -15.23 9.26 17.86
C LYS B 328 -14.49 8.85 16.59
N PHE B 329 -15.16 9.02 15.45
CA PHE B 329 -14.49 8.92 14.17
C PHE B 329 -13.98 10.30 13.78
N ASP B 330 -12.67 10.49 13.89
CA ASP B 330 -12.05 11.77 13.63
C ASP B 330 -10.62 11.54 13.13
N PRO B 331 -10.44 11.46 11.80
CA PRO B 331 -9.11 11.28 11.20
C PRO B 331 -8.09 12.31 11.69
N GLU B 332 -8.58 13.48 12.06
CA GLU B 332 -7.71 14.59 12.46
C GLU B 332 -6.92 14.25 13.72
N LEU B 333 -7.43 13.30 14.50
CA LEU B 333 -6.76 12.87 15.74
C LEU B 333 -5.40 12.24 15.50
N LEU B 334 -5.16 11.76 14.28
CA LEU B 334 -3.92 11.03 13.97
C LEU B 334 -2.92 11.86 13.17
N PHE B 335 -3.31 13.06 12.75
CA PHE B 335 -2.48 13.86 11.87
C PHE B 335 -1.17 14.29 12.53
N ASN B 336 -1.10 14.23 13.84
CA ASN B 336 0.13 14.50 14.54
C ASN B 336 0.83 13.27 15.04
N LYS B 337 0.25 12.13 14.85
CA LYS B 337 0.81 10.87 15.32
C LYS B 337 1.51 10.10 14.21
N GLN B 338 2.33 9.14 14.60
CA GLN B 338 2.87 8.16 13.66
C GLN B 338 1.79 7.14 13.36
N PHE B 339 1.51 6.95 12.08
CA PHE B 339 0.45 6.04 11.67
C PHE B 339 0.56 5.74 10.18
N GLN B 340 0.42 4.47 9.83
CA GLN B 340 0.48 4.04 8.44
C GLN B 340 -0.92 3.95 7.85
N TYR B 341 -1.15 4.71 6.78
CA TYR B 341 -2.44 4.67 6.11
C TYR B 341 -2.45 3.58 5.05
N GLN B 342 -2.46 2.34 5.53
CA GLN B 342 -2.51 1.16 4.69
C GLN B 342 -2.93 -0.01 5.56
N ASN B 343 -3.44 -1.07 4.96
CA ASN B 343 -3.86 -2.23 5.72
C ASN B 343 -3.77 -3.53 4.91
N ARG B 344 -3.55 -4.62 5.64
CA ARG B 344 -3.54 -5.95 5.07
C ARG B 344 -4.33 -6.86 6.01
N ILE B 345 -5.33 -7.54 5.49
CA ILE B 345 -6.23 -8.35 6.32
C ILE B 345 -5.52 -9.59 6.86
N ALA B 346 -5.52 -9.73 8.18
CA ALA B 346 -4.88 -10.86 8.83
C ALA B 346 -5.81 -12.07 8.87
N ALA B 347 -5.26 -13.25 8.64
CA ALA B 347 -6.04 -14.48 8.67
C ALA B 347 -6.66 -14.71 10.04
N GLU B 348 -5.94 -14.33 11.09
CA GLU B 348 -6.42 -14.54 12.44
C GLU B 348 -7.62 -13.65 12.73
N PHE B 349 -7.67 -12.48 12.08
CA PHE B 349 -8.80 -11.59 12.21
C PHE B 349 -10.04 -12.23 11.58
N ASN B 350 -9.81 -12.99 10.52
CA ASN B 350 -10.87 -13.76 9.88
C ASN B 350 -11.39 -14.86 10.79
N THR B 351 -10.46 -15.67 11.28
CA THR B 351 -10.78 -16.79 12.17
C THR B 351 -11.56 -16.35 13.40
N LEU B 352 -11.17 -15.22 14.00
CA LEU B 352 -11.80 -14.79 15.24
C LEU B 352 -13.19 -14.19 15.00
N TYR B 353 -13.46 -13.74 13.81
CA TYR B 353 -14.74 -13.16 13.53
C TYR B 353 -15.80 -14.18 13.15
N HIS B 354 -15.53 -15.45 13.28
CA HIS B 354 -16.52 -16.50 13.06
C HIS B 354 -17.50 -16.53 14.24
N TRP B 355 -18.37 -15.52 14.28
CA TRP B 355 -19.31 -15.35 15.40
C TRP B 355 -20.66 -16.01 15.12
N HIS B 356 -20.63 -17.25 14.68
CA HIS B 356 -21.85 -17.98 14.37
C HIS B 356 -22.72 -18.29 15.60
N PRO B 357 -22.15 -18.29 16.81
CA PRO B 357 -23.09 -18.42 17.94
C PRO B 357 -24.05 -17.24 18.08
N LEU B 358 -23.80 -16.14 17.37
CA LEU B 358 -24.73 -15.01 17.34
C LEU B 358 -26.10 -15.44 16.83
N LEU B 359 -26.12 -16.51 16.04
CA LEU B 359 -27.30 -16.86 15.28
C LEU B 359 -28.41 -17.47 16.16
N PRO B 360 -29.68 -17.15 15.88
CA PRO B 360 -30.79 -17.72 16.65
C PRO B 360 -31.15 -19.14 16.19
N ASP B 361 -32.11 -19.76 16.87
CA ASP B 361 -32.61 -21.07 16.45
C ASP B 361 -33.62 -20.90 15.31
N THR B 362 -34.34 -19.79 15.34
CA THR B 362 -35.23 -19.41 14.26
C THR B 362 -35.19 -17.90 14.08
N PHE B 363 -35.52 -17.44 12.88
CA PHE B 363 -35.53 -16.01 12.58
C PHE B 363 -36.96 -15.49 12.62
N GLN B 364 -37.19 -14.48 13.45
CA GLN B 364 -38.52 -13.91 13.63
C GLN B 364 -38.70 -12.66 12.79
N ILE B 365 -39.50 -12.77 11.73
CA ILE B 365 -39.86 -11.61 10.92
C ILE B 365 -41.34 -11.31 11.13
N HIS B 366 -41.63 -10.13 11.64
CA HIS B 366 -42.99 -9.70 11.94
C HIS B 366 -43.65 -10.63 12.96
N ASP B 367 -44.43 -11.60 12.49
CA ASP B 367 -45.19 -12.49 13.35
C ASP B 367 -44.99 -13.95 12.93
N GLN B 368 -43.94 -14.21 12.17
CA GLN B 368 -43.68 -15.54 11.64
C GLN B 368 -42.33 -16.08 12.10
N LYS B 369 -42.13 -17.38 11.90
CA LYS B 369 -40.96 -18.09 12.43
C LYS B 369 -40.31 -18.90 11.31
N TYR B 370 -39.10 -18.50 10.91
CA TYR B 370 -38.37 -19.18 9.85
C TYR B 370 -37.16 -19.93 10.39
N ASN B 371 -37.03 -21.21 10.04
CA ASN B 371 -35.84 -21.98 10.36
C ASN B 371 -34.85 -21.88 9.21
N TYR B 372 -33.68 -22.49 9.38
CA TYR B 372 -32.60 -22.37 8.40
C TYR B 372 -32.95 -23.01 7.06
N GLN B 373 -33.83 -24.01 7.07
CA GLN B 373 -34.22 -24.66 5.84
C GLN B 373 -34.96 -23.69 4.92
N GLN B 374 -35.80 -22.84 5.51
CA GLN B 374 -36.67 -21.95 4.73
C GLN B 374 -36.12 -20.53 4.65
N PHE B 375 -35.08 -20.23 5.43
CA PHE B 375 -34.52 -18.88 5.47
C PHE B 375 -33.40 -18.69 4.45
N ILE B 376 -32.51 -19.68 4.37
CA ILE B 376 -31.35 -19.59 3.51
C ILE B 376 -31.74 -19.56 2.03
N TYR B 377 -31.14 -18.63 1.28
CA TYR B 377 -31.37 -18.48 -0.15
C TYR B 377 -32.84 -18.20 -0.47
N ASN B 378 -33.54 -17.55 0.46
CA ASN B 378 -34.95 -17.23 0.26
C ASN B 378 -35.20 -15.72 0.22
N ASN B 379 -35.04 -15.14 -0.97
CA ASN B 379 -35.24 -13.71 -1.15
C ASN B 379 -36.71 -13.31 -1.20
N SER B 380 -37.61 -14.28 -1.31
CA SER B 380 -39.03 -13.97 -1.34
C SER B 380 -39.48 -13.51 0.05
N ILE B 381 -38.89 -14.09 1.09
CA ILE B 381 -39.16 -13.67 2.46
C ILE B 381 -38.90 -12.18 2.61
N LEU B 382 -37.88 -11.69 1.91
CA LEU B 382 -37.52 -10.29 1.98
C LEU B 382 -38.60 -9.42 1.34
N LEU B 383 -39.10 -9.86 0.18
CA LEU B 383 -40.12 -9.09 -0.53
C LEU B 383 -41.49 -9.19 0.13
N GLU B 384 -41.75 -10.31 0.80
CA GLU B 384 -42.99 -10.49 1.55
C GLU B 384 -43.18 -9.37 2.56
N HIS B 385 -42.25 -9.31 3.50
CA HIS B 385 -42.35 -8.40 4.64
C HIS B 385 -41.82 -7.02 4.33
N GLY B 386 -40.78 -6.95 3.50
CA GLY B 386 -40.16 -5.69 3.13
C GLY B 386 -39.09 -5.27 4.13
N ILE B 387 -38.31 -4.27 3.76
CA ILE B 387 -37.20 -3.81 4.59
C ILE B 387 -37.68 -3.29 5.95
N THR B 388 -38.69 -2.43 5.94
CA THR B 388 -39.19 -1.83 7.17
C THR B 388 -39.59 -2.91 8.19
N GLN B 389 -40.21 -3.98 7.70
CA GLN B 389 -40.62 -5.07 8.58
C GLN B 389 -39.39 -5.81 9.09
N PHE B 390 -38.45 -6.08 8.20
CA PHE B 390 -37.19 -6.74 8.56
C PHE B 390 -36.46 -5.95 9.64
N VAL B 391 -36.37 -4.63 9.45
CA VAL B 391 -35.70 -3.76 10.41
C VAL B 391 -36.36 -3.83 11.78
N GLU B 392 -37.66 -3.57 11.81
CA GLU B 392 -38.43 -3.56 13.07
C GLU B 392 -38.30 -4.88 13.81
N SER B 393 -38.33 -5.98 13.07
CA SER B 393 -38.26 -7.31 13.66
C SER B 393 -36.85 -7.63 14.14
N PHE B 394 -35.85 -7.35 13.31
CA PHE B 394 -34.46 -7.66 13.66
C PHE B 394 -33.96 -6.77 14.79
N THR B 395 -34.53 -5.57 14.92
CA THR B 395 -34.17 -4.69 16.02
C THR B 395 -34.66 -5.27 17.35
N ARG B 396 -35.66 -6.13 17.28
CA ARG B 396 -36.30 -6.67 18.48
C ARG B 396 -35.73 -8.03 18.90
N GLN B 397 -35.38 -8.88 17.93
CA GLN B 397 -34.91 -10.22 18.23
C GLN B 397 -33.49 -10.20 18.79
N ILE B 398 -33.29 -10.94 19.89
CA ILE B 398 -32.00 -10.99 20.56
C ILE B 398 -31.04 -11.96 19.85
N ALA B 399 -29.74 -11.64 19.92
CA ALA B 399 -28.71 -12.50 19.34
C ALA B 399 -28.09 -13.38 20.43
N GLY B 400 -27.45 -14.46 20.01
CA GLY B 400 -26.81 -15.38 20.95
C GLY B 400 -25.49 -14.86 21.45
N ARG B 401 -25.10 -15.31 22.63
CA ARG B 401 -23.80 -14.94 23.20
C ARG B 401 -22.69 -15.71 22.50
N VAL B 402 -21.59 -15.03 22.19
CA VAL B 402 -20.51 -15.64 21.42
C VAL B 402 -19.53 -16.39 22.32
N ALA B 403 -19.15 -15.76 23.43
CA ALA B 403 -18.22 -16.38 24.38
C ALA B 403 -19.01 -17.16 25.42
N GLY B 404 -18.35 -18.17 26.01
CA GLY B 404 -18.96 -18.98 27.04
C GLY B 404 -19.14 -20.43 26.61
N GLY B 405 -18.99 -20.68 25.32
CA GLY B 405 -19.07 -22.04 24.80
C GLY B 405 -20.48 -22.54 24.63
N ARG B 406 -20.63 -23.59 23.82
CA ARG B 406 -21.91 -24.26 23.60
C ARG B 406 -23.06 -23.31 23.28
N ASN B 407 -22.93 -22.59 22.17
CA ASN B 407 -23.99 -21.72 21.70
C ASN B 407 -23.98 -21.58 20.18
N VAL B 408 -23.36 -22.54 19.51
CA VAL B 408 -23.34 -22.58 18.05
C VAL B 408 -24.52 -23.39 17.52
N PRO B 409 -25.39 -22.77 16.69
CA PRO B 409 -26.53 -23.51 16.15
C PRO B 409 -26.12 -24.76 15.36
N PRO B 410 -26.88 -25.87 15.51
CA PRO B 410 -26.56 -27.12 14.81
C PRO B 410 -26.48 -26.98 13.29
N ALA B 411 -27.19 -26.01 12.73
CA ALA B 411 -27.21 -25.80 11.29
C ALA B 411 -25.82 -25.43 10.76
N VAL B 412 -25.16 -24.50 11.45
CA VAL B 412 -23.83 -24.05 11.06
C VAL B 412 -22.76 -24.82 11.82
N GLN B 413 -23.03 -26.08 12.12
CA GLN B 413 -22.08 -26.91 12.85
C GLN B 413 -20.84 -27.20 12.03
N LYS B 414 -21.05 -27.61 10.78
CA LYS B 414 -19.95 -27.97 9.89
C LYS B 414 -19.04 -26.78 9.61
N VAL B 415 -19.60 -25.57 9.69
CA VAL B 415 -18.81 -24.36 9.51
C VAL B 415 -17.81 -24.21 10.65
N SER B 416 -18.31 -24.38 11.87
CA SER B 416 -17.47 -24.24 13.06
C SER B 416 -16.32 -25.22 13.02
N GLN B 417 -16.58 -26.42 12.48
CA GLN B 417 -15.54 -27.42 12.33
C GLN B 417 -14.55 -27.01 11.26
N ALA B 418 -15.06 -26.50 10.14
CA ALA B 418 -14.21 -26.07 9.03
C ALA B 418 -13.27 -24.96 9.48
N SER B 419 -13.77 -24.06 10.31
CA SER B 419 -12.98 -22.97 10.85
C SER B 419 -11.78 -23.52 11.62
N ILE B 420 -11.97 -24.67 12.26
CA ILE B 420 -10.90 -25.31 13.03
C ILE B 420 -9.94 -26.05 12.10
N ASP B 421 -10.48 -26.79 11.13
CA ASP B 421 -9.66 -27.57 10.22
C ASP B 421 -8.76 -26.68 9.37
N GLN B 422 -9.30 -25.57 8.91
CA GLN B 422 -8.54 -24.64 8.07
C GLN B 422 -7.44 -23.94 8.89
N SER B 423 -7.73 -23.67 10.16
CA SER B 423 -6.74 -23.10 11.06
C SER B 423 -5.53 -24.00 11.12
N ARG B 424 -5.77 -25.31 11.08
CA ARG B 424 -4.70 -26.29 11.09
C ARG B 424 -4.02 -26.38 9.73
N GLN B 425 -4.80 -26.21 8.66
CA GLN B 425 -4.23 -26.14 7.32
C GLN B 425 -3.20 -25.01 7.24
N MET B 426 -3.52 -23.89 7.86
CA MET B 426 -2.67 -22.71 7.81
C MET B 426 -1.66 -22.68 8.96
N LYS B 427 -1.67 -23.73 9.78
CA LYS B 427 -0.66 -23.93 10.82
C LYS B 427 -0.62 -22.81 11.85
N TYR B 428 -1.79 -22.44 12.37
CA TYR B 428 -1.86 -21.46 13.46
C TYR B 428 -1.08 -21.95 14.66
N GLN B 429 -0.45 -21.01 15.37
CA GLN B 429 0.16 -21.31 16.65
C GLN B 429 -0.94 -21.43 17.70
N SER B 430 -0.57 -21.79 18.92
CA SER B 430 -1.54 -22.06 19.98
C SER B 430 -2.20 -20.79 20.48
N PHE B 431 -3.31 -20.98 21.17
CA PHE B 431 -4.07 -19.88 21.79
C PHE B 431 -3.19 -19.02 22.70
N ASN B 432 -2.35 -19.67 23.50
CA ASN B 432 -1.50 -18.95 24.44
C ASN B 432 -0.42 -18.12 23.76
N GLU B 433 0.06 -18.58 22.61
CA GLU B 433 1.03 -17.80 21.85
C GLU B 433 0.38 -16.51 21.37
N TYR B 434 -0.87 -16.60 20.95
CA TYR B 434 -1.60 -15.42 20.51
C TYR B 434 -1.94 -14.51 21.68
N ARG B 435 -2.05 -15.09 22.87
CA ARG B 435 -2.22 -14.28 24.08
C ARG B 435 -1.01 -13.37 24.25
N LYS B 436 0.19 -13.96 24.18
CA LYS B 436 1.42 -13.21 24.37
C LYS B 436 1.62 -12.18 23.27
N ARG B 437 1.30 -12.56 22.04
CA ARG B 437 1.47 -11.70 20.88
C ARG B 437 0.74 -10.37 21.05
N PHE B 438 -0.32 -10.37 21.85
CA PHE B 438 -1.11 -9.17 22.07
C PHE B 438 -1.08 -8.76 23.54
N MET B 439 0.06 -9.04 24.17
CA MET B 439 0.38 -8.54 25.50
C MET B 439 -0.64 -8.97 26.54
N LEU B 440 -0.90 -10.27 26.57
CA LEU B 440 -1.79 -10.86 27.56
C LEU B 440 -1.08 -12.03 28.23
N LYS B 441 -1.19 -12.11 29.55
CA LYS B 441 -0.58 -13.21 30.28
C LYS B 441 -1.19 -14.52 29.82
N PRO B 442 -0.35 -15.50 29.43
CA PRO B 442 -0.91 -16.80 29.01
C PRO B 442 -1.68 -17.49 30.14
N TYR B 443 -2.71 -18.24 29.78
CA TYR B 443 -3.50 -18.98 30.75
C TYR B 443 -2.70 -20.18 31.27
N GLU B 444 -2.80 -20.41 32.57
CA GLU B 444 -2.04 -21.46 33.24
C GLU B 444 -2.84 -22.75 33.42
N SER B 445 -4.14 -22.64 33.45
CA SER B 445 -5.00 -23.81 33.60
C SER B 445 -6.26 -23.69 32.74
N PHE B 446 -6.86 -24.84 32.45
CA PHE B 446 -8.10 -24.90 31.67
C PHE B 446 -9.23 -24.21 32.39
N GLU B 447 -9.21 -24.26 33.72
CA GLU B 447 -10.24 -23.65 34.53
C GLU B 447 -10.08 -22.13 34.57
N GLU B 448 -8.84 -21.68 34.47
CA GLU B 448 -8.56 -20.25 34.41
C GLU B 448 -9.11 -19.68 33.11
N LEU B 449 -9.08 -20.48 32.06
CA LEU B 449 -9.60 -20.08 30.75
C LEU B 449 -11.11 -19.91 30.79
N THR B 450 -11.81 -20.99 31.12
CA THR B 450 -13.27 -20.99 31.09
C THR B 450 -13.89 -20.37 32.34
N GLY B 451 -13.19 -20.47 33.47
CA GLY B 451 -13.74 -20.02 34.73
C GLY B 451 -14.91 -20.91 35.12
N GLU B 452 -14.73 -22.21 34.91
CA GLU B 452 -15.81 -23.17 35.03
C GLU B 452 -15.26 -24.59 35.01
N LYS B 453 -15.99 -25.54 35.59
CA LYS B 453 -15.47 -26.88 35.83
C LYS B 453 -15.76 -27.91 34.73
N GLU B 454 -16.91 -27.80 34.08
CA GLU B 454 -17.34 -28.83 33.13
C GLU B 454 -16.53 -28.80 31.83
N MET B 455 -16.62 -27.70 31.09
CA MET B 455 -15.91 -27.56 29.82
C MET B 455 -14.40 -27.65 29.96
N SER B 456 -13.86 -27.08 31.05
CA SER B 456 -12.43 -27.11 31.29
C SER B 456 -11.93 -28.56 31.34
N ALA B 457 -12.73 -29.42 31.96
CA ALA B 457 -12.40 -30.85 32.04
C ALA B 457 -12.37 -31.48 30.65
N GLU B 458 -13.34 -31.13 29.82
CA GLU B 458 -13.40 -31.63 28.45
C GLU B 458 -12.20 -31.15 27.64
N LEU B 459 -11.83 -29.89 27.83
CA LEU B 459 -10.66 -29.32 27.18
C LEU B 459 -9.40 -30.06 27.57
N GLU B 460 -9.21 -30.25 28.88
CA GLU B 460 -8.04 -30.95 29.40
C GLU B 460 -8.01 -32.39 28.90
N ALA B 461 -9.19 -32.98 28.75
CA ALA B 461 -9.30 -34.33 28.20
C ALA B 461 -8.83 -34.34 26.75
N LEU B 462 -9.35 -33.39 25.97
CA LEU B 462 -9.03 -33.30 24.55
C LEU B 462 -7.57 -32.89 24.31
N TYR B 463 -7.12 -31.83 24.97
CA TYR B 463 -5.81 -31.25 24.69
C TYR B 463 -4.72 -31.72 25.64
N GLY B 464 -5.05 -31.86 26.93
CA GLY B 464 -4.08 -32.24 27.94
C GLY B 464 -3.37 -31.02 28.50
N ASP B 465 -2.61 -30.34 27.65
CA ASP B 465 -1.86 -29.16 28.05
C ASP B 465 -2.63 -27.89 27.68
N ILE B 466 -2.57 -26.89 28.55
CA ILE B 466 -3.21 -25.60 28.28
C ILE B 466 -2.55 -24.95 27.07
N ASP B 467 -1.28 -25.26 26.85
CA ASP B 467 -0.51 -24.66 25.77
C ASP B 467 -0.72 -25.41 24.45
N ALA B 468 -1.58 -26.42 24.48
CA ALA B 468 -1.91 -27.18 23.28
C ALA B 468 -3.28 -26.75 22.73
N VAL B 469 -3.95 -25.87 23.46
CA VAL B 469 -5.28 -25.40 23.07
C VAL B 469 -5.18 -24.50 21.84
N GLU B 470 -6.13 -24.64 20.93
CA GLU B 470 -6.12 -23.91 19.67
C GLU B 470 -6.85 -22.57 19.79
N LEU B 471 -6.57 -21.69 18.83
CA LEU B 471 -7.06 -20.31 18.87
C LEU B 471 -8.59 -20.21 18.83
N TYR B 472 -9.22 -20.84 17.85
CA TYR B 472 -10.66 -20.66 17.63
C TYR B 472 -11.49 -21.30 18.74
N PRO B 473 -11.20 -22.56 19.11
CA PRO B 473 -11.94 -23.15 20.23
C PRO B 473 -11.87 -22.32 21.50
N ALA B 474 -10.65 -21.96 21.90
CA ALA B 474 -10.43 -21.24 23.16
C ALA B 474 -11.16 -19.89 23.16
N LEU B 475 -11.21 -19.24 22.01
CA LEU B 475 -11.87 -17.95 21.89
C LEU B 475 -13.36 -18.05 22.24
N LEU B 476 -13.96 -19.20 21.93
CA LEU B 476 -15.39 -19.39 22.14
C LEU B 476 -15.69 -19.86 23.55
N VAL B 477 -14.79 -20.65 24.14
CA VAL B 477 -15.01 -21.22 25.47
C VAL B 477 -14.46 -20.32 26.57
N GLU B 478 -13.68 -19.30 26.20
CA GLU B 478 -13.09 -18.37 27.17
C GLU B 478 -14.16 -17.76 28.05
N LYS B 479 -13.82 -17.49 29.31
CA LYS B 479 -14.76 -16.86 30.23
C LYS B 479 -15.21 -15.50 29.70
N PRO B 480 -16.52 -15.33 29.48
CA PRO B 480 -17.02 -14.00 29.12
C PRO B 480 -16.82 -12.99 30.24
N ARG B 481 -16.53 -11.74 29.89
CA ARG B 481 -16.45 -10.67 30.86
C ARG B 481 -17.84 -10.47 31.48
N PRO B 482 -17.90 -9.79 32.64
CA PRO B 482 -19.17 -9.64 33.39
C PRO B 482 -20.31 -9.11 32.52
N ASP B 483 -21.26 -9.99 32.20
CA ASP B 483 -22.42 -9.63 31.38
C ASP B 483 -21.97 -9.01 30.05
N ALA B 484 -20.96 -9.62 29.43
CA ALA B 484 -20.46 -9.16 28.14
C ALA B 484 -20.52 -10.29 27.12
N ILE B 485 -20.51 -9.92 25.84
CA ILE B 485 -20.66 -10.90 24.76
C ILE B 485 -19.37 -11.67 24.52
N PHE B 486 -18.23 -11.02 24.82
CA PHE B 486 -16.92 -11.60 24.56
C PHE B 486 -16.07 -11.71 25.82
N GLY B 487 -15.01 -12.51 25.74
CA GLY B 487 -14.02 -12.59 26.78
C GLY B 487 -12.90 -11.60 26.54
N GLU B 488 -11.86 -11.68 27.36
CA GLU B 488 -10.72 -10.78 27.28
C GLU B 488 -10.00 -10.88 25.93
N THR B 489 -9.71 -12.10 25.52
CA THR B 489 -8.84 -12.35 24.38
C THR B 489 -9.45 -11.89 23.05
N MET B 490 -10.76 -12.07 22.91
CA MET B 490 -11.44 -11.67 21.67
C MET B 490 -11.26 -10.18 21.43
N VAL B 491 -11.50 -9.39 22.48
CA VAL B 491 -11.42 -7.94 22.37
C VAL B 491 -10.00 -7.46 22.10
N GLU B 492 -9.03 -8.06 22.78
CA GLU B 492 -7.66 -7.57 22.74
C GLU B 492 -6.93 -7.96 21.46
N VAL B 493 -7.33 -9.07 20.85
CA VAL B 493 -6.76 -9.48 19.56
C VAL B 493 -7.51 -8.81 18.42
N GLY B 494 -8.83 -8.66 18.58
CA GLY B 494 -9.67 -8.14 17.53
C GLY B 494 -9.55 -6.64 17.31
N ALA B 495 -9.51 -5.89 18.40
CA ALA B 495 -9.56 -4.43 18.32
C ALA B 495 -8.44 -3.82 17.46
N PRO B 496 -7.20 -4.30 17.62
CA PRO B 496 -6.10 -3.77 16.79
C PRO B 496 -6.35 -3.96 15.29
N PHE B 497 -6.71 -5.16 14.89
CA PHE B 497 -7.03 -5.44 13.48
C PHE B 497 -8.12 -4.52 12.96
N SER B 498 -9.20 -4.42 13.73
CA SER B 498 -10.35 -3.63 13.33
C SER B 498 -10.00 -2.16 13.14
N LEU B 499 -9.34 -1.57 14.13
CA LEU B 499 -9.03 -0.16 14.08
C LEU B 499 -8.03 0.15 12.98
N LYS B 500 -7.16 -0.81 12.69
CA LYS B 500 -6.21 -0.65 11.60
C LYS B 500 -6.95 -0.61 10.27
N GLY B 501 -7.92 -1.50 10.12
CA GLY B 501 -8.72 -1.55 8.91
C GLY B 501 -9.58 -0.30 8.74
N LEU B 502 -9.96 0.32 9.86
CA LEU B 502 -10.83 1.48 9.82
C LEU B 502 -10.06 2.78 9.58
N MET B 503 -9.05 3.04 10.39
CA MET B 503 -8.32 4.30 10.30
C MET B 503 -7.21 4.24 9.24
N GLY B 504 -6.80 3.03 8.88
CA GLY B 504 -5.80 2.84 7.85
C GLY B 504 -6.32 3.13 6.45
N ASN B 505 -7.62 3.41 6.34
CA ASN B 505 -8.23 3.72 5.07
C ASN B 505 -7.74 5.05 4.50
N VAL B 506 -7.50 5.07 3.20
CA VAL B 506 -6.92 6.24 2.53
C VAL B 506 -7.71 7.53 2.77
N ILE B 507 -9.02 7.43 2.93
CA ILE B 507 -9.83 8.64 3.12
C ILE B 507 -9.52 9.32 4.45
N CYS B 508 -8.87 8.59 5.35
CA CYS B 508 -8.51 9.14 6.65
C CYS B 508 -7.17 9.87 6.59
N SER B 509 -6.46 9.72 5.47
CA SER B 509 -5.19 10.39 5.30
C SER B 509 -5.40 11.89 5.07
N PRO B 510 -4.46 12.73 5.51
CA PRO B 510 -4.61 14.18 5.43
C PRO B 510 -4.91 14.73 4.04
N ALA B 511 -4.36 14.12 2.98
CA ALA B 511 -4.61 14.58 1.62
C ALA B 511 -6.06 14.37 1.20
N TYR B 512 -6.69 13.33 1.75
CA TYR B 512 -8.07 13.00 1.39
C TYR B 512 -9.11 13.62 2.33
N TRP B 513 -8.78 13.73 3.62
CA TRP B 513 -9.77 14.14 4.60
C TRP B 513 -10.01 15.65 4.56
N LYS B 514 -10.82 16.07 3.60
CA LYS B 514 -11.19 17.47 3.44
C LYS B 514 -12.46 17.54 2.61
N PRO B 515 -13.20 18.65 2.71
CA PRO B 515 -14.52 18.72 2.08
C PRO B 515 -14.51 18.56 0.56
N SER B 516 -13.44 19.02 -0.08
CA SER B 516 -13.33 18.95 -1.54
C SER B 516 -13.34 17.51 -2.05
N THR B 517 -12.85 16.59 -1.21
CA THR B 517 -12.81 15.18 -1.56
C THR B 517 -14.21 14.60 -1.71
N PHE B 518 -15.16 15.18 -0.97
CA PHE B 518 -16.52 14.64 -0.91
C PHE B 518 -17.54 15.61 -1.50
N GLY B 519 -17.07 16.49 -2.39
CA GLY B 519 -17.94 17.37 -3.13
C GLY B 519 -18.30 18.65 -2.42
N GLY B 520 -17.74 18.86 -1.23
CA GLY B 520 -17.99 20.07 -0.46
C GLY B 520 -18.44 19.80 0.96
N GLU B 521 -18.87 20.85 1.64
CA GLU B 521 -19.26 20.75 3.05
C GLU B 521 -20.49 19.85 3.23
N VAL B 522 -21.42 19.92 2.28
CA VAL B 522 -22.63 19.11 2.34
C VAL B 522 -22.28 17.62 2.37
N GLY B 523 -21.52 17.18 1.38
CA GLY B 523 -21.11 15.79 1.31
C GLY B 523 -20.30 15.40 2.53
N PHE B 524 -19.42 16.30 2.96
CA PHE B 524 -18.56 16.05 4.11
C PHE B 524 -19.42 15.84 5.36
N GLN B 525 -20.47 16.64 5.48
CA GLN B 525 -21.36 16.58 6.63
C GLN B 525 -22.15 15.27 6.66
N ILE B 526 -22.41 14.69 5.50
CA ILE B 526 -23.13 13.42 5.44
C ILE B 526 -22.32 12.36 6.19
N ILE B 527 -21.01 12.37 6.01
CA ILE B 527 -20.13 11.45 6.71
C ILE B 527 -20.14 11.75 8.21
N ASN B 528 -19.85 13.01 8.54
CA ASN B 528 -19.59 13.38 9.92
C ASN B 528 -20.85 13.45 10.80
N THR B 529 -22.02 13.30 10.18
CA THR B 529 -23.28 13.24 10.93
C THR B 529 -24.01 11.91 10.69
N ALA B 530 -23.29 10.94 10.12
CA ALA B 530 -23.89 9.64 9.83
C ALA B 530 -24.00 8.78 11.08
N SER B 531 -24.97 7.87 11.06
CA SER B 531 -25.20 6.93 12.15
C SER B 531 -26.08 5.80 11.63
N ILE B 532 -26.13 4.70 12.37
CA ILE B 532 -26.96 3.57 11.97
C ILE B 532 -28.43 3.98 11.92
N GLN B 533 -28.86 4.83 12.84
CA GLN B 533 -30.25 5.27 12.90
C GLN B 533 -30.57 6.15 11.69
N SER B 534 -29.65 7.06 11.38
CA SER B 534 -29.82 7.94 10.23
C SER B 534 -29.82 7.15 8.92
N LEU B 535 -29.02 6.08 8.88
CA LEU B 535 -28.96 5.23 7.69
C LEU B 535 -30.33 4.64 7.39
N ILE B 536 -30.97 4.09 8.42
CA ILE B 536 -32.28 3.48 8.26
C ILE B 536 -33.34 4.54 8.01
N CYS B 537 -33.24 5.64 8.75
CA CYS B 537 -34.25 6.70 8.67
C CYS B 537 -34.31 7.31 7.27
N ASN B 538 -33.16 7.43 6.61
CA ASN B 538 -33.12 8.05 5.29
C ASN B 538 -33.47 7.12 4.14
N ASN B 539 -33.46 5.82 4.38
CA ASN B 539 -33.63 4.85 3.30
C ASN B 539 -34.69 3.78 3.54
N VAL B 540 -35.29 3.80 4.74
CA VAL B 540 -36.35 2.85 5.07
C VAL B 540 -37.66 3.59 5.30
N LYS B 541 -38.71 3.12 4.63
CA LYS B 541 -40.02 3.76 4.71
C LYS B 541 -40.55 3.72 6.14
N GLY B 542 -41.13 4.83 6.59
CA GLY B 542 -41.67 4.94 7.93
C GLY B 542 -40.63 5.44 8.92
N CYS B 543 -39.37 5.41 8.53
CA CYS B 543 -38.26 5.82 9.39
C CYS B 543 -38.33 5.13 10.75
N PRO B 544 -38.35 3.79 10.74
CA PRO B 544 -38.45 3.03 11.99
C PRO B 544 -37.26 3.25 12.91
N PHE B 545 -37.50 3.21 14.21
CA PHE B 545 -36.41 3.24 15.18
C PHE B 545 -35.59 1.97 15.02
N THR B 546 -34.28 2.10 15.17
CA THR B 546 -33.41 0.93 15.15
C THR B 546 -32.18 1.13 16.02
N SER B 547 -31.55 0.03 16.38
CA SER B 547 -30.37 0.04 17.21
C SER B 547 -29.68 -1.31 17.09
N PHE B 548 -28.48 -1.42 17.64
CA PHE B 548 -27.76 -2.70 17.65
C PHE B 548 -28.08 -3.49 18.90
N SER B 549 -28.91 -2.93 19.77
CA SER B 549 -29.34 -3.61 21.00
C SER B 549 -30.87 -3.69 21.08
N VAL B 550 -31.37 -4.77 21.65
CA VAL B 550 -32.81 -4.92 21.84
C VAL B 550 -33.31 -3.86 22.82
N PRO B 551 -34.47 -3.24 22.55
CA PRO B 551 -34.94 -2.17 23.43
C PRO B 551 -35.33 -2.67 24.83
C1 NAG C . -7.77 -0.30 -13.93
C2 NAG C . -8.70 -1.53 -13.92
C3 NAG C . -8.74 -2.17 -15.31
C4 NAG C . -9.11 -1.13 -16.36
C5 NAG C . -8.15 0.05 -16.27
C6 NAG C . -8.50 1.17 -17.23
C7 NAG C . -9.09 -3.05 -12.03
C8 NAG C . -8.48 -4.03 -11.08
N2 NAG C . -8.27 -2.49 -12.92
O3 NAG C . -9.70 -3.22 -15.31
O4 NAG C . -9.05 -1.69 -17.66
O5 NAG C . -8.18 0.62 -14.96
O6 NAG C . -9.79 1.69 -16.95
O7 NAG C . -10.29 -2.78 -11.99
H1 NAG C . -6.86 -0.59 -14.10
H2 NAG C . -9.60 -1.22 -13.70
H3 NAG C . -7.86 -2.52 -15.52
H4 NAG C . -10.02 -0.81 -16.18
H5 NAG C . -7.24 -0.26 -16.48
H61 NAG C . -8.48 0.83 -18.14
H62 NAG C . -7.84 1.88 -17.14
H81 NAG C . -9.15 -4.35 -10.45
H82 NAG C . -7.75 -3.60 -10.60
H83 NAG C . -8.13 -4.79 -11.58
HN2 NAG C . -7.39 -2.73 -12.90
HO3 NAG C . -10.28 -3.08 -15.95
HO4 NAG C . -8.31 -2.17 -17.74
HO6 NAG C . -9.91 2.44 -17.42
C1 NAG C . -10.32 -1.64 -18.34
C2 NAG C . -10.03 -1.70 -19.85
C3 NAG C . -11.34 -1.79 -20.64
C4 NAG C . -12.20 -2.94 -20.12
C5 NAG C . -12.43 -2.75 -18.63
C6 NAG C . -13.24 -3.86 -18.00
C7 NAG C . -8.00 -0.55 -20.64
C8 NAG C . -7.31 -1.87 -20.59
N2 NAG C . -9.28 -0.53 -20.27
O3 NAG C . -11.02 -2.01 -22.02
O4 NAG C . -13.43 -2.94 -20.83
O5 NAG C . -11.16 -2.74 -17.97
O6 NAG C . -12.44 -4.99 -17.72
O7 NAG C . -7.41 0.48 -20.97
H1 NAG C . -10.77 -0.81 -18.13
H2 NAG C . -9.51 -2.50 -20.04
H3 NAG C . -11.83 -0.96 -20.55
H4 NAG C . -11.74 -3.78 -20.28
H5 NAG C . -12.87 -1.89 -18.48
H61 NAG C . -13.95 -4.12 -18.62
H62 NAG C . -13.63 -3.53 -17.17
H81 NAG C . -6.39 -1.77 -20.92
H82 NAG C . -7.79 -2.50 -21.17
H83 NAG C . -7.29 -2.21 -19.68
HN2 NAG C . -9.72 0.27 -20.28
HO3 NAG C . -11.70 -1.73 -22.52
HO4 NAG C . -13.62 -2.12 -21.11
HO6 NAG C . -11.59 -4.74 -17.65
C1 MAN C . -13.85 -4.23 -21.36
C2 MAN C . -12.79 -4.82 -22.37
C3 MAN C . -13.44 -5.84 -23.29
C4 MAN C . -14.73 -6.37 -22.67
C5 MAN C . -15.74 -5.23 -22.64
C6 MAN C . -17.04 -5.58 -21.94
O2 MAN C . -11.78 -5.57 -21.70
O3 MAN C . -12.55 -6.90 -23.59
O4 MAN C . -15.23 -7.44 -23.44
O5 MAN C . -15.15 -4.07 -21.98
O6 MAN C . -18.08 -4.79 -22.50
H1 MAN C . -14.03 -4.94 -20.53
H2 MAN C . -12.35 -4.00 -22.95
H3 MAN C . -13.68 -5.35 -24.24
H4 MAN C . -14.52 -6.69 -21.64
H5 MAN C . -15.99 -4.96 -23.68
H61 MAN C . -16.92 -5.38 -20.86
H62 MAN C . -17.21 -6.65 -22.07
HO2 MAN C . -12.06 -6.48 -21.61
HO3 MAN C . -13.07 -7.72 -23.48
HO4 MAN C . -15.56 -8.08 -22.81
HO6 MAN C . -18.91 -5.04 -22.07
C1 NAG D . 0.72 -15.08 -5.25
C2 NAG D . 1.07 -15.05 -6.75
C3 NAG D . 0.29 -16.14 -7.49
C4 NAG D . 0.53 -17.50 -6.84
C5 NAG D . 0.19 -17.43 -5.36
C6 NAG D . 0.50 -18.70 -4.61
C7 NAG D . 1.63 -13.09 -8.12
C8 NAG D . 1.16 -11.76 -8.63
N2 NAG D . 0.79 -13.75 -7.31
O3 NAG D . 0.72 -16.17 -8.85
O4 NAG D . -0.29 -18.48 -7.46
O5 NAG D . 0.96 -16.40 -4.73
O6 NAG D . 1.81 -19.17 -4.90
O7 NAG D . 2.74 -13.54 -8.41
H1 NAG D . -0.22 -14.86 -5.14
H2 NAG D . 2.02 -15.23 -6.84
H3 NAG D . -0.66 -15.93 -7.45
H4 NAG D . 1.47 -17.75 -6.95
H5 NAG D . -0.76 -17.22 -5.26
H61 NAG D . -0.15 -19.39 -4.88
H62 NAG D . 0.41 -18.55 -3.65
H81 NAG D . 1.87 -11.35 -9.17
H82 NAG D . 0.94 -11.18 -7.87
H83 NAG D . 0.36 -11.88 -9.17
HN2 NAG D . -0.03 -13.36 -7.14
HO3 NAG D . 0.85 -17.01 -9.10
HO4 NAG D . -1.10 -18.14 -7.60
HO6 NAG D . 2.40 -18.71 -4.40
C1 NAG D . 0.49 -19.56 -8.03
C2 NAG D . -0.46 -20.73 -8.20
C3 NAG D . 0.26 -21.91 -8.85
C4 NAG D . 0.91 -21.46 -10.15
C5 NAG D . 1.81 -20.25 -9.89
C6 NAG D . 2.41 -19.67 -11.15
C7 NAG D . -2.30 -20.95 -6.56
C8 NAG D . -3.20 -20.32 -7.57
N2 NAG D . -1.02 -21.13 -6.91
O3 NAG D . -0.69 -22.93 -9.12
O4 NAG D . 1.67 -22.53 -10.69
O5 NAG D . 1.05 -19.20 -9.29
O6 NAG D . 1.47 -18.85 -11.84
O7 NAG D . -2.70 -21.29 -5.46
H1 NAG D . 1.21 -19.80 -7.41
H2 NAG D . -1.19 -20.45 -8.78
H3 NAG D . 0.93 -22.24 -8.25
H4 NAG D . 0.22 -21.21 -10.79
H5 NAG D . 2.53 -20.51 -9.28
H61 NAG D . 2.69 -20.39 -11.73
H62 NAG D . 3.18 -19.13 -10.92
H81 NAG D . -4.11 -20.28 -7.21
H82 NAG D . -3.18 -20.85 -8.39
H83 NAG D . -2.88 -19.41 -7.77
HN2 NAG D . -0.45 -21.50 -6.30
HO3 NAG D . -0.29 -23.72 -9.12
HO4 NAG D . 2.14 -22.92 -10.04
HO6 NAG D . 0.91 -18.48 -11.24
C1 MAN D . 1.47 -22.82 -12.10
C2 MAN D . -0.04 -23.15 -12.40
C3 MAN D . -0.16 -24.04 -13.62
C4 MAN D . 1.01 -23.79 -14.57
C5 MAN D . 2.29 -24.33 -13.90
C6 MAN D . 3.57 -23.88 -14.61
O2 MAN D . -0.78 -21.98 -12.74
O3 MAN D . -1.39 -23.84 -14.29
O4 MAN D . 0.80 -24.45 -15.80
O5 MAN D . 2.34 -23.90 -12.50
O6 MAN D . 4.63 -24.76 -14.24
H1 MAN D . 1.79 -21.97 -12.71
H2 MAN D . -0.47 -23.65 -11.52
H3 MAN D . -0.14 -25.09 -13.30
H4 MAN D . 1.13 -22.70 -14.70
H5 MAN D . 2.26 -25.43 -13.94
H61 MAN D . 3.77 -22.84 -14.31
H62 MAN D . 3.38 -23.90 -15.68
HO2 MAN D . -0.76 -21.87 -13.70
HO3 MAN D . -1.20 -23.97 -15.23
HO4 MAN D . 1.21 -23.88 -16.47
HO6 MAN D . 5.41 -24.49 -14.73
O16 ID8 E . 16.72 9.82 -8.95
C14 ID8 E . 17.06 10.72 -8.25
O15 ID8 E . 17.66 10.36 -7.28
C13 ID8 E . 16.80 12.13 -8.70
C12 ID8 E . 16.31 12.29 -9.97
C11 ID8 E . 16.06 13.50 -10.48
C10 ID8 E . 16.26 14.60 -9.72
C9 ID8 E . 16.73 14.47 -8.47
C8 ID8 E . 17.03 13.26 -7.94
N7 ID8 E . 17.59 13.19 -6.75
C6 ID8 E . 18.28 14.06 -6.03
C1 ID8 E . 18.22 13.99 -4.66
C17 ID8 E . 17.51 12.90 -3.98
C5 ID8 E . 18.93 15.11 -6.61
C4 ID8 E . 19.51 16.09 -5.85
C3 ID8 E . 19.44 16.00 -4.51
C2 ID8 E . 18.80 14.97 -3.92
C18 ID8 E . 18.76 14.95 -2.44
H12 ID8 E . 16.15 11.42 -10.57
H11 ID8 E . 15.69 13.60 -11.50
H10 ID8 E . 16.07 15.58 -10.13
H9 ID8 E . 16.89 15.36 -7.90
H7 ID8 E . 17.46 12.42 -6.36
H5 ID8 E . 18.98 15.18 -7.68
H171 ID8 E . 16.72 12.58 -4.59
H172 ID8 E . 17.13 13.23 -3.06
H173 ID8 E . 18.17 12.09 -3.82
H4 ID8 E . 20.00 16.91 -6.32
H3 ID8 E . 19.88 16.77 -3.90
H181 ID8 E . 19.65 15.35 -2.06
H182 ID8 E . 17.94 15.51 -2.10
H183 ID8 E . 18.65 13.95 -2.10
CO COH F . 15.45 5.49 -22.96
CHA COH F . 12.00 5.13 -23.01
CHB COH F . 15.59 4.48 -26.22
CHC COH F . 18.85 5.20 -22.70
CHD COH F . 15.28 6.88 -19.85
NA COH F . 14.05 4.92 -24.36
C1A COH F . 12.69 4.83 -24.17
C2A COH F . 12.09 4.37 -25.40
C3A COH F . 13.07 4.19 -26.29
C4A COH F . 14.33 4.53 -25.65
CMA COH F . 12.89 3.70 -27.74
CAA COH F . 10.58 4.15 -25.61
CBA COH F . 10.03 5.20 -26.57
CGA COH F . 8.54 5.33 -26.47
O1A COH F . 7.98 5.22 -25.36
O2A COH F . 7.91 5.58 -27.54
NB COH F . 16.99 4.99 -24.26
C1B COH F . 16.78 4.47 -25.53
C2B COH F . 18.04 3.93 -25.98
C3B COH F . 18.96 4.11 -25.02
C4B COH F . 18.31 4.79 -23.90
CMB COH F . 18.28 3.24 -27.35
CAB COH F . 20.44 3.65 -25.16
CBB COH F . 21.33 3.68 -24.16
NC COH F . 16.81 5.93 -21.53
C1C COH F . 18.16 5.78 -21.64
C2C COH F . 18.79 6.32 -20.45
C3C COH F . 17.80 6.79 -19.65
C4C COH F . 16.54 6.55 -20.33
CMC COH F . 20.32 6.30 -20.26
CAC COH F . 17.85 7.47 -18.26
CBC COH F . 18.94 7.66 -17.52
ND COH F . 13.86 5.98 -21.64
C1D COH F . 14.07 6.46 -20.35
C2D COH F . 12.81 6.43 -19.64
C3D COH F . 11.77 5.88 -20.65
C4D COH F . 12.53 5.63 -21.84
CMD COH F . 12.55 6.87 -18.18
CAD COH F . 10.26 5.63 -20.43
CBD COH F . 10.07 4.26 -19.77
CGD COH F . 8.67 3.67 -19.86
O1D COH F . 7.62 4.37 -19.84
O2D COH F . 8.61 2.41 -19.93
HHA COH F . 11.04 4.97 -23.02
HHB COH F . 15.64 4.55 -27.19
HHC COH F . 19.81 5.06 -22.58
HHD COH F . 15.26 7.47 -19.07
HMA1 COH F . 13.76 3.65 -28.18
HMA2 COH F . 12.31 4.33 -28.23
HMA3 COH F . 12.47 2.82 -27.74
HAA1 COH F . 10.12 4.23 -24.75
HAA2 COH F . 10.42 3.26 -25.97
HBA1 COH F . 10.28 4.96 -27.48
HBA2 COH F . 10.45 6.05 -26.36
HMB1 COH F . 19.21 2.96 -27.42
HMB2 COH F . 18.08 3.87 -28.06
HMB3 COH F . 17.70 2.47 -27.42
HAB COH F . 20.73 3.32 -26.01
HBB1 COH F . 21.07 4.00 -23.29
HBB2 COH F . 22.24 3.38 -24.32
HMC1 COH F . 20.55 6.71 -19.41
HMC2 COH F . 20.75 6.80 -20.98
HMC3 COH F . 20.64 5.38 -20.28
HAC COH F . 17.01 7.78 -17.90
HBC1 COH F . 19.81 7.36 -17.84
HBC2 COH F . 18.88 8.10 -16.66
HMD1 COH F . 11.62 6.74 -17.97
HMD2 COH F . 12.80 7.81 -18.08
HMD3 COH F . 13.11 6.32 -17.58
HAD1 COH F . 9.81 5.64 -21.30
HAD2 COH F . 9.89 6.32 -19.86
HBD1 COH F . 10.30 4.34 -18.84
HBD2 COH F . 10.69 3.64 -20.18
C1 NAG G . 27.69 -6.57 -33.35
C2 NAG G . 27.78 -6.02 -34.78
C3 NAG G . 28.80 -6.82 -35.57
C4 NAG G . 30.15 -6.84 -34.85
C5 NAG G . 29.97 -7.35 -33.42
C6 NAG G . 31.23 -7.26 -32.60
C7 NAG G . 26.04 -5.03 -36.19
C8 NAG G . 24.68 -5.22 -36.79
N2 NAG G . 26.48 -6.03 -35.42
O3 NAG G . 28.95 -6.25 -36.86
O4 NAG G . 31.06 -7.68 -35.54
O5 NAG G . 28.99 -6.55 -32.74
O6 NAG G . 31.06 -7.84 -31.31
O7 NAG G . 26.71 -4.03 -36.41
H1 NAG G . 27.35 -7.48 -33.37
H2 NAG G . 28.09 -5.09 -34.72
H3 NAG G . 28.48 -7.74 -35.67
H4 NAG G . 30.50 -5.93 -34.83
H5 NAG G . 29.66 -8.27 -33.45
H61 NAG G . 31.49 -6.33 -32.51
H62 NAG G . 31.95 -7.74 -33.07
H81 NAG G . 24.44 -4.42 -37.30
H82 NAG G . 24.03 -5.35 -36.08
H83 NAG G . 24.69 -5.99 -37.39
HN2 NAG G . 25.94 -6.75 -35.30
HO3 NAG G . 29.56 -6.70 -37.32
HO4 NAG G . 31.89 -7.44 -35.34
HO6 NAG G . 31.51 -7.35 -30.72
C1 BOG H . 21.57 34.70 0.72
O1 BOG H . 22.24 33.72 1.44
C2 BOG H . 22.44 35.15 -0.43
O2 BOG H . 23.59 35.89 0.12
C3 BOG H . 21.72 36.02 -1.40
O3 BOG H . 22.56 36.23 -2.57
C4 BOG H . 20.43 35.43 -1.84
O4 BOG H . 19.74 36.38 -2.65
C5 BOG H . 19.56 35.03 -0.67
O5 BOG H . 20.26 34.14 0.27
C6 BOG H . 18.35 34.33 -1.18
O6 BOG H . 18.19 33.09 -0.51
C1' BOG H . 21.94 33.71 2.86
C2' BOG H . 21.80 32.23 3.37
C3' BOG H . 21.25 32.25 4.77
C4' BOG H . 21.28 30.82 5.38
C5' BOG H . 20.78 30.86 6.87
C6' BOG H . 19.26 30.59 6.95
C7' BOG H . 19.01 29.29 7.74
C8' BOG H . 17.54 29.27 8.26
H1 BOG H . 21.39 35.47 1.32
H2 BOG H . 22.78 34.32 -0.92
HO2 BOG H . 23.29 36.59 0.61
H3 BOG H . 21.54 36.88 -0.97
HO3 BOG H . 22.77 37.12 -2.65
H4 BOG H . 20.63 34.61 -2.41
HO4 BOG H . 19.82 36.17 -3.49
H5 BOG H . 19.27 35.84 -0.20
H61 BOG H . 18.45 34.17 -2.15
H62 BOG H . 17.55 34.89 -1.02
HO6 BOG H . 17.35 32.93 -0.38
H1'1 BOG H . 22.69 34.15 3.36
H1'2 BOG H . 21.08 34.20 3.03
H2'1 BOG H . 21.17 31.73 2.77
H2'2 BOG H . 22.67 31.80 3.37
H3'1 BOG H . 21.80 32.86 5.34
H3'2 BOG H . 20.32 32.57 4.76
H4'1 BOG H . 20.70 30.23 4.86
H4'2 BOG H . 22.21 30.48 5.36
H5'1 BOG H . 20.97 31.75 7.24
H5'2 BOG H . 21.28 30.17 7.41
H6'1 BOG H . 18.83 31.31 7.39
H6'2 BOG H . 18.90 30.49 6.05
H7'1 BOG H . 19.16 28.53 7.16
H7'2 BOG H . 19.63 29.24 8.49
H8'1 BOG H . 16.92 29.23 7.49
H8'2 BOG H . 17.41 28.48 8.84
H8'3 BOG H . 17.37 30.09 8.79
C1 BOG I . 23.76 32.13 -5.33
O1 BOG I . 24.36 33.03 -4.48
C2 BOG I . 22.40 32.66 -5.72
O2 BOG I . 21.52 32.58 -4.53
C3 BOG I . 21.78 31.88 -6.82
O3 BOG I . 20.52 32.52 -7.22
C4 BOG I . 22.68 31.80 -8.00
O4 BOG I . 22.06 31.01 -9.00
C5 BOG I . 24.01 31.19 -7.62
O5 BOG I . 24.66 31.94 -6.51
C6 BOG I . 24.92 31.20 -8.79
O6 BOG I . 26.16 30.61 -8.44
C1' BOG I . 25.36 32.48 -3.59
C2' BOG I . 24.84 32.57 -2.12
C3' BOG I . 25.93 32.15 -1.17
C4' BOG I . 25.29 31.67 0.16
C5' BOG I . 26.40 31.51 1.25
C6' BOG I . 25.75 31.65 2.63
C7' BOG I . 26.78 31.33 3.72
C8' BOG I . 26.01 30.76 4.96
H1 BOG I . 23.65 31.26 -4.87
H2 BOG I . 22.49 33.64 -6.00
HO2 BOG I . 21.07 33.36 -4.43
H3 BOG I . 21.59 30.98 -6.51
HO3 BOG I . 20.01 31.91 -7.67
H4 BOG I . 22.83 32.74 -8.36
HO4 BOG I . 21.75 31.53 -9.64
H5 BOG I . 23.88 30.27 -7.33
H61 BOG I . 24.50 30.71 -9.52
H62 BOG I . 25.07 32.14 -9.08
HO6 BOG I . 26.67 30.58 -9.14
H1'1 BOG I . 25.53 31.53 -3.83
H1'2 BOG I . 26.22 33.01 -3.68
H2'1 BOG I . 24.57 33.52 -1.92
H2'2 BOG I . 24.07 31.99 -2.02
H3'1 BOG I . 26.54 32.92 -1.00
H3'2 BOG I . 26.44 31.42 -1.57
H4'1 BOG I . 24.62 32.33 0.46
H4'2 BOG I . 24.85 30.79 0.01
H5'1 BOG I . 27.06 32.22 1.13
H5'2 BOG I . 26.83 30.61 1.16
H6'1 BOG I . 25.02 31.05 2.70
H6'2 BOG I . 25.42 32.56 2.76
H7'1 BOG I . 27.25 32.12 3.97
H7'2 BOG I . 27.41 30.66 3.39
H8'1 BOG I . 26.65 30.62 5.70
H8'2 BOG I . 25.32 31.40 5.24
H8'3 BOG I . 25.59 29.90 4.72
C1 BOG J . 33.28 -7.47 1.71
O1 BOG J . 33.37 -7.06 0.40
C2 BOG J . 33.85 -8.86 1.86
O2 BOG J . 33.19 -9.75 0.88
C3 BOG J . 33.59 -9.33 3.25
O3 BOG J . 34.18 -10.65 3.42
C4 BOG J . 34.14 -8.39 4.25
O4 BOG J . 33.74 -8.81 5.55
C5 BOG J . 33.68 -6.95 4.01
O5 BOG J . 33.97 -6.52 2.64
C6 BOG J . 34.37 -6.04 4.96
O6 BOG J . 33.46 -5.60 5.95
C1' BOG J . 32.50 -5.99 -0.02
C2' BOG J . 30.98 -6.39 0.14
C3' BOG J . 30.20 -5.15 0.48
C4' BOG J . 28.75 -5.34 -0.04
C5' BOG J . 28.76 -5.11 -1.58
C6' BOG J . 27.64 -5.95 -2.23
C7' BOG J . 27.80 -5.89 -3.76
C8' BOG J . 28.99 -6.82 -4.14
H1 BOG J . 32.32 -7.50 1.97
H2 BOG J . 34.85 -8.84 1.68
HO2 BOG J . 33.78 -9.97 0.23
H3 BOG J . 32.62 -9.40 3.37
HO3 BOG J . 35.07 -10.62 3.17
H4 BOG J . 35.15 -8.42 4.20
HO4 BOG J . 34.38 -9.24 5.93
H5 BOG J . 32.72 -6.90 4.17
H61 BOG J . 35.13 -6.52 5.39
H62 BOG J . 34.73 -5.26 4.47
HO6 BOG J . 33.83 -4.98 6.42
H1'1 BOG J . 32.67 -5.18 0.54
H1'2 BOG J . 32.68 -5.76 -0.99
H2'1 BOG J . 30.65 -6.77 -0.73
H2'2 BOG J . 30.89 -7.04 0.85
H3'1 BOG J . 30.62 -4.36 0.03
H3'2 BOG J . 30.19 -5.02 1.45
H4'1 BOG J . 28.44 -6.25 0.16
H4'2 BOG J . 28.15 -4.68 0.40
H5'1 BOG J . 28.61 -4.17 -1.77
H5'2 BOG J . 29.66 -5.39 -1.96
H6'1 BOG J . 27.71 -6.86 -1.93
H6'2 BOG J . 26.77 -5.59 -1.98
H7'1 BOG J . 27.99 -4.99 -4.02
H7'2 BOG J . 26.98 -6.20 -4.19
H8'1 BOG J . 29.79 -6.56 -3.63
H8'2 BOG J . 29.17 -6.74 -5.11
H8'3 BOG J . 28.75 -7.76 -3.93
N NH4 K . 6.89 -14.99 -18.55
HN1 NH4 K . 7.64 -15.32 -19.08
HN2 NH4 K . 6.07 -15.07 -19.08
HN3 NH4 K . 6.82 -15.51 -17.73
HN4 NH4 K . 7.04 -14.04 -18.33
N NH4 L . 23.78 5.52 -35.46
HN1 NH4 L . 23.92 5.70 -36.42
HN2 NH4 L . 22.82 5.52 -35.26
HN3 NH4 L . 24.16 4.65 -35.23
HN4 NH4 L . 24.22 6.22 -34.93
N NH4 M . 17.33 32.30 -7.18
HN1 NH4 M . 17.93 32.03 -7.92
HN2 NH4 M . 16.72 32.99 -7.50
HN3 NH4 M . 16.81 31.52 -6.90
HN4 NH4 M . 17.86 32.64 -6.43
C1 BOG N . -29.75 15.19 7.00
O1 BOG N . -30.36 14.03 7.44
C2 BOG N . -30.55 15.82 5.89
O2 BOG N . -30.66 14.88 4.77
C3 BOG N . -29.90 17.08 5.44
O3 BOG N . -30.72 17.69 4.40
C4 BOG N . -29.74 18.05 6.55
O4 BOG N . -28.94 19.13 6.10
C5 BOG N . -29.09 17.44 7.79
O5 BOG N . -29.65 16.12 8.16
C6 BOG N . -29.30 18.34 8.95
O6 BOG N . -28.12 18.42 9.73
C1' BOG N . -29.64 13.34 8.49
C2' BOG N . -28.79 12.20 7.87
C3' BOG N . -27.31 12.46 8.05
C4' BOG N . -26.48 11.52 7.13
C5' BOG N . -26.98 10.05 7.32
C6' BOG N . -26.14 9.03 6.53
C7' BOG N . -26.92 7.71 6.39
C8' BOG N . -28.19 7.92 5.51
H1 BOG N . -28.83 14.98 6.68
H2 BOG N . -31.49 16.04 6.24
HO2 BOG N . -31.53 14.73 4.57
H3 BOG N . -29.02 16.87 5.08
HO3 BOG N . -30.23 17.76 3.63
H4 BOG N . -30.66 18.40 6.81
HO4 BOG N . -29.44 19.83 5.97
H5 BOG N . -28.12 17.35 7.64
H61 BOG N . -30.05 17.99 9.51
H62 BOG N . -29.54 19.25 8.62
HO6 BOG N . -28.26 18.93 10.41
H1'1 BOG N . -30.30 12.95 9.14
H1'2 BOG N . -29.05 13.99 8.98
H2'1 BOG N . -29.03 11.33 8.30
H2'2 BOG N . -28.98 12.15 6.91
H3'1 BOG N . -27.07 12.29 9.01
H3'2 BOG N . -27.11 13.39 7.83
H4'1 BOG N . -25.53 11.57 7.36
H4'2 BOG N . -26.61 11.79 6.18
H5'1 BOG N . -27.91 10.00 7.03
H5'2 BOG N . -26.94 9.82 8.32
H6'1 BOG N . -25.32 8.86 6.99
H6'2 BOG N . -25.95 9.39 5.64
H7'1 BOG N . -27.18 7.40 7.27
H7'2 BOG N . -26.34 7.03 5.98
H8'1 BOG N . -27.91 8.15 4.59
H8'2 BOG N . -28.73 8.66 5.89
H8'3 BOG N . -28.72 7.09 5.50
O16 ID8 O . -14.80 -5.54 14.55
C14 ID8 O . -14.41 -5.01 15.57
O15 ID8 O . -14.50 -3.80 15.51
C13 ID8 O . -13.92 -5.86 16.72
C12 ID8 O . -13.95 -7.21 16.49
C11 ID8 O . -13.56 -8.14 17.39
C10 ID8 O . -13.09 -7.71 18.57
C9 ID8 O . -13.05 -6.38 18.85
C8 ID8 O . -13.48 -5.43 17.96
N7 ID8 O . -13.50 -4.14 18.28
C6 ID8 O . -13.42 -3.51 19.47
C1 ID8 O . -12.91 -2.24 19.52
C17 ID8 O . -12.54 -1.50 18.29
C5 ID8 O . -13.76 -4.13 20.64
C4 ID8 O . -13.54 -3.54 21.84
C3 ID8 O . -13.03 -2.29 21.89
C2 ID8 O . -12.70 -1.64 20.74
C18 ID8 O . -12.14 -0.27 20.89
H12 ID8 O . -14.31 -7.55 15.52
H11 ID8 O . -13.60 -9.19 17.16
H10 ID8 O . -12.78 -8.42 19.32
H9 ID8 O . -12.67 -6.13 19.82
H7 ID8 O . -13.54 -3.60 17.56
H5 ID8 O . -14.15 -5.14 20.62
H171 ID8 O . -12.04 -2.17 17.65
H172 ID8 O . -13.43 -1.17 17.81
H173 ID8 O . -11.92 -0.68 18.49
H4 ID8 O . -13.78 -4.07 22.75
H3 ID8 O . -12.85 -1.81 22.84
H181 ID8 O . -11.36 -0.29 21.58
H182 ID8 O . -12.89 0.39 21.23
H183 ID8 O . -11.77 0.08 19.96
CO COH P . -20.77 -17.15 8.58
CHA COH P . -18.08 -18.09 6.61
CHB COH P . -22.56 -19.78 7.44
CHC COH P . -23.66 -15.59 9.59
CHD COH P . -18.91 -14.79 10.13
NA COH P . -20.37 -18.68 7.28
C1A COH P . -19.22 -18.86 6.54
C2A COH P . -19.42 -20.02 5.69
C3A COH P . -20.66 -20.49 5.90
C4A COH P . -21.28 -19.65 6.92
CMA COH P . -21.36 -21.70 5.24
CAA COH P . -18.34 -20.53 4.70
CBA COH P . -18.12 -22.04 4.72
CGA COH P . -16.88 -22.36 5.51
O1A COH P . -16.05 -23.19 5.02
O2A COH P . -16.70 -21.80 6.63
NB COH P . -22.79 -17.62 8.57
C1B COH P . -23.31 -18.74 7.96
C2B COH P . -24.75 -18.61 7.95
C3B COH P . -25.08 -17.45 8.54
C4B COH P . -23.84 -16.80 8.95
CMB COH P . -25.73 -19.65 7.36
CAB COH P . -26.54 -16.97 8.72
CBB COH P . -26.90 -15.79 9.23
NC COH P . -21.21 -15.48 9.63
C1C COH P . -22.46 -15.05 10.00
C2C COH P . -22.32 -13.91 10.89
C3C COH P . -21.00 -13.68 11.06
C4C COH P . -20.28 -14.67 10.26
CMC COH P . -23.57 -13.21 11.48
CAC COH P . -20.24 -12.61 11.89
CBC COH P . -20.81 -11.65 12.63
ND COH P . -18.77 -16.54 8.41
C1D COH P . -18.24 -15.49 9.14
C2D COH P . -16.88 -15.25 8.70
C3D COH P . -16.62 -16.30 7.59
C4D COH P . -17.86 -17.04 7.49
CMD COH P . -15.91 -14.18 9.24
CAD COH P . -15.33 -16.50 6.75
CBD COH P . -15.42 -15.67 5.47
CGD COH P . -14.46 -16.08 4.37
O1D COH P . -13.29 -16.49 4.63
O2D COH P . -14.86 -15.97 3.19
HHA COH P . -17.37 -18.30 5.98
HHB COH P . -23.02 -20.63 7.27
HHC COH P . -24.47 -15.07 9.78
HHD COH P . -18.36 -14.33 10.81
HMA1 COH P . -22.27 -21.80 5.61
HMA2 COH P . -20.85 -22.51 5.42
HMA3 COH P . -21.42 -21.55 4.28
HAA1 COH P . -17.50 -20.09 4.90
HAA2 COH P . -18.61 -20.28 3.80
HBA1 COH P . -18.02 -22.37 3.81
HBA2 COH P . -18.88 -22.47 5.14
HMB1 COH P . -26.64 -19.33 7.47
HMB2 COH P . -25.62 -20.50 7.81
HMB3 COH P . -25.55 -19.76 6.41
HAB COH P . -27.25 -17.57 8.44
HBB1 COH P . -26.22 -15.16 9.52
HBB2 COH P . -27.84 -15.55 9.32
HMC1 COH P . -24.08 -13.85 12.00
HMC2 COH P . -24.12 -12.86 10.76
HMC3 COH P . -23.29 -12.48 12.05
HAC COH P . -19.29 -12.64 11.88
HBC1 COH P . -21.78 -11.58 12.67
HBC2 COH P . -20.26 -11.02 13.11
HMD1 COH P . -15.05 -14.25 8.76
HMD2 COH P . -15.76 -14.34 10.19
HMD3 COH P . -16.29 -13.30 9.10
HAD1 COH P . -15.25 -17.44 6.52
HAD2 COH P . -14.56 -16.22 7.26
HBD1 COH P . -15.27 -14.75 5.70
HBD2 COH P . -16.33 -15.76 5.12
C1 NAG Q . -39.32 -19.24 1.18
C2 NAG Q . -39.74 -20.69 1.46
C3 NAG Q . -41.20 -20.89 1.06
C4 NAG Q . -42.08 -19.87 1.75
C5 NAG Q . -41.57 -18.45 1.48
C6 NAG Q . -42.32 -17.39 2.24
C7 NAG Q . -38.40 -22.74 1.34
C8 NAG Q . -37.52 -23.59 0.47
N2 NAG Q . -38.88 -21.63 0.76
O3 NAG Q . -41.61 -22.21 1.41
O4 NAG Q . -43.42 -19.98 1.28
O5 NAG Q . -40.19 -18.35 1.88
O6 NAG Q . -41.74 -16.11 2.06
O7 NAG Q . -38.66 -23.04 2.49
H1 NAG Q . -39.37 -19.07 0.22
H2 NAG Q . -39.66 -20.84 2.42
H3 NAG Q . -41.28 -20.78 0.09
H4 NAG Q . -42.07 -20.03 2.72
H5 NAG Q . -41.64 -18.27 0.52
H61 NAG Q . -42.31 -17.61 3.20
H62 NAG Q . -43.25 -17.37 1.93
H81 NAG Q . -37.19 -24.35 0.98
H82 NAG Q . -36.76 -23.07 0.15
H83 NAG Q . -38.03 -23.92 -0.29
HN2 NAG Q . -38.64 -21.45 -0.10
HO3 NAG Q . -42.46 -22.32 1.18
HO4 NAG Q . -43.97 -19.59 1.85
HO6 NAG Q . -41.40 -15.82 2.84
N NH4 R . -18.81 -10.58 -13.04
HN1 NH4 R . -18.21 -10.96 -13.71
HN2 NH4 R . -18.93 -9.62 -13.22
HN3 NH4 R . -19.68 -11.03 -13.09
HN4 NH4 R . -18.43 -10.70 -12.15
N NH4 S . -33.01 -25.58 11.08
HN1 NH4 S . -32.04 -25.64 11.17
HN2 NH4 S . -33.23 -24.86 10.45
HN3 NH4 S . -33.36 -26.42 10.73
HN4 NH4 S . -33.41 -25.38 11.95
#